data_3RHQ
#
_entry.id   3RHQ
#
_cell.length_a   258.559
_cell.length_b   194.268
_cell.length_c   97.177
_cell.angle_alpha   90.00
_cell.angle_beta   108.80
_cell.angle_gamma   90.00
#
_symmetry.space_group_name_H-M   'C 1 2 1'
#
loop_
_entity.id
_entity.type
_entity.pdbx_description
1 polymer 'Aldehyde dehydrogenase 1 family, member L1'
2 non-polymer 'NADP NICOTINAMIDE-ADENINE-DINUCLEOTIDE PHOSPHATE'
3 non-polymer 'SULFATE ION'
4 non-polymer GLYCEROL
5 water water
#
_entity_poly.entity_id   1
_entity_poly.type   'polypeptide(L)'
_entity_poly.pdbx_seq_one_letter_code
;MRGSHHHHHTTGEDDESECVINYVEKAVNKLTLQMPYQLFIGGEFVDAEGSKTYNTINPTDGSVICQVSLAQVSDVDKAV
AAAKEAFENGLWGKINARDRGRLLYRLADVMEQHQEELATIEALDAGAVYTLALKTHVGMSIQTFRYFAGWCDKIQGATI
PINQARPNRNLTLTKKEPVGVCGIVIPWNYPLMMLSWKTAACLAAGNTVVIKPAQVTPLTALKFAELTLKAGIPKGVVNI
LPGSGSLVGQRLSDHPDVRKIGFTGSTEVGKHIMKSCALSNVKKVSLELGGKSPLIIFADCDLNKAVQMGMSSVFFNKGE
NAIAAGRLFVEESIHNQFVQKVVEEVEKMKIGNPLERDTNHGPQNHEAHLRKLVEYCQRGVKEGATLVCGGNQVPRPGFF
FQPTVFTDVEDHMYIAKEESFGPIMIISRFADGDVDAVLSRANATEFGLASGVFTRDINKALYVSDKLQAGTVFINTYNK
TDVAAPFGGFKQSGFGKDLGEAALNEYLRIKTVTFEY
;
_entity_poly.pdbx_strand_id   A,B,C,D
#
loop_
_chem_comp.id
_chem_comp.type
_chem_comp.name
_chem_comp.formula
GOL non-polymer GLYCEROL 'C3 H8 O3'
NAP non-polymer 'NADP NICOTINAMIDE-ADENINE-DINUCLEOTIDE PHOSPHATE' 'C21 H28 N7 O17 P3'
SO4 non-polymer 'SULFATE ION' 'O4 S -2'
#
# COMPACT_ATOMS: atom_id res chain seq x y z
N VAL A 20 36.42 28.32 -6.74
CA VAL A 20 36.39 29.06 -5.45
C VAL A 20 35.13 29.96 -5.40
N ILE A 21 34.44 29.91 -4.26
CA ILE A 21 33.20 30.63 -4.05
C ILE A 21 33.47 31.89 -3.24
N ASN A 22 32.78 32.98 -3.58
CA ASN A 22 32.83 34.18 -2.74
C ASN A 22 31.93 34.03 -1.53
N TYR A 23 32.46 34.38 -0.35
CA TYR A 23 31.68 34.34 0.88
C TYR A 23 31.63 35.69 1.55
N VAL A 24 30.56 35.92 2.31
CA VAL A 24 30.59 36.91 3.37
C VAL A 24 31.02 36.14 4.62
N GLU A 25 32.14 36.57 5.21
CA GLU A 25 32.69 35.89 6.37
C GLU A 25 32.32 36.64 7.67
N LYS A 26 32.03 35.90 8.73
CA LYS A 26 31.64 36.51 10.01
C LYS A 26 32.01 35.59 11.16
N ALA A 27 32.74 36.13 12.13
CA ALA A 27 33.07 35.40 13.33
C ALA A 27 31.97 35.67 14.34
N VAL A 28 31.22 34.63 14.68
CA VAL A 28 30.10 34.77 15.59
C VAL A 28 29.72 33.41 16.15
N ASN A 29 29.24 33.37 17.39
CA ASN A 29 28.80 32.12 18.02
C ASN A 29 29.89 31.02 18.02
N LYS A 30 31.14 31.43 18.22
CA LYS A 30 32.27 30.50 18.37
C LYS A 30 32.60 29.74 17.09
N LEU A 31 32.20 30.30 15.95
CA LEU A 31 32.59 29.74 14.68
C LEU A 31 32.86 30.86 13.68
N THR A 32 33.29 30.49 12.48
CA THR A 32 33.42 31.40 11.38
C THR A 32 32.37 31.00 10.34
N LEU A 33 31.38 31.87 10.13
CA LEU A 33 30.42 31.67 9.06
C LEU A 33 31.05 32.01 7.73
N GLN A 34 30.82 31.15 6.74
CA GLN A 34 31.19 31.45 5.37
C GLN A 34 29.92 31.37 4.55
N MET A 35 29.35 32.54 4.26
CA MET A 35 28.02 32.62 3.65
C MET A 35 28.10 33.03 2.18
N PRO A 36 27.71 32.13 1.27
CA PRO A 36 27.55 32.59 -0.12
C PRO A 36 26.39 33.58 -0.19
N TYR A 37 26.45 34.50 -1.16
CA TYR A 37 25.47 35.59 -1.24
C TYR A 37 24.94 35.77 -2.67
N GLN A 38 25.38 34.89 -3.55
CA GLN A 38 25.04 35.00 -4.97
C GLN A 38 23.93 34.04 -5.37
N LEU A 39 23.45 34.19 -6.61
CA LEU A 39 22.53 33.20 -7.19
C LEU A 39 23.27 31.89 -7.36
N PHE A 40 22.54 30.78 -7.24
CA PHE A 40 23.09 29.46 -7.49
C PHE A 40 22.40 28.88 -8.72
N ILE A 41 23.14 28.80 -9.81
CA ILE A 41 22.60 28.32 -11.07
C ILE A 41 23.59 27.34 -11.71
N GLY A 42 23.10 26.15 -12.04
CA GLY A 42 23.89 25.17 -12.76
C GLY A 42 25.17 24.85 -12.03
N GLY A 43 25.08 24.74 -10.70
CA GLY A 43 26.22 24.33 -9.90
C GLY A 43 27.26 25.40 -9.64
N GLU A 44 26.95 26.67 -9.92
CA GLU A 44 27.88 27.73 -9.60
C GLU A 44 27.19 28.95 -9.01
N PHE A 45 27.93 29.69 -8.21
CA PHE A 45 27.44 30.94 -7.65
C PHE A 45 27.76 32.09 -8.60
N VAL A 46 26.72 32.83 -8.99
CA VAL A 46 26.85 33.86 -10.02
C VAL A 46 26.07 35.10 -9.61
N ASP A 47 26.53 36.26 -10.10
CA ASP A 47 25.79 37.49 -9.91
C ASP A 47 24.50 37.45 -10.69
N ALA A 48 23.52 38.25 -10.25
CA ALA A 48 22.30 38.42 -11.00
C ALA A 48 22.56 39.27 -12.23
N GLU A 49 21.58 39.34 -13.13
CA GLU A 49 21.67 40.22 -14.28
C GLU A 49 21.86 41.66 -13.80
N GLY A 50 22.84 42.34 -14.40
CA GLY A 50 23.16 43.72 -14.03
C GLY A 50 23.85 43.83 -12.68
N SER A 51 24.26 42.70 -12.11
CA SER A 51 24.85 42.64 -10.77
C SER A 51 23.98 43.30 -9.70
N LYS A 52 22.66 43.26 -9.88
CA LYS A 52 21.75 43.83 -8.91
C LYS A 52 21.82 43.07 -7.57
N THR A 53 21.68 43.82 -6.48
CA THR A 53 21.71 43.25 -5.14
C THR A 53 20.66 43.90 -4.26
N TYR A 54 20.42 43.30 -3.10
CA TYR A 54 19.58 43.91 -2.08
C TYR A 54 20.19 43.57 -0.71
N ASN A 55 19.67 44.19 0.34
CA ASN A 55 20.18 43.93 1.69
C ASN A 55 19.32 42.95 2.46
N THR A 56 19.97 42.02 3.15
CA THR A 56 19.28 41.18 4.12
C THR A 56 19.56 41.71 5.54
N ILE A 57 18.52 41.78 6.35
CA ILE A 57 18.54 42.51 7.61
C ILE A 57 18.49 41.57 8.82
N ASN A 58 19.38 41.80 9.77
CA ASN A 58 19.44 41.06 11.03
C ASN A 58 18.35 41.58 11.98
N PRO A 59 17.36 40.73 12.32
CA PRO A 59 16.27 41.21 13.19
C PRO A 59 16.64 41.45 14.66
N THR A 60 17.83 41.03 15.09
CA THR A 60 18.25 41.26 16.47
C THR A 60 18.68 42.73 16.72
N ASP A 61 19.25 43.37 15.71
CA ASP A 61 19.72 44.74 15.87
C ASP A 61 19.38 45.66 14.70
N GLY A 62 18.73 45.12 13.67
CA GLY A 62 18.30 45.94 12.53
C GLY A 62 19.38 46.21 11.51
N SER A 63 20.59 45.69 11.74
CA SER A 63 21.72 45.92 10.84
C SER A 63 21.63 45.10 9.55
N VAL A 64 22.40 45.53 8.55
CA VAL A 64 22.54 44.81 7.30
C VAL A 64 23.53 43.68 7.54
N ILE A 65 23.12 42.44 7.30
CA ILE A 65 24.06 41.33 7.36
C ILE A 65 25.01 41.39 6.16
N CYS A 66 24.44 41.53 4.97
CA CYS A 66 25.23 41.62 3.76
C CYS A 66 24.33 41.91 2.58
N GLN A 67 24.95 42.07 1.42
CA GLN A 67 24.24 42.23 0.17
C GLN A 67 24.09 40.85 -0.45
N VAL A 68 22.92 40.61 -1.06
CA VAL A 68 22.58 39.35 -1.71
C VAL A 68 22.15 39.63 -3.16
N SER A 69 22.55 38.79 -4.11
CA SER A 69 22.14 38.96 -5.51
C SER A 69 20.62 38.96 -5.63
N LEU A 70 20.12 39.81 -6.51
CA LEU A 70 18.69 39.97 -6.73
C LEU A 70 18.34 39.41 -8.10
N ALA A 71 17.78 38.19 -8.14
CA ALA A 71 17.51 37.50 -9.40
C ALA A 71 16.51 38.26 -10.27
N GLN A 72 16.81 38.30 -11.56
CA GLN A 72 15.96 38.92 -12.59
C GLN A 72 15.34 37.82 -13.44
N VAL A 73 14.41 38.19 -14.31
CA VAL A 73 13.71 37.24 -15.16
C VAL A 73 14.68 36.36 -15.96
N SER A 74 15.70 36.97 -16.56
CA SER A 74 16.66 36.19 -17.32
C SER A 74 17.42 35.19 -16.45
N ASP A 75 17.55 35.48 -15.17
CA ASP A 75 18.18 34.55 -14.22
C ASP A 75 17.25 33.36 -13.93
N VAL A 76 15.96 33.63 -13.81
CA VAL A 76 14.98 32.56 -13.70
C VAL A 76 15.07 31.64 -14.89
N ASP A 77 15.13 32.21 -16.10
CA ASP A 77 15.19 31.42 -17.32
C ASP A 77 16.47 30.57 -17.37
N LYS A 78 17.59 31.13 -16.93
CA LYS A 78 18.85 30.38 -16.85
C LYS A 78 18.77 29.20 -15.86
N ALA A 79 18.15 29.44 -14.71
CA ALA A 79 17.97 28.42 -13.68
C ALA A 79 17.07 27.28 -14.19
N VAL A 80 15.91 27.63 -14.76
CA VAL A 80 15.00 26.63 -15.33
C VAL A 80 15.69 25.82 -16.44
N ALA A 81 16.47 26.48 -17.29
CA ALA A 81 17.16 25.77 -18.38
C ALA A 81 18.20 24.81 -17.81
N ALA A 82 18.88 25.21 -16.73
CA ALA A 82 19.87 24.33 -16.10
C ALA A 82 19.20 23.11 -15.48
N ALA A 83 18.07 23.34 -14.79
CA ALA A 83 17.27 22.26 -14.21
C ALA A 83 16.73 21.33 -15.29
N LYS A 84 16.28 21.91 -16.41
CA LYS A 84 15.79 21.11 -17.54
C LYS A 84 16.87 20.20 -18.11
N GLU A 85 18.05 20.78 -18.35
CA GLU A 85 19.18 20.04 -18.87
C GLU A 85 19.64 18.95 -17.90
N ALA A 86 19.71 19.27 -16.61
CA ALA A 86 20.09 18.29 -15.58
C ALA A 86 19.09 17.12 -15.52
N PHE A 87 17.80 17.43 -15.66
CA PHE A 87 16.79 16.39 -15.67
C PHE A 87 16.86 15.53 -16.94
N GLU A 88 16.97 16.16 -18.11
CA GLU A 88 16.84 15.43 -19.38
C GLU A 88 18.11 14.69 -19.80
N ASN A 89 19.27 15.30 -19.56
CA ASN A 89 20.53 14.78 -20.07
C ASN A 89 21.60 14.52 -19.03
N GLY A 90 21.45 15.11 -17.86
CA GLY A 90 22.45 14.98 -16.80
C GLY A 90 22.37 13.65 -16.09
N LEU A 91 23.36 13.42 -15.23
CA LEU A 91 23.52 12.20 -14.45
C LEU A 91 22.31 11.91 -13.54
N TRP A 92 21.66 12.95 -13.02
CA TRP A 92 20.53 12.77 -12.08
C TRP A 92 19.40 11.97 -12.71
N GLY A 93 19.19 12.13 -14.01
CA GLY A 93 18.12 11.43 -14.68
C GLY A 93 18.53 10.02 -15.09
N LYS A 94 19.78 9.66 -14.84
CA LYS A 94 20.32 8.38 -15.31
C LYS A 94 20.66 7.38 -14.20
N ILE A 95 21.01 7.89 -13.02
CA ILE A 95 21.46 7.01 -11.93
C ILE A 95 20.32 6.17 -11.36
N ASN A 96 20.67 5.07 -10.71
CA ASN A 96 19.72 4.24 -9.99
C ASN A 96 19.01 5.05 -8.91
N ALA A 97 17.75 4.72 -8.65
CA ALA A 97 17.02 5.34 -7.54
C ALA A 97 17.78 5.13 -6.21
N ARG A 98 18.40 3.96 -6.04
CA ARG A 98 19.21 3.65 -4.85
C ARG A 98 20.36 4.66 -4.70
N ASP A 99 20.97 5.03 -5.83
CA ASP A 99 22.12 5.92 -5.86
C ASP A 99 21.71 7.38 -5.68
N ARG A 100 20.51 7.71 -6.15
CA ARG A 100 19.90 9.00 -5.85
C ARG A 100 19.70 9.11 -4.34
N GLY A 101 19.19 8.03 -3.73
CA GLY A 101 19.08 7.90 -2.28
C GLY A 101 20.39 8.16 -1.56
N ARG A 102 21.45 7.47 -1.98
CA ARG A 102 22.79 7.68 -1.41
C ARG A 102 23.22 9.15 -1.43
N LEU A 103 22.94 9.85 -2.53
CA LEU A 103 23.36 11.26 -2.64
C LEU A 103 22.58 12.14 -1.66
N LEU A 104 21.29 11.88 -1.51
CA LEU A 104 20.49 12.62 -0.54
C LEU A 104 20.87 12.32 0.91
N TYR A 105 21.21 11.06 1.21
CA TYR A 105 21.73 10.72 2.54
C TYR A 105 23.09 11.36 2.84
C TYR A 105 23.01 11.51 2.78
N ARG A 106 23.92 11.45 1.80
CA ARG A 106 25.19 12.19 1.90
C ARG A 106 24.92 13.69 2.13
C ARG A 106 24.91 13.68 2.13
N LEU A 107 23.93 14.23 1.43
CA LEU A 107 23.55 15.65 1.62
C LEU A 107 23.13 15.91 3.07
N ALA A 108 22.33 15.01 3.63
CA ALA A 108 21.93 15.12 5.03
C ALA A 108 23.15 15.06 5.97
N ASP A 109 24.09 14.16 5.67
CA ASP A 109 25.36 14.06 6.43
C ASP A 109 26.15 15.36 6.40
N VAL A 110 26.31 15.94 5.22
CA VAL A 110 26.98 17.23 5.05
C VAL A 110 26.26 18.35 5.83
N MET A 111 24.93 18.38 5.76
CA MET A 111 24.16 19.34 6.56
C MET A 111 24.43 19.18 8.06
N GLU A 112 24.48 17.93 8.52
CA GLU A 112 24.80 17.65 9.91
C GLU A 112 26.21 18.12 10.29
N GLN A 113 27.18 17.86 9.41
CA GLN A 113 28.55 18.35 9.58
C GLN A 113 28.60 19.88 9.72
N HIS A 114 27.60 20.57 9.15
CA HIS A 114 27.55 22.03 9.17
C HIS A 114 26.40 22.53 10.03
N GLN A 115 25.97 21.71 10.98
CA GLN A 115 24.72 22.02 11.70
C GLN A 115 24.78 23.32 12.50
N GLU A 116 25.90 23.55 13.20
CA GLU A 116 26.05 24.74 14.03
C GLU A 116 26.07 26.00 13.18
N GLU A 117 26.78 25.91 12.04
CA GLU A 117 26.89 27.01 11.11
C GLU A 117 25.52 27.35 10.50
N LEU A 118 24.79 26.33 10.06
CA LEU A 118 23.45 26.55 9.51
C LEU A 118 22.53 27.17 10.53
N ALA A 119 22.56 26.65 11.75
CA ALA A 119 21.72 27.17 12.82
C ALA A 119 22.06 28.63 13.16
N THR A 120 23.35 28.95 13.10
CA THR A 120 23.82 30.30 13.40
C THR A 120 23.39 31.27 12.30
N ILE A 121 23.49 30.82 11.04
CA ILE A 121 23.03 31.64 9.93
C ILE A 121 21.54 31.89 10.07
N GLU A 122 20.78 30.86 10.45
CA GLU A 122 19.36 30.99 10.67
C GLU A 122 19.03 31.94 11.82
N ALA A 123 19.84 31.91 12.88
CA ALA A 123 19.67 32.87 13.97
C ALA A 123 19.84 34.31 13.47
N LEU A 124 20.89 34.56 12.69
CA LEU A 124 21.16 35.88 12.13
C LEU A 124 20.05 36.35 11.18
N ASP A 125 19.66 35.47 10.28
CA ASP A 125 18.80 35.82 9.15
C ASP A 125 17.33 35.88 9.51
N ALA A 126 16.89 34.98 10.38
CA ALA A 126 15.46 34.82 10.68
C ALA A 126 15.09 35.14 12.14
N GLY A 127 16.11 35.34 12.98
CA GLY A 127 15.88 35.58 14.41
C GLY A 127 15.57 34.32 15.19
N ALA A 128 15.86 33.16 14.59
CA ALA A 128 15.65 31.87 15.23
C ALA A 128 16.54 31.72 16.46
N VAL A 129 15.95 31.41 17.62
CA VAL A 129 16.73 31.12 18.80
C VAL A 129 17.67 29.92 18.49
N TYR A 130 18.97 30.11 18.73
CA TYR A 130 19.99 29.17 18.25
C TYR A 130 19.73 27.73 18.70
N THR A 131 19.42 27.53 19.98
CA THR A 131 19.16 26.18 20.51
C THR A 131 17.96 25.53 19.83
N LEU A 132 16.95 26.32 19.52
CA LEU A 132 15.78 25.84 18.76
C LEU A 132 16.14 25.59 17.29
N ALA A 133 16.90 26.51 16.68
CA ALA A 133 17.33 26.34 15.29
C ALA A 133 18.12 25.04 15.10
N LEU A 134 18.99 24.72 16.05
CA LEU A 134 19.80 23.53 16.00
C LEU A 134 18.93 22.26 16.01
N LYS A 135 17.94 22.26 16.89
CA LYS A 135 17.04 21.13 17.08
C LYS A 135 15.95 21.04 15.99
N THR A 136 15.37 22.18 15.59
CA THR A 136 14.21 22.20 14.70
C THR A 136 14.55 22.66 13.28
N HIS A 137 14.81 23.95 13.10
CA HIS A 137 15.13 24.51 11.79
C HIS A 137 16.13 23.65 11.04
N VAL A 138 17.22 23.29 11.73
CA VAL A 138 18.29 22.50 11.13
C VAL A 138 18.10 21.00 11.38
N GLY A 139 17.90 20.61 12.64
CA GLY A 139 17.72 19.20 13.02
C GLY A 139 16.63 18.51 12.21
N MET A 140 15.48 19.17 12.07
CA MET A 140 14.39 18.54 11.31
C MET A 140 14.67 18.49 9.80
N SER A 141 15.39 19.48 9.29
CA SER A 141 15.83 19.52 7.90
C SER A 141 16.72 18.33 7.57
N ILE A 142 17.64 18.00 8.49
CA ILE A 142 18.52 16.84 8.36
C ILE A 142 17.68 15.55 8.37
N GLN A 143 16.75 15.45 9.31
CA GLN A 143 15.84 14.31 9.36
C GLN A 143 15.06 14.16 8.06
N THR A 144 14.64 15.29 7.48
CA THR A 144 13.83 15.28 6.28
C THR A 144 14.58 14.65 5.12
N PHE A 145 15.83 15.09 4.89
CA PHE A 145 16.62 14.52 3.80
C PHE A 145 16.90 13.03 4.00
N ARG A 146 17.24 12.64 5.23
CA ARG A 146 17.50 11.22 5.54
C ARG A 146 16.24 10.39 5.34
N TYR A 147 15.09 10.93 5.75
CA TYR A 147 13.82 10.23 5.59
C TYR A 147 13.49 9.98 4.12
N PHE A 148 13.48 11.05 3.32
CA PHE A 148 13.14 10.91 1.90
C PHE A 148 14.22 10.21 1.08
N ALA A 149 15.48 10.30 1.50
CA ALA A 149 16.54 9.50 0.87
C ALA A 149 16.18 8.00 0.92
N GLY A 150 15.59 7.57 2.04
CA GLY A 150 15.18 6.18 2.20
C GLY A 150 14.00 5.78 1.32
N TRP A 151 13.20 6.77 0.89
CA TRP A 151 12.10 6.49 -0.04
C TRP A 151 12.51 6.18 -1.48
N CYS A 152 13.68 6.67 -1.91
CA CYS A 152 14.02 6.62 -3.34
C CYS A 152 13.81 5.26 -4.00
N ASP A 153 14.41 4.20 -3.45
CA ASP A 153 14.29 2.86 -4.05
C ASP A 153 13.11 2.05 -3.47
N LYS A 154 12.19 2.76 -2.80
CA LYS A 154 10.97 2.15 -2.26
C LYS A 154 9.71 2.78 -2.86
N ILE A 155 9.90 3.69 -3.82
CA ILE A 155 8.79 4.24 -4.59
C ILE A 155 8.40 3.17 -5.62
N GLN A 156 7.18 2.66 -5.51
CA GLN A 156 6.75 1.50 -6.31
C GLN A 156 5.42 1.74 -7.02
N GLY A 157 5.32 1.21 -8.24
CA GLY A 157 4.05 1.20 -8.98
C GLY A 157 3.33 -0.09 -8.71
N ALA A 158 2.39 -0.45 -9.60
CA ALA A 158 1.48 -1.58 -9.38
C ALA A 158 1.42 -2.49 -10.59
N THR A 159 0.93 -3.71 -10.38
CA THR A 159 0.42 -4.53 -11.49
C THR A 159 -1.04 -4.82 -11.16
N ILE A 160 -1.90 -4.73 -12.17
CA ILE A 160 -3.35 -4.59 -11.94
C ILE A 160 -4.11 -5.66 -12.71
N PRO A 161 -5.02 -6.37 -12.03
CA PRO A 161 -5.71 -7.51 -12.67
C PRO A 161 -6.90 -7.06 -13.52
N ILE A 162 -6.60 -6.45 -14.66
CA ILE A 162 -7.63 -5.97 -15.59
C ILE A 162 -8.36 -7.12 -16.29
N ASN A 163 -9.58 -6.84 -16.79
CA ASN A 163 -10.27 -7.77 -17.67
C ASN A 163 -9.43 -8.11 -18.91
N GLN A 164 -9.46 -9.39 -19.31
CA GLN A 164 -8.62 -9.92 -20.38
C GLN A 164 -9.38 -9.92 -21.70
N ALA A 165 -8.77 -9.37 -22.76
CA ALA A 165 -9.36 -9.40 -24.11
C ALA A 165 -9.21 -10.81 -24.71
N ARG A 166 -10.00 -11.76 -24.19
CA ARG A 166 -9.99 -13.15 -24.62
C ARG A 166 -10.28 -13.25 -26.12
N PRO A 167 -9.63 -14.20 -26.85
CA PRO A 167 -8.72 -15.27 -26.40
C PRO A 167 -7.31 -14.79 -26.06
N ASN A 168 -7.05 -13.49 -26.14
CA ASN A 168 -5.74 -12.96 -25.78
C ASN A 168 -5.61 -12.61 -24.29
N ARG A 169 -4.41 -12.17 -23.90
CA ARG A 169 -4.09 -11.82 -22.52
C ARG A 169 -3.66 -10.37 -22.41
N ASN A 170 -3.83 -9.81 -21.22
CA ASN A 170 -3.39 -8.44 -20.93
C ASN A 170 -2.56 -8.39 -19.64
N LEU A 171 -1.51 -7.57 -19.66
CA LEU A 171 -0.76 -7.18 -18.48
C LEU A 171 -0.90 -5.67 -18.38
N THR A 172 -1.26 -5.18 -17.20
CA THR A 172 -1.28 -3.75 -16.93
C THR A 172 -0.42 -3.46 -15.71
N LEU A 173 0.54 -2.56 -15.89
CA LEU A 173 1.34 -2.09 -14.78
C LEU A 173 1.33 -0.57 -14.74
N THR A 174 1.77 -0.02 -13.61
CA THR A 174 2.03 1.41 -13.53
C THR A 174 3.49 1.65 -13.21
N LYS A 175 4.01 2.76 -13.73
CA LYS A 175 5.34 3.22 -13.42
C LYS A 175 5.22 4.57 -12.73
C LYS A 175 5.24 4.58 -12.74
N LYS A 176 5.91 4.75 -11.61
CA LYS A 176 5.96 6.04 -10.96
C LYS A 176 7.15 6.73 -11.60
N GLU A 177 6.92 7.92 -12.16
CA GLU A 177 8.00 8.67 -12.80
C GLU A 177 8.10 10.05 -12.17
N PRO A 178 9.26 10.73 -12.31
CA PRO A 178 9.34 12.12 -11.85
C PRO A 178 8.41 13.03 -12.67
N VAL A 179 7.98 14.15 -12.09
CA VAL A 179 7.19 15.12 -12.86
C VAL A 179 8.09 15.94 -13.79
N GLY A 180 9.35 16.13 -13.39
CA GLY A 180 10.30 16.89 -14.20
C GLY A 180 10.81 18.12 -13.48
N VAL A 181 10.94 19.24 -14.21
CA VAL A 181 11.43 20.49 -13.61
C VAL A 181 10.39 21.06 -12.66
N CYS A 182 10.77 21.26 -11.40
CA CYS A 182 9.87 21.84 -10.42
C CYS A 182 10.31 23.22 -9.96
N GLY A 183 9.35 24.00 -9.49
CA GLY A 183 9.64 25.29 -8.87
C GLY A 183 9.13 25.21 -7.45
N ILE A 184 9.94 25.66 -6.50
CA ILE A 184 9.54 25.66 -5.10
C ILE A 184 9.64 27.08 -4.59
N VAL A 185 8.56 27.56 -3.99
CA VAL A 185 8.48 28.93 -3.49
C VAL A 185 8.09 28.84 -2.03
N ILE A 186 8.89 29.44 -1.18
CA ILE A 186 8.75 29.25 0.28
C ILE A 186 8.76 30.56 1.09
N PRO A 187 8.23 30.51 2.33
CA PRO A 187 8.17 31.70 3.16
C PRO A 187 9.40 31.82 4.05
N TRP A 188 9.37 32.79 4.95
CA TRP A 188 10.52 33.22 5.74
C TRP A 188 10.56 32.70 7.17
N ASN A 189 9.53 32.00 7.63
CA ASN A 189 9.44 31.67 9.06
C ASN A 189 10.41 30.57 9.53
N TYR A 190 10.59 29.53 8.70
CA TYR A 190 11.62 28.53 8.94
C TYR A 190 12.33 28.35 7.62
N PRO A 191 13.25 29.27 7.28
CA PRO A 191 13.75 29.29 5.89
C PRO A 191 14.35 27.96 5.42
N LEU A 192 15.31 27.41 6.16
CA LEU A 192 15.94 26.15 5.78
C LEU A 192 14.94 24.99 5.84
N MET A 193 14.10 24.98 6.87
CA MET A 193 13.22 23.86 7.12
C MET A 193 12.13 23.74 6.05
N MET A 194 11.52 24.86 5.65
CA MET A 194 10.51 24.82 4.58
C MET A 194 11.16 24.45 3.26
N LEU A 195 12.35 24.98 3.00
CA LEU A 195 13.10 24.58 1.81
C LEU A 195 13.30 23.07 1.83
N SER A 196 13.74 22.55 2.98
CA SER A 196 14.10 21.14 3.12
C SER A 196 12.92 20.19 2.98
N TRP A 197 11.80 20.52 3.62
CA TRP A 197 10.60 19.69 3.54
C TRP A 197 10.25 19.37 2.09
N LYS A 198 10.18 20.44 1.28
CA LYS A 198 9.70 20.34 -0.09
C LYS A 198 10.78 19.83 -1.04
N THR A 199 12.00 20.32 -0.86
CA THR A 199 13.12 19.94 -1.69
C THR A 199 13.49 18.47 -1.52
N ALA A 200 13.47 17.97 -0.28
CA ALA A 200 13.80 16.56 -0.04
C ALA A 200 12.84 15.63 -0.78
N ALA A 201 11.54 15.91 -0.69
CA ALA A 201 10.52 15.13 -1.41
C ALA A 201 10.69 15.25 -2.92
N CYS A 202 10.87 16.50 -3.38
CA CYS A 202 11.05 16.80 -4.79
C CYS A 202 12.24 16.02 -5.39
N LEU A 203 13.40 16.12 -4.75
CA LEU A 203 14.61 15.41 -5.22
C LEU A 203 14.53 13.88 -5.08
N ALA A 204 13.91 13.41 -4.00
CA ALA A 204 13.80 11.96 -3.77
C ALA A 204 12.99 11.30 -4.87
N ALA A 205 12.01 12.04 -5.38
CA ALA A 205 11.17 11.59 -6.48
C ALA A 205 11.87 11.71 -7.84
N GLY A 206 13.11 12.24 -7.87
CA GLY A 206 13.92 12.24 -9.09
C GLY A 206 13.80 13.48 -9.97
N ASN A 207 13.16 14.52 -9.42
CA ASN A 207 12.96 15.78 -10.13
C ASN A 207 14.19 16.68 -10.01
N THR A 208 14.21 17.77 -10.79
CA THR A 208 15.18 18.86 -10.56
C THR A 208 14.39 20.11 -10.19
N VAL A 209 15.06 21.11 -9.64
CA VAL A 209 14.32 22.17 -8.98
C VAL A 209 14.97 23.57 -9.06
N VAL A 210 14.11 24.59 -9.13
CA VAL A 210 14.53 25.98 -8.93
C VAL A 210 13.81 26.46 -7.67
N ILE A 211 14.59 26.90 -6.69
CA ILE A 211 14.02 27.30 -5.42
C ILE A 211 14.04 28.82 -5.28
N LYS A 212 12.90 29.38 -4.88
CA LYS A 212 12.84 30.79 -4.52
C LYS A 212 12.61 30.93 -3.01
N PRO A 213 13.68 31.23 -2.24
CA PRO A 213 13.47 31.50 -0.82
C PRO A 213 12.75 32.84 -0.68
N ALA A 214 12.16 33.11 0.47
CA ALA A 214 11.60 34.43 0.72
C ALA A 214 12.72 35.45 0.58
N GLN A 215 12.42 36.59 -0.06
CA GLN A 215 13.45 37.61 -0.25
C GLN A 215 14.12 37.98 1.06
N VAL A 216 13.35 38.16 2.13
CA VAL A 216 13.91 38.61 3.41
C VAL A 216 14.81 37.57 4.11
N THR A 217 14.71 36.29 3.72
CA THR A 217 15.54 35.24 4.35
C THR A 217 16.24 34.33 3.34
N PRO A 218 17.31 34.82 2.66
CA PRO A 218 18.01 34.03 1.64
C PRO A 218 19.21 33.19 2.12
N LEU A 219 19.74 33.46 3.29
CA LEU A 219 21.10 33.00 3.63
C LEU A 219 21.28 31.48 3.83
N THR A 220 20.42 30.82 4.60
CA THR A 220 20.55 29.35 4.73
C THR A 220 20.27 28.61 3.44
N ALA A 221 19.38 29.14 2.60
CA ALA A 221 19.16 28.54 1.29
C ALA A 221 20.45 28.53 0.47
N LEU A 222 21.17 29.65 0.47
CA LEU A 222 22.40 29.76 -0.31
C LEU A 222 23.53 28.93 0.30
N LYS A 223 23.56 28.83 1.63
CA LYS A 223 24.54 27.95 2.25
C LYS A 223 24.23 26.48 1.91
N PHE A 224 22.96 26.11 2.01
CA PHE A 224 22.48 24.79 1.59
C PHE A 224 22.91 24.48 0.15
N ALA A 225 22.79 25.46 -0.74
CA ALA A 225 23.22 25.31 -2.14
C ALA A 225 24.70 24.90 -2.20
N GLU A 226 25.55 25.56 -1.41
CA GLU A 226 26.94 25.18 -1.37
C GLU A 226 27.06 23.73 -0.89
N LEU A 227 26.23 23.36 0.06
CA LEU A 227 26.32 22.01 0.63
C LEU A 227 25.95 20.92 -0.38
N THR A 228 25.08 21.23 -1.35
CA THR A 228 24.78 20.28 -2.44
C THR A 228 26.02 20.00 -3.29
N LEU A 229 26.91 20.99 -3.42
CA LEU A 229 28.18 20.79 -4.11
C LEU A 229 29.07 19.84 -3.33
N LYS A 230 29.20 20.07 -2.02
CA LYS A 230 30.00 19.19 -1.17
C LYS A 230 29.49 17.76 -1.19
N ALA A 231 28.17 17.60 -1.31
CA ALA A 231 27.55 16.28 -1.33
C ALA A 231 27.61 15.58 -2.69
N GLY A 232 28.07 16.29 -3.72
CA GLY A 232 28.13 15.71 -5.07
C GLY A 232 26.80 15.62 -5.83
N ILE A 233 25.81 16.43 -5.44
CA ILE A 233 24.58 16.56 -6.23
C ILE A 233 24.93 17.15 -7.60
N PRO A 234 24.57 16.45 -8.71
CA PRO A 234 24.97 16.94 -10.03
C PRO A 234 24.53 18.39 -10.30
N LYS A 235 25.32 19.12 -11.08
N LYS A 235 25.34 19.14 -11.04
CA LYS A 235 25.05 20.52 -11.39
CA LYS A 235 25.08 20.56 -11.30
C LYS A 235 23.69 20.68 -12.05
C LYS A 235 23.77 20.76 -12.09
N GLY A 236 22.97 21.73 -11.65
CA GLY A 236 21.67 22.01 -12.24
C GLY A 236 20.48 21.32 -11.60
N VAL A 237 20.75 20.32 -10.75
CA VAL A 237 19.68 19.62 -10.04
C VAL A 237 19.00 20.57 -9.04
N VAL A 238 19.82 21.38 -8.37
CA VAL A 238 19.33 22.38 -7.44
C VAL A 238 19.77 23.78 -7.90
N ASN A 239 18.82 24.69 -8.01
CA ASN A 239 19.11 26.08 -8.37
C ASN A 239 18.37 26.99 -7.42
N ILE A 240 19.03 28.04 -6.95
CA ILE A 240 18.44 28.88 -5.91
C ILE A 240 18.50 30.36 -6.30
N LEU A 241 17.35 31.03 -6.26
CA LEU A 241 17.24 32.41 -6.75
C LEU A 241 16.65 33.36 -5.69
N PRO A 242 17.50 33.93 -4.84
CA PRO A 242 17.02 35.01 -3.97
C PRO A 242 16.41 36.11 -4.85
N GLY A 243 15.29 36.65 -4.43
CA GLY A 243 14.54 37.60 -5.24
C GLY A 243 13.09 37.66 -4.83
N SER A 244 12.32 38.50 -5.51
CA SER A 244 10.96 38.78 -5.11
C SER A 244 9.99 37.78 -5.71
N GLY A 245 8.91 37.51 -4.98
CA GLY A 245 7.84 36.67 -5.50
C GLY A 245 7.17 37.25 -6.73
N SER A 246 6.95 38.57 -6.74
CA SER A 246 6.26 39.22 -7.85
C SER A 246 7.09 39.16 -9.14
N LEU A 247 8.40 39.02 -9.03
CA LEU A 247 9.25 38.88 -10.22
C LEU A 247 9.66 37.42 -10.45
N VAL A 248 10.44 36.87 -9.51
CA VAL A 248 11.01 35.53 -9.65
C VAL A 248 9.96 34.45 -9.49
N GLY A 249 9.16 34.55 -8.44
CA GLY A 249 8.11 33.55 -8.18
C GLY A 249 7.12 33.49 -9.33
N GLN A 250 6.67 34.67 -9.76
CA GLN A 250 5.80 34.82 -10.91
C GLN A 250 6.33 34.12 -12.14
N ARG A 251 7.58 34.41 -12.51
CA ARG A 251 8.17 33.79 -13.70
C ARG A 251 8.22 32.24 -13.59
N LEU A 252 8.56 31.72 -12.40
CA LEU A 252 8.50 30.28 -12.17
C LEU A 252 7.12 29.70 -12.44
N SER A 253 6.08 30.34 -11.90
CA SER A 253 4.69 29.94 -12.14
C SER A 253 4.25 30.02 -13.62
N ASP A 254 4.81 30.99 -14.34
CA ASP A 254 4.52 31.21 -15.76
C ASP A 254 5.34 30.34 -16.71
N HIS A 255 6.48 29.83 -16.26
CA HIS A 255 7.44 29.23 -17.19
C HIS A 255 6.89 27.99 -17.90
N PRO A 256 7.06 27.94 -19.24
CA PRO A 256 6.53 26.82 -20.04
C PRO A 256 7.24 25.49 -19.79
N ASP A 257 8.48 25.56 -19.28
CA ASP A 257 9.27 24.34 -19.00
C ASP A 257 9.20 23.88 -17.54
N VAL A 258 8.57 24.68 -16.68
CA VAL A 258 8.29 24.24 -15.31
C VAL A 258 6.97 23.44 -15.33
N ARG A 259 6.95 22.30 -14.62
CA ARG A 259 5.83 21.36 -14.72
C ARG A 259 5.09 21.16 -13.41
N LYS A 260 5.63 21.73 -12.34
CA LYS A 260 5.01 21.64 -11.02
C LYS A 260 5.55 22.77 -10.15
N ILE A 261 4.65 23.41 -9.41
CA ILE A 261 5.01 24.36 -8.38
C ILE A 261 4.64 23.80 -7.02
N GLY A 262 5.58 23.84 -6.09
CA GLY A 262 5.29 23.56 -4.68
C GLY A 262 5.34 24.88 -3.94
N PHE A 263 4.23 25.26 -3.32
CA PHE A 263 4.14 26.58 -2.69
C PHE A 263 3.73 26.52 -1.22
N THR A 264 4.45 27.30 -0.41
CA THR A 264 4.06 27.53 0.97
C THR A 264 4.04 29.04 1.20
N GLY A 265 2.95 29.54 1.74
CA GLY A 265 2.82 30.98 2.00
C GLY A 265 1.40 31.39 2.31
N SER A 266 1.07 32.64 2.00
CA SER A 266 -0.24 33.16 2.32
C SER A 266 -1.30 32.61 1.37
N THR A 267 -2.55 32.57 1.84
CA THR A 267 -3.69 32.14 1.03
C THR A 267 -3.86 33.01 -0.24
N GLU A 268 -3.76 34.33 -0.09
CA GLU A 268 -3.90 35.23 -1.25
C GLU A 268 -2.81 35.02 -2.32
N VAL A 269 -1.57 34.79 -1.91
CA VAL A 269 -0.51 34.50 -2.90
C VAL A 269 -0.74 33.11 -3.55
N GLY A 270 -1.15 32.14 -2.74
CA GLY A 270 -1.48 30.79 -3.22
C GLY A 270 -2.54 30.81 -4.33
N LYS A 271 -3.59 31.59 -4.13
CA LYS A 271 -4.62 31.79 -5.17
C LYS A 271 -3.99 32.28 -6.45
N HIS A 272 -3.12 33.28 -6.33
CA HIS A 272 -2.44 33.85 -7.49
C HIS A 272 -1.53 32.83 -8.19
N ILE A 273 -0.78 32.05 -7.40
CA ILE A 273 0.09 31.01 -7.93
C ILE A 273 -0.71 29.99 -8.73
N MET A 274 -1.80 29.52 -8.13
CA MET A 274 -2.63 28.50 -8.75
C MET A 274 -3.20 29.02 -10.08
N LYS A 275 -3.69 30.26 -10.06
CA LYS A 275 -4.13 30.94 -11.28
C LYS A 275 -3.04 31.00 -12.35
N SER A 276 -1.83 31.38 -11.94
CA SER A 276 -0.69 31.46 -12.86
C SER A 276 -0.30 30.11 -13.44
N CYS A 277 -0.40 29.06 -12.62
CA CYS A 277 -0.20 27.68 -13.10
C CYS A 277 -1.22 27.32 -14.18
N ALA A 278 -2.48 27.63 -13.92
CA ALA A 278 -3.57 27.39 -14.88
C ALA A 278 -3.34 28.08 -16.23
N LEU A 279 -2.99 29.36 -16.18
CA LEU A 279 -2.99 30.18 -17.39
C LEU A 279 -1.80 29.91 -18.30
N SER A 280 -0.74 29.31 -17.75
CA SER A 280 0.42 29.00 -18.57
C SER A 280 0.26 27.61 -19.21
N ASN A 281 0.62 26.56 -18.47
CA ASN A 281 0.65 25.22 -19.07
C ASN A 281 0.00 24.14 -18.19
N VAL A 282 -0.98 24.55 -17.39
CA VAL A 282 -1.60 23.70 -16.34
C VAL A 282 -0.61 22.84 -15.55
N LYS A 283 0.53 23.45 -15.20
CA LYS A 283 1.49 22.81 -14.30
C LYS A 283 0.79 22.40 -13.01
N LYS A 284 1.18 21.26 -12.47
CA LYS A 284 0.65 20.79 -11.18
C LYS A 284 1.00 21.78 -10.10
N VAL A 285 0.17 21.85 -9.06
CA VAL A 285 0.44 22.75 -7.95
C VAL A 285 0.00 22.10 -6.63
N SER A 286 0.76 22.37 -5.57
CA SER A 286 0.35 22.08 -4.20
C SER A 286 0.46 23.37 -3.41
N LEU A 287 -0.42 23.52 -2.42
CA LEU A 287 -0.53 24.77 -1.67
C LEU A 287 -0.63 24.51 -0.17
N GLU A 288 0.34 25.06 0.57
CA GLU A 288 0.33 25.05 2.02
C GLU A 288 0.13 26.51 2.43
N LEU A 289 -1.08 26.84 2.89
CA LEU A 289 -1.46 28.25 3.06
C LEU A 289 -1.63 28.66 4.53
N GLY A 290 -2.44 29.68 4.81
CA GLY A 290 -2.56 30.16 6.17
C GLY A 290 -3.26 29.22 7.16
N GLY A 291 -3.32 29.63 8.42
CA GLY A 291 -4.07 28.89 9.43
C GLY A 291 -4.70 29.81 10.45
N LYS A 292 -5.83 29.37 11.01
CA LYS A 292 -6.41 29.98 12.21
C LYS A 292 -6.84 28.81 13.10
N SER A 293 -5.83 28.11 13.60
CA SER A 293 -6.00 26.79 14.19
C SER A 293 -6.54 26.87 15.61
N PRO A 294 -7.64 26.14 15.88
CA PRO A 294 -8.27 26.16 17.19
C PRO A 294 -7.69 25.11 18.14
N LEU A 295 -7.45 25.52 19.37
CA LEU A 295 -7.07 24.59 20.42
C LEU A 295 -8.16 24.61 21.48
N ILE A 296 -8.79 23.45 21.67
CA ILE A 296 -9.87 23.32 22.65
C ILE A 296 -9.35 22.63 23.91
N ILE A 297 -9.43 23.33 25.04
CA ILE A 297 -8.89 22.85 26.31
C ILE A 297 -10.04 22.58 27.28
N PHE A 298 -10.24 21.31 27.61
CA PHE A 298 -11.32 20.88 28.48
C PHE A 298 -10.90 20.89 29.94
N ALA A 299 -11.89 21.07 30.83
CA ALA A 299 -11.65 21.14 32.28
C ALA A 299 -11.01 19.86 32.82
N ASP A 300 -11.28 18.73 32.17
CA ASP A 300 -10.73 17.45 32.65
C ASP A 300 -9.29 17.16 32.15
N CYS A 301 -8.63 18.15 31.56
CA CYS A 301 -7.23 18.00 31.15
C CYS A 301 -6.29 18.14 32.36
N ASP A 302 -5.01 17.85 32.14
CA ASP A 302 -3.97 18.16 33.13
C ASP A 302 -3.63 19.64 32.95
N LEU A 303 -4.01 20.45 33.95
CA LEU A 303 -3.98 21.91 33.79
C LEU A 303 -2.58 22.50 33.62
N ASN A 304 -1.65 22.15 34.50
CA ASN A 304 -0.27 22.65 34.39
C ASN A 304 0.35 22.31 33.04
N LYS A 305 0.12 21.09 32.59
CA LYS A 305 0.62 20.64 31.30
C LYS A 305 -0.08 21.36 30.13
N ALA A 306 -1.37 21.66 30.30
CA ALA A 306 -2.13 22.42 29.32
C ALA A 306 -1.57 23.83 29.17
N VAL A 307 -1.15 24.43 30.29
CA VAL A 307 -0.51 25.75 30.27
C VAL A 307 0.80 25.70 29.48
N GLN A 308 1.63 24.69 29.76
CA GLN A 308 2.92 24.53 29.08
C GLN A 308 2.73 24.34 27.57
N MET A 309 1.87 23.40 27.20
CA MET A 309 1.66 23.13 25.78
C MET A 309 0.84 24.20 25.07
N GLY A 310 -0.09 24.83 25.81
CA GLY A 310 -0.88 25.92 25.28
C GLY A 310 -0.01 27.12 24.96
N MET A 311 0.90 27.46 25.86
CA MET A 311 1.85 28.53 25.60
C MET A 311 2.71 28.20 24.40
N SER A 312 3.23 26.99 24.40
CA SER A 312 4.00 26.50 23.27
C SER A 312 3.23 26.56 21.94
N SER A 313 1.94 26.19 21.96
CA SER A 313 1.13 26.18 20.74
C SER A 313 1.08 27.55 20.06
N VAL A 314 1.29 28.60 20.86
CA VAL A 314 1.21 29.97 20.39
C VAL A 314 2.59 30.58 20.16
N PHE A 315 3.44 30.46 21.17
CA PHE A 315 4.71 31.20 21.23
C PHE A 315 5.89 30.52 20.53
N PHE A 316 5.75 29.22 20.19
CA PHE A 316 6.84 28.50 19.53
C PHE A 316 7.35 29.29 18.33
N ASN A 317 8.67 29.47 18.27
CA ASN A 317 9.32 30.21 17.18
C ASN A 317 8.75 31.63 17.01
N LYS A 318 8.62 32.35 18.13
CA LYS A 318 7.99 33.68 18.18
C LYS A 318 6.65 33.78 17.40
N GLY A 319 5.88 32.69 17.42
CA GLY A 319 4.56 32.66 16.80
C GLY A 319 4.54 32.58 15.28
N GLU A 320 5.73 32.55 14.67
CA GLU A 320 5.87 32.54 13.21
C GLU A 320 5.85 31.09 12.75
N ASN A 321 4.64 30.56 12.68
CA ASN A 321 4.38 29.13 12.66
C ASN A 321 2.96 28.99 12.13
N ALA A 322 2.79 28.39 10.94
CA ALA A 322 1.49 28.33 10.29
C ALA A 322 0.46 27.52 11.07
N ILE A 323 0.92 26.53 11.83
CA ILE A 323 0.01 25.72 12.64
C ILE A 323 -0.19 26.22 14.07
N ALA A 324 0.42 27.35 14.42
CA ALA A 324 0.19 27.97 15.73
C ALA A 324 -1.30 28.03 16.06
N ALA A 325 -1.64 27.74 17.31
CA ALA A 325 -3.01 27.88 17.76
C ALA A 325 -3.36 29.36 17.73
N GLY A 326 -4.28 29.72 16.83
CA GLY A 326 -4.65 31.12 16.59
C GLY A 326 -5.89 31.47 17.41
N ARG A 327 -6.32 30.51 18.20
CA ARG A 327 -7.53 30.63 18.97
C ARG A 327 -7.51 29.51 20.02
N LEU A 328 -7.58 29.88 21.30
CA LEU A 328 -7.75 28.91 22.38
C LEU A 328 -9.14 29.01 23.00
N PHE A 329 -9.85 27.88 23.02
CA PHE A 329 -11.16 27.79 23.65
C PHE A 329 -10.96 27.04 24.93
N VAL A 330 -11.22 27.70 26.05
CA VAL A 330 -10.96 27.12 27.37
C VAL A 330 -12.25 26.96 28.17
N GLU A 331 -12.47 25.76 28.72
CA GLU A 331 -13.72 25.47 29.38
C GLU A 331 -13.91 26.41 30.58
N GLU A 332 -15.14 26.90 30.73
CA GLU A 332 -15.51 27.94 31.68
C GLU A 332 -14.88 27.76 33.06
N SER A 333 -15.03 26.58 33.64
CA SER A 333 -14.58 26.32 35.00
C SER A 333 -13.06 26.37 35.22
N ILE A 334 -12.26 26.27 34.15
CA ILE A 334 -10.79 26.41 34.30
C ILE A 334 -10.21 27.68 33.68
N HIS A 335 -11.05 28.44 32.98
CA HIS A 335 -10.57 29.61 32.22
C HIS A 335 -9.72 30.58 33.03
N ASN A 336 -10.25 31.05 34.15
CA ASN A 336 -9.53 32.05 34.95
C ASN A 336 -8.21 31.52 35.51
N GLN A 337 -8.22 30.27 35.97
CA GLN A 337 -7.01 29.66 36.50
C GLN A 337 -5.97 29.45 35.39
N PHE A 338 -6.45 29.03 34.21
CA PHE A 338 -5.60 28.89 33.02
C PHE A 338 -4.91 30.22 32.69
N VAL A 339 -5.69 31.29 32.62
CA VAL A 339 -5.14 32.61 32.27
C VAL A 339 -4.11 33.09 33.29
N GLN A 340 -4.43 32.98 34.59
CA GLN A 340 -3.50 33.36 35.66
C GLN A 340 -2.16 32.63 35.53
N LYS A 341 -2.22 31.34 35.26
CA LYS A 341 -1.00 30.51 35.14
C LYS A 341 -0.19 30.87 33.90
N VAL A 342 -0.89 31.14 32.78
CA VAL A 342 -0.22 31.58 31.57
C VAL A 342 0.55 32.88 31.81
N VAL A 343 -0.11 33.86 32.43
CA VAL A 343 0.52 35.15 32.75
C VAL A 343 1.75 34.96 33.65
N GLU A 344 1.64 34.11 34.66
CA GLU A 344 2.78 33.72 35.51
C GLU A 344 3.97 33.20 34.71
N GLU A 345 3.69 32.34 33.73
CA GLU A 345 4.74 31.74 32.92
C GLU A 345 5.31 32.70 31.87
N VAL A 346 4.44 33.48 31.26
CA VAL A 346 4.85 34.52 30.30
C VAL A 346 5.89 35.47 30.92
N GLU A 347 5.68 35.86 32.19
CA GLU A 347 6.58 36.78 32.89
C GLU A 347 7.99 36.21 33.04
N LYS A 348 8.09 34.89 33.09
CA LYS A 348 9.37 34.19 33.22
C LYS A 348 10.15 34.05 31.90
N MET A 349 9.51 34.38 30.78
CA MET A 349 10.16 34.20 29.47
C MET A 349 11.34 35.16 29.31
N LYS A 350 12.44 34.65 28.77
CA LYS A 350 13.62 35.46 28.53
C LYS A 350 13.68 35.90 27.06
N ILE A 351 13.49 37.20 26.88
CA ILE A 351 13.47 37.82 25.55
C ILE A 351 14.85 38.38 25.27
N GLY A 352 15.45 38.03 24.15
CA GLY A 352 16.75 38.56 23.81
C GLY A 352 17.43 38.00 22.59
N ASN A 353 18.74 38.25 22.50
CA ASN A 353 19.56 37.80 21.39
C ASN A 353 19.43 36.29 21.22
N PRO A 354 18.95 35.84 20.03
CA PRO A 354 18.72 34.41 19.75
C PRO A 354 19.97 33.55 19.94
N LEU A 355 21.15 34.18 19.89
CA LEU A 355 22.42 33.45 20.08
C LEU A 355 22.80 33.23 21.54
N GLU A 356 22.12 33.91 22.46
CA GLU A 356 22.42 33.72 23.88
C GLU A 356 21.67 32.52 24.40
N ARG A 357 22.35 31.71 25.21
CA ARG A 357 21.79 30.43 25.66
C ARG A 357 20.56 30.55 26.56
N ASP A 358 20.44 31.64 27.32
CA ASP A 358 19.24 31.79 28.17
C ASP A 358 18.00 32.31 27.42
N THR A 359 18.18 32.83 26.21
CA THR A 359 17.07 33.38 25.43
C THR A 359 16.08 32.25 25.12
N ASN A 360 14.82 32.48 25.39
CA ASN A 360 13.81 31.58 24.84
C ASN A 360 12.72 32.27 24.01
N HIS A 361 12.90 33.57 23.76
CA HIS A 361 12.01 34.30 22.86
C HIS A 361 12.84 35.26 22.00
N GLY A 362 12.94 34.97 20.71
CA GLY A 362 13.77 35.75 19.80
C GLY A 362 13.01 36.92 19.18
N PRO A 363 13.68 37.70 18.30
CA PRO A 363 12.94 38.77 17.62
C PRO A 363 12.04 38.23 16.53
N GLN A 364 11.01 39.01 16.16
CA GLN A 364 10.22 38.71 14.98
C GLN A 364 11.10 38.80 13.75
N ASN A 365 10.68 38.14 12.69
CA ASN A 365 11.56 37.88 11.54
C ASN A 365 12.08 39.15 10.84
N HIS A 366 11.21 40.14 10.70
CA HIS A 366 11.57 41.39 10.02
C HIS A 366 10.66 42.53 10.44
N GLU A 367 11.07 43.75 10.11
CA GLU A 367 10.43 44.95 10.66
C GLU A 367 8.97 45.08 10.27
N ALA A 368 8.66 44.87 8.99
CA ALA A 368 7.29 45.02 8.50
C ALA A 368 6.35 44.10 9.26
N HIS A 369 6.85 42.92 9.62
CA HIS A 369 6.01 41.95 10.34
C HIS A 369 5.76 42.37 11.79
N LEU A 370 6.80 42.87 12.47
CA LEU A 370 6.62 43.51 13.77
C LEU A 370 5.54 44.61 13.74
N ARG A 371 5.60 45.49 12.74
CA ARG A 371 4.60 46.57 12.59
C ARG A 371 3.20 45.99 12.48
C ARG A 371 3.20 46.00 12.47
N LYS A 372 3.06 44.94 11.67
CA LYS A 372 1.78 44.23 11.49
C LYS A 372 1.23 43.72 12.83
N LEU A 373 2.11 43.18 13.68
CA LEU A 373 1.69 42.64 14.98
C LEU A 373 1.25 43.75 15.95
N VAL A 374 1.95 44.87 15.93
CA VAL A 374 1.60 46.02 16.77
C VAL A 374 0.20 46.50 16.39
N GLU A 375 -0.05 46.58 15.09
CA GLU A 375 -1.36 46.99 14.55
C GLU A 375 -2.48 45.98 14.85
N TYR A 376 -2.17 44.70 14.69
CA TYR A 376 -3.08 43.60 15.02
C TYR A 376 -3.59 43.71 16.46
N CYS A 377 -2.68 43.96 17.39
CA CYS A 377 -3.07 44.06 18.80
C CYS A 377 -3.87 45.36 19.11
N GLN A 378 -3.50 46.47 18.46
CA GLN A 378 -4.28 47.71 18.56
C GLN A 378 -5.73 47.45 18.18
N ARG A 379 -5.92 46.76 17.05
CA ARG A 379 -7.25 46.41 16.57
C ARG A 379 -8.00 45.54 17.57
N GLY A 380 -7.31 44.56 18.16
CA GLY A 380 -7.90 43.71 19.18
C GLY A 380 -8.40 44.54 20.36
N VAL A 381 -7.57 45.45 20.85
CA VAL A 381 -7.96 46.32 21.96
C VAL A 381 -9.17 47.17 21.56
N LYS A 382 -9.07 47.83 20.40
CA LYS A 382 -10.11 48.71 19.89
C LYS A 382 -11.49 48.05 19.76
N GLU A 383 -11.51 46.78 19.33
CA GLU A 383 -12.76 46.06 19.11
C GLU A 383 -13.33 45.42 20.40
N GLY A 384 -12.61 45.56 21.50
CA GLY A 384 -13.14 45.18 22.82
C GLY A 384 -12.61 43.94 23.48
N ALA A 385 -11.58 43.32 22.90
CA ALA A 385 -10.88 42.21 23.57
C ALA A 385 -10.04 42.74 24.72
N THR A 386 -9.92 41.96 25.78
CA THR A 386 -9.11 42.32 26.94
C THR A 386 -7.64 41.95 26.74
N LEU A 387 -6.78 42.97 26.72
CA LEU A 387 -5.33 42.75 26.67
C LEU A 387 -4.82 42.46 28.06
N VAL A 388 -4.53 41.19 28.33
CA VAL A 388 -4.05 40.77 29.64
C VAL A 388 -2.56 41.09 29.84
N CYS A 389 -1.76 40.93 28.79
CA CYS A 389 -0.34 41.26 28.83
C CYS A 389 0.23 41.39 27.43
N GLY A 390 1.39 42.03 27.31
CA GLY A 390 2.03 42.23 26.03
C GLY A 390 1.29 43.22 25.14
N GLY A 391 1.40 43.04 23.84
CA GLY A 391 0.76 43.93 22.89
C GLY A 391 1.71 44.90 22.20
N ASN A 392 2.92 45.06 22.74
CA ASN A 392 3.84 46.08 22.26
C ASN A 392 5.19 45.53 21.80
N GLN A 393 5.93 46.36 21.07
CA GLN A 393 7.33 46.11 20.81
C GLN A 393 8.12 46.21 22.12
N VAL A 394 9.05 45.28 22.30
CA VAL A 394 10.00 45.32 23.43
C VAL A 394 10.99 46.46 23.18
N PRO A 395 11.21 47.34 24.20
CA PRO A 395 12.07 48.51 23.99
C PRO A 395 13.58 48.18 23.99
N ARG A 396 14.04 47.59 22.89
CA ARG A 396 15.44 47.27 22.69
C ARG A 396 15.71 47.17 21.19
N PRO A 397 16.99 47.18 20.78
CA PRO A 397 17.29 47.08 19.33
C PRO A 397 16.68 45.83 18.66
N GLY A 398 16.49 45.93 17.34
CA GLY A 398 15.88 44.84 16.59
C GLY A 398 14.37 44.87 16.67
N PHE A 399 13.73 43.74 16.33
CA PHE A 399 12.30 43.72 16.13
C PHE A 399 11.60 42.73 17.04
N PHE A 400 11.71 42.98 18.34
CA PHE A 400 11.17 42.12 19.37
C PHE A 400 9.75 42.55 19.72
N PHE A 401 8.87 41.56 19.89
CA PHE A 401 7.49 41.82 20.24
C PHE A 401 7.15 41.04 21.50
N GLN A 402 6.39 41.66 22.41
CA GLN A 402 6.01 41.00 23.67
C GLN A 402 5.07 39.80 23.47
N PRO A 403 5.35 38.67 24.15
CA PRO A 403 4.37 37.60 24.20
C PRO A 403 3.07 38.16 24.75
N THR A 404 1.97 37.89 24.04
CA THR A 404 0.72 38.62 24.25
C THR A 404 -0.42 37.67 24.56
N VAL A 405 -1.28 38.07 25.50
CA VAL A 405 -2.48 37.31 25.83
C VAL A 405 -3.72 38.18 25.75
N PHE A 406 -4.68 37.75 24.92
CA PHE A 406 -6.01 38.36 24.90
C PHE A 406 -7.06 37.42 25.51
N THR A 407 -7.98 37.98 26.29
CA THR A 407 -9.15 37.24 26.75
C THR A 407 -10.42 37.94 26.29
N ASP A 408 -11.59 37.44 26.71
CA ASP A 408 -12.89 37.97 26.27
C ASP A 408 -12.95 38.17 24.77
N VAL A 409 -12.43 37.19 24.02
CA VAL A 409 -12.46 37.25 22.56
C VAL A 409 -13.78 36.64 22.08
N GLU A 410 -14.50 37.39 21.26
CA GLU A 410 -15.80 36.96 20.75
C GLU A 410 -15.69 36.56 19.28
N ASP A 411 -16.54 35.63 18.86
CA ASP A 411 -16.46 35.00 17.55
C ASP A 411 -16.45 35.98 16.37
N HIS A 412 -17.11 37.13 16.52
CA HIS A 412 -17.21 38.11 15.42
C HIS A 412 -15.94 38.96 15.27
N MET A 413 -15.11 38.98 16.31
CA MET A 413 -13.94 39.85 16.32
C MET A 413 -12.93 39.54 15.22
N TYR A 414 -12.27 40.59 14.73
CA TYR A 414 -11.18 40.49 13.77
C TYR A 414 -10.13 39.50 14.25
N ILE A 415 -9.70 39.62 15.50
CA ILE A 415 -8.62 38.77 16.03
C ILE A 415 -9.09 37.31 16.26
N ALA A 416 -10.41 37.08 16.26
CA ALA A 416 -10.96 35.71 16.26
C ALA A 416 -10.92 35.09 14.86
N LYS A 417 -10.74 35.92 13.83
CA LYS A 417 -10.81 35.48 12.44
C LYS A 417 -9.49 35.56 11.70
N GLU A 418 -8.67 36.57 11.99
CA GLU A 418 -7.43 36.79 11.25
C GLU A 418 -6.22 36.08 11.87
N GLU A 419 -5.39 35.49 11.02
CA GLU A 419 -4.12 34.89 11.44
C GLU A 419 -3.13 35.99 11.82
N SER A 420 -2.64 35.98 13.05
CA SER A 420 -1.64 36.96 13.46
C SER A 420 -0.25 36.59 12.97
N PHE A 421 0.07 35.29 13.02
CA PHE A 421 1.41 34.79 12.71
C PHE A 421 2.45 35.39 13.66
N GLY A 422 2.00 35.71 14.88
CA GLY A 422 2.86 36.26 15.92
C GLY A 422 2.55 35.63 17.26
N PRO A 423 3.31 36.01 18.31
CA PRO A 423 3.17 35.38 19.62
C PRO A 423 1.97 35.94 20.41
N ILE A 424 0.77 35.65 19.92
CA ILE A 424 -0.44 36.27 20.44
C ILE A 424 -1.51 35.23 20.75
N MET A 425 -1.68 34.95 22.03
CA MET A 425 -2.64 33.98 22.53
C MET A 425 -4.03 34.61 22.62
N ILE A 426 -5.00 33.97 21.99
CA ILE A 426 -6.32 34.58 21.76
C ILE A 426 -7.39 33.66 22.36
N ILE A 427 -7.83 34.01 23.57
CA ILE A 427 -8.61 33.11 24.43
C ILE A 427 -10.12 33.44 24.46
N SER A 428 -10.94 32.41 24.28
CA SER A 428 -12.40 32.47 24.42
C SER A 428 -12.84 31.39 25.42
N ARG A 429 -13.95 31.65 26.12
CA ARG A 429 -14.53 30.65 27.00
C ARG A 429 -15.51 29.78 26.22
N PHE A 430 -15.77 28.58 26.72
CA PHE A 430 -16.98 27.88 26.29
C PHE A 430 -17.63 27.27 27.54
N ALA A 431 -18.94 27.08 27.47
CA ALA A 431 -19.72 26.59 28.61
C ALA A 431 -19.35 25.16 28.97
N ASP A 432 -19.38 24.88 30.26
CA ASP A 432 -19.12 23.54 30.77
C ASP A 432 -20.06 22.53 30.13
N GLY A 433 -19.51 21.37 29.80
CA GLY A 433 -20.30 20.29 29.20
C GLY A 433 -20.62 20.49 27.74
N ASP A 434 -20.41 21.71 27.22
CA ASP A 434 -20.58 21.93 25.80
C ASP A 434 -19.47 21.17 25.07
N VAL A 435 -19.81 20.57 23.93
CA VAL A 435 -18.82 19.93 23.05
C VAL A 435 -19.12 20.34 21.60
N ASP A 436 -20.35 20.06 21.15
CA ASP A 436 -20.73 20.39 19.77
C ASP A 436 -20.73 21.89 19.52
N ALA A 437 -21.07 22.67 20.54
CA ALA A 437 -21.14 24.11 20.40
C ALA A 437 -19.75 24.71 20.19
N VAL A 438 -18.78 24.29 20.99
CA VAL A 438 -17.39 24.76 20.82
C VAL A 438 -16.79 24.27 19.49
N LEU A 439 -17.03 23.00 19.12
CA LEU A 439 -16.62 22.51 17.81
C LEU A 439 -17.08 23.41 16.67
N SER A 440 -18.34 23.84 16.72
CA SER A 440 -18.93 24.70 15.68
C SER A 440 -18.12 25.99 15.53
N ARG A 441 -17.79 26.59 16.66
CA ARG A 441 -17.06 27.86 16.69
C ARG A 441 -15.63 27.66 16.21
N ALA A 442 -15.04 26.54 16.63
CA ALA A 442 -13.68 26.15 16.18
C ALA A 442 -13.62 25.89 14.67
N ASN A 443 -14.70 25.36 14.09
CA ASN A 443 -14.77 25.07 12.64
C ASN A 443 -15.26 26.24 11.78
N ALA A 444 -15.72 27.32 12.42
CA ALA A 444 -16.28 28.47 11.68
C ALA A 444 -15.19 29.39 11.13
N THR A 445 -14.42 28.83 10.20
CA THR A 445 -13.28 29.50 9.59
C THR A 445 -13.07 28.83 8.24
N GLU A 446 -12.60 29.61 7.27
CA GLU A 446 -12.21 29.05 5.98
C GLU A 446 -10.78 28.47 5.97
N PHE A 447 -10.07 28.64 7.07
CA PHE A 447 -8.80 27.95 7.28
C PHE A 447 -9.06 26.52 7.76
N GLY A 448 -8.05 25.66 7.68
CA GLY A 448 -8.15 24.30 8.20
C GLY A 448 -6.83 23.55 8.16
N LEU A 449 -5.81 24.14 8.77
CA LEU A 449 -4.46 23.61 8.70
C LEU A 449 -4.20 22.67 9.87
N ALA A 450 -4.44 23.17 11.08
CA ALA A 450 -4.23 22.36 12.27
C ALA A 450 -5.29 22.67 13.30
N SER A 451 -5.20 21.96 14.42
CA SER A 451 -6.16 22.07 15.49
C SER A 451 -5.60 21.23 16.62
N GLY A 452 -6.16 21.37 17.81
CA GLY A 452 -5.71 20.61 18.97
C GLY A 452 -6.80 20.49 20.01
N VAL A 453 -6.72 19.44 20.84
CA VAL A 453 -7.63 19.26 21.94
C VAL A 453 -6.89 18.72 23.15
N PHE A 454 -7.07 19.33 24.32
CA PHE A 454 -6.54 18.78 25.56
C PHE A 454 -7.69 18.24 26.42
N THR A 455 -7.64 16.94 26.68
CA THR A 455 -8.61 16.25 27.54
C THR A 455 -8.05 14.89 27.97
N ARG A 456 -8.40 14.45 29.17
CA ARG A 456 -8.03 13.11 29.62
C ARG A 456 -9.08 12.09 29.20
N ASP A 457 -10.23 12.57 28.74
CA ASP A 457 -11.37 11.71 28.39
C ASP A 457 -11.21 11.15 26.97
N ILE A 458 -11.06 9.84 26.88
CA ILE A 458 -10.84 9.16 25.60
C ILE A 458 -11.96 9.43 24.60
N ASN A 459 -13.21 9.40 25.07
CA ASN A 459 -14.36 9.54 24.19
C ASN A 459 -14.45 10.92 23.55
N LYS A 460 -14.26 11.93 24.38
CA LYS A 460 -14.23 13.32 23.96
C LYS A 460 -13.09 13.57 22.97
N ALA A 461 -11.88 13.08 23.30
CA ALA A 461 -10.71 13.22 22.43
C ALA A 461 -10.96 12.68 21.02
N LEU A 462 -11.48 11.45 20.95
CA LEU A 462 -11.71 10.79 19.66
C LEU A 462 -12.84 11.45 18.89
N TYR A 463 -13.91 11.81 19.58
CA TYR A 463 -15.03 12.53 18.98
C TYR A 463 -14.58 13.90 18.45
N VAL A 464 -13.89 14.67 19.29
CA VAL A 464 -13.37 15.97 18.85
C VAL A 464 -12.44 15.85 17.63
N SER A 465 -11.55 14.85 17.62
CA SER A 465 -10.62 14.73 16.47
C SER A 465 -11.37 14.39 15.17
N ASP A 466 -12.47 13.64 15.27
CA ASP A 466 -13.35 13.38 14.12
C ASP A 466 -13.98 14.64 13.58
N LYS A 467 -14.44 15.48 14.49
CA LYS A 467 -15.29 16.63 14.13
C LYS A 467 -14.52 17.87 13.67
N LEU A 468 -13.25 17.98 14.08
CA LEU A 468 -12.42 19.12 13.71
C LEU A 468 -12.10 19.10 12.22
N GLN A 469 -12.33 20.23 11.55
CA GLN A 469 -12.11 20.34 10.13
C GLN A 469 -10.73 20.89 9.83
N ALA A 470 -9.70 20.08 10.09
CA ALA A 470 -8.32 20.51 9.93
C ALA A 470 -7.46 19.33 9.56
N GLY A 471 -6.43 19.61 8.77
CA GLY A 471 -5.53 18.57 8.24
C GLY A 471 -4.67 17.86 9.27
N THR A 472 -4.49 18.50 10.43
CA THR A 472 -3.81 17.89 11.57
C THR A 472 -4.59 18.15 12.84
N VAL A 473 -4.79 17.11 13.63
CA VAL A 473 -5.37 17.25 14.96
C VAL A 473 -4.38 16.72 15.99
N PHE A 474 -3.94 17.59 16.89
CA PHE A 474 -3.11 17.20 18.01
C PHE A 474 -3.98 16.88 19.21
N ILE A 475 -3.65 15.80 19.92
CA ILE A 475 -4.40 15.39 21.10
C ILE A 475 -3.42 15.32 22.26
N ASN A 476 -3.62 16.21 23.24
CA ASN A 476 -2.77 16.30 24.43
C ASN A 476 -1.31 16.63 24.10
N THR A 477 -1.11 17.31 22.99
CA THR A 477 0.19 17.85 22.62
C THR A 477 -0.08 18.94 21.60
N TYR A 478 0.97 19.60 21.12
CA TYR A 478 0.82 20.57 20.03
C TYR A 478 2.17 20.76 19.34
N ASN A 479 2.12 21.16 18.07
CA ASN A 479 3.34 21.39 17.27
C ASN A 479 4.17 20.12 17.09
N LYS A 480 3.54 18.97 17.29
CA LYS A 480 4.25 17.70 17.16
C LYS A 480 4.22 17.22 15.71
N THR A 481 5.01 17.89 14.87
CA THR A 481 5.19 17.47 13.48
C THR A 481 6.29 16.40 13.45
N ASP A 482 6.31 15.63 12.37
CA ASP A 482 7.32 14.58 12.21
C ASP A 482 7.53 14.34 10.72
N VAL A 483 8.76 14.05 10.32
CA VAL A 483 9.07 13.92 8.88
C VAL A 483 8.26 12.79 8.19
N ALA A 484 7.76 11.84 8.97
CA ALA A 484 6.96 10.74 8.45
C ALA A 484 5.45 11.02 8.47
N ALA A 485 5.05 12.13 9.08
CA ALA A 485 3.63 12.44 9.27
C ALA A 485 3.17 13.53 8.29
N PRO A 486 2.25 13.18 7.38
CA PRO A 486 1.83 14.15 6.35
C PRO A 486 1.23 15.42 6.95
N PHE A 487 1.58 16.54 6.32
CA PHE A 487 1.27 17.86 6.82
C PHE A 487 0.65 18.65 5.66
N GLY A 488 -0.61 19.04 5.81
CA GLY A 488 -1.31 19.80 4.81
C GLY A 488 -2.69 20.25 5.25
N GLY A 489 -3.24 21.22 4.53
CA GLY A 489 -4.49 21.88 4.95
C GLY A 489 -5.73 21.44 4.19
N PHE A 490 -6.88 21.77 4.79
CA PHE A 490 -8.20 21.63 4.17
C PHE A 490 -8.73 23.04 3.85
N LYS A 491 -9.79 23.12 3.05
CA LYS A 491 -10.42 24.41 2.70
C LYS A 491 -9.39 25.40 2.14
N GLN A 492 -9.41 26.65 2.63
CA GLN A 492 -8.51 27.67 2.09
C GLN A 492 -7.10 27.66 2.70
N SER A 493 -6.80 26.63 3.51
CA SER A 493 -5.41 26.37 3.91
C SER A 493 -4.68 25.56 2.83
N GLY A 494 -5.39 25.22 1.76
CA GLY A 494 -4.75 24.61 0.58
C GLY A 494 -5.03 23.12 0.40
N PHE A 495 -4.07 22.44 -0.25
CA PHE A 495 -4.16 21.00 -0.55
C PHE A 495 -2.78 20.45 -0.89
N GLY A 496 -2.64 19.13 -0.79
CA GLY A 496 -1.35 18.49 -0.99
C GLY A 496 -0.63 18.39 0.35
N LYS A 497 0.24 17.38 0.46
CA LYS A 497 0.95 17.16 1.71
C LYS A 497 2.43 17.46 1.58
N ASP A 498 3.01 18.00 2.65
CA ASP A 498 4.46 17.94 2.86
C ASP A 498 4.68 16.91 3.95
N LEU A 499 5.84 16.25 3.88
CA LEU A 499 6.22 15.20 4.82
C LEU A 499 5.42 13.91 4.62
N GLY A 500 6.01 12.81 5.07
CA GLY A 500 5.42 11.49 4.92
C GLY A 500 5.45 10.97 3.50
N GLU A 501 5.03 9.72 3.34
CA GLU A 501 4.91 9.11 2.02
C GLU A 501 4.03 9.95 1.09
N ALA A 502 2.93 10.50 1.61
CA ALA A 502 1.99 11.29 0.81
C ALA A 502 2.62 12.46 0.08
N ALA A 503 3.67 13.07 0.65
CA ALA A 503 4.36 14.19 -0.02
C ALA A 503 4.91 13.82 -1.40
N LEU A 504 5.31 12.56 -1.55
CA LEU A 504 5.92 12.08 -2.78
C LEU A 504 4.94 12.17 -3.95
N ASN A 505 3.66 11.96 -3.66
CA ASN A 505 2.65 11.98 -4.69
C ASN A 505 2.51 13.30 -5.42
N GLU A 506 2.91 14.40 -4.76
CA GLU A 506 2.95 15.71 -5.43
C GLU A 506 4.10 15.83 -6.42
N TYR A 507 5.09 14.96 -6.31
CA TYR A 507 6.32 15.07 -7.10
C TYR A 507 6.51 13.89 -8.06
N LEU A 508 5.48 13.06 -8.18
CA LEU A 508 5.51 11.88 -9.04
C LEU A 508 4.34 11.93 -9.99
N ARG A 509 4.50 11.29 -11.14
CA ARG A 509 3.37 11.06 -12.04
C ARG A 509 3.22 9.55 -12.21
N ILE A 510 2.00 9.11 -12.52
CA ILE A 510 1.76 7.69 -12.76
C ILE A 510 1.55 7.40 -14.26
N LYS A 511 2.41 6.56 -14.83
CA LYS A 511 2.24 6.08 -16.21
C LYS A 511 1.65 4.68 -16.22
N THR A 512 0.49 4.52 -16.85
CA THR A 512 -0.12 3.20 -16.99
C THR A 512 0.37 2.54 -18.28
N VAL A 513 0.89 1.31 -18.16
CA VAL A 513 1.34 0.57 -19.34
C VAL A 513 0.54 -0.72 -19.48
N THR A 514 -0.16 -0.86 -20.60
CA THR A 514 -1.05 -1.98 -20.83
C THR A 514 -0.66 -2.74 -22.10
N PHE A 515 -0.27 -4.01 -21.92
CA PHE A 515 0.12 -4.91 -23.01
C PHE A 515 -1.04 -5.82 -23.36
N GLU A 516 -1.12 -6.22 -24.63
CA GLU A 516 -1.86 -7.41 -25.01
C GLU A 516 -0.85 -8.40 -25.57
N TYR A 517 -0.98 -9.67 -25.22
CA TYR A 517 -0.08 -10.71 -25.73
C TYR A 517 -0.81 -12.04 -25.89
N VAL B 20 -44.31 11.15 -8.80
CA VAL B 20 -44.59 10.97 -10.26
C VAL B 20 -43.68 11.88 -11.10
N ILE B 21 -42.88 11.25 -11.97
CA ILE B 21 -41.90 11.93 -12.80
C ILE B 21 -42.45 12.11 -14.22
N ASN B 22 -42.30 13.32 -14.78
CA ASN B 22 -42.62 13.57 -16.19
C ASN B 22 -41.57 12.99 -17.12
N TYR B 23 -42.04 12.28 -18.15
CA TYR B 23 -41.16 11.65 -19.13
C TYR B 23 -41.43 12.13 -20.54
N VAL B 24 -40.40 12.07 -21.36
CA VAL B 24 -40.56 12.07 -22.79
C VAL B 24 -40.53 10.59 -23.18
N GLU B 25 -41.67 10.10 -23.63
CA GLU B 25 -41.82 8.71 -24.02
C GLU B 25 -41.51 8.59 -25.51
N LYS B 26 -40.77 7.54 -25.89
CA LYS B 26 -40.46 7.29 -27.29
C LYS B 26 -40.37 5.80 -27.54
N ALA B 27 -41.06 5.33 -28.58
CA ALA B 27 -41.03 3.92 -28.95
C ALA B 27 -40.00 3.71 -30.06
N VAL B 28 -38.84 3.16 -29.69
CA VAL B 28 -37.73 2.92 -30.60
C VAL B 28 -36.95 1.71 -30.14
N ASN B 29 -36.32 1.02 -31.10
CA ASN B 29 -35.44 -0.10 -30.82
C ASN B 29 -36.15 -1.21 -30.05
N LYS B 30 -37.45 -1.37 -30.33
CA LYS B 30 -38.29 -2.39 -29.68
C LYS B 30 -38.40 -2.16 -28.17
N LEU B 31 -38.35 -0.89 -27.76
CA LEU B 31 -38.48 -0.50 -26.37
C LEU B 31 -39.38 0.71 -26.30
N THR B 32 -39.86 1.01 -25.10
CA THR B 32 -40.53 2.26 -24.84
C THR B 32 -39.66 3.03 -23.85
N LEU B 33 -38.89 3.97 -24.37
CA LEU B 33 -38.04 4.81 -23.54
C LEU B 33 -38.89 5.74 -22.71
N GLN B 34 -38.47 5.92 -21.46
CA GLN B 34 -39.07 6.91 -20.58
C GLN B 34 -37.98 7.85 -20.10
N MET B 35 -37.87 8.99 -20.76
CA MET B 35 -36.76 9.92 -20.55
C MET B 35 -37.16 11.14 -19.74
N PRO B 36 -36.61 11.27 -18.50
CA PRO B 36 -36.78 12.52 -17.78
C PRO B 36 -36.05 13.61 -18.54
N TYR B 37 -36.49 14.85 -18.41
CA TYR B 37 -35.95 15.96 -19.21
C TYR B 37 -35.74 17.20 -18.34
N GLN B 38 -36.00 17.08 -17.04
CA GLN B 38 -35.90 18.20 -16.10
C GLN B 38 -34.60 18.17 -15.27
N LEU B 39 -34.32 19.26 -14.56
CA LEU B 39 -33.24 19.32 -13.59
C LEU B 39 -33.50 18.32 -12.47
N PHE B 40 -32.44 17.70 -11.97
CA PHE B 40 -32.54 16.80 -10.83
C PHE B 40 -31.87 17.45 -9.62
N ILE B 41 -32.68 17.85 -8.64
CA ILE B 41 -32.19 18.58 -7.48
C ILE B 41 -32.86 18.02 -6.25
N GLY B 42 -32.06 17.66 -5.25
CA GLY B 42 -32.58 17.17 -3.97
C GLY B 42 -33.58 16.02 -4.11
N GLY B 43 -33.29 15.10 -5.03
CA GLY B 43 -34.11 13.90 -5.19
C GLY B 43 -35.39 14.10 -5.98
N GLU B 44 -35.56 15.26 -6.59
CA GLU B 44 -36.74 15.47 -7.43
C GLU B 44 -36.41 16.13 -8.75
N PHE B 45 -37.20 15.82 -9.76
CA PHE B 45 -37.11 16.44 -11.06
C PHE B 45 -37.93 17.71 -11.07
N VAL B 46 -37.28 18.82 -11.41
CA VAL B 46 -37.91 20.14 -11.34
C VAL B 46 -37.52 20.96 -12.56
N ASP B 47 -38.38 21.91 -12.94
CA ASP B 47 -38.05 22.85 -14.01
C ASP B 47 -36.96 23.80 -13.55
N ALA B 48 -36.21 24.32 -14.50
CA ALA B 48 -35.26 25.40 -14.25
C ALA B 48 -36.02 26.67 -13.88
N GLU B 49 -35.30 27.65 -13.33
CA GLU B 49 -35.84 28.96 -13.08
C GLU B 49 -36.43 29.56 -14.35
N GLY B 50 -37.66 30.06 -14.23
CA GLY B 50 -38.39 30.64 -15.36
C GLY B 50 -38.82 29.62 -16.41
N SER B 51 -38.84 28.35 -16.03
CA SER B 51 -39.17 27.23 -16.93
C SER B 51 -38.42 27.23 -18.27
N LYS B 52 -37.21 27.78 -18.28
CA LYS B 52 -36.40 27.80 -19.48
C LYS B 52 -35.99 26.40 -19.93
N THR B 53 -35.94 26.22 -21.24
CA THR B 53 -35.59 24.94 -21.85
C THR B 53 -34.70 25.16 -23.05
N TYR B 54 -34.17 24.06 -23.60
CA TYR B 54 -33.45 24.07 -24.86
C TYR B 54 -33.67 22.73 -25.55
N ASN B 55 -33.29 22.64 -26.82
CA ASN B 55 -33.46 21.43 -27.60
C ASN B 55 -32.21 20.56 -27.62
N THR B 56 -32.39 19.25 -27.44
CA THR B 56 -31.32 18.31 -27.68
C THR B 56 -31.57 17.64 -29.01
N ILE B 57 -30.53 17.53 -29.82
CA ILE B 57 -30.63 17.15 -31.22
C ILE B 57 -30.09 15.73 -31.47
N ASN B 58 -30.89 14.92 -32.16
CA ASN B 58 -30.51 13.59 -32.63
C ASN B 58 -29.55 13.68 -33.83
N PRO B 59 -28.31 13.19 -33.69
CA PRO B 59 -27.32 13.32 -34.78
C PRO B 59 -27.53 12.41 -36.00
N THR B 60 -28.43 11.44 -35.89
CA THR B 60 -28.70 10.55 -37.04
C THR B 60 -29.52 11.27 -38.14
N ASP B 61 -30.40 12.19 -37.75
CA ASP B 61 -31.27 12.89 -38.72
C ASP B 61 -31.44 14.39 -38.46
N GLY B 62 -30.81 14.91 -37.43
CA GLY B 62 -30.85 16.34 -37.14
C GLY B 62 -32.11 16.82 -36.45
N SER B 63 -32.99 15.89 -36.08
CA SER B 63 -34.26 16.25 -35.45
C SER B 63 -34.10 16.60 -33.98
N VAL B 64 -35.10 17.29 -33.44
CA VAL B 64 -35.18 17.57 -32.02
C VAL B 64 -35.72 16.33 -31.30
N ILE B 65 -34.96 15.82 -30.34
CA ILE B 65 -35.41 14.70 -29.51
C ILE B 65 -36.49 15.16 -28.55
N CYS B 66 -36.21 16.25 -27.82
CA CYS B 66 -37.15 16.83 -26.88
C CYS B 66 -36.56 18.13 -26.34
N GLN B 67 -37.36 18.84 -25.53
CA GLN B 67 -36.91 19.98 -24.77
C GLN B 67 -36.33 19.48 -23.44
N VAL B 68 -35.33 20.19 -22.92
CA VAL B 68 -34.66 19.82 -21.65
C VAL B 68 -34.53 21.09 -20.82
N SER B 69 -34.76 21.00 -19.51
CA SER B 69 -34.62 22.18 -18.64
C SER B 69 -33.22 22.79 -18.76
N LEU B 70 -33.18 24.12 -18.74
CA LEU B 70 -31.93 24.86 -18.89
C LEU B 70 -31.56 25.54 -17.58
N ALA B 71 -30.67 24.90 -16.81
CA ALA B 71 -30.33 25.36 -15.46
C ALA B 71 -29.80 26.78 -15.44
N GLN B 72 -30.28 27.54 -14.46
CA GLN B 72 -29.84 28.91 -14.21
C GLN B 72 -28.94 28.98 -12.96
N VAL B 73 -28.29 30.12 -12.73
CA VAL B 73 -27.44 30.29 -11.55
C VAL B 73 -28.18 29.91 -10.26
N SER B 74 -29.44 30.33 -10.13
CA SER B 74 -30.20 30.05 -8.91
C SER B 74 -30.43 28.54 -8.74
N ASP B 75 -30.48 27.82 -9.86
CA ASP B 75 -30.62 26.35 -9.82
C ASP B 75 -29.33 25.67 -9.37
N VAL B 76 -28.19 26.20 -9.81
CA VAL B 76 -26.90 25.73 -9.33
C VAL B 76 -26.83 25.90 -7.81
N ASP B 77 -27.26 27.07 -7.31
CA ASP B 77 -27.19 27.30 -5.87
C ASP B 77 -28.09 26.35 -5.09
N LYS B 78 -29.25 26.01 -5.65
CA LYS B 78 -30.16 25.07 -5.01
C LYS B 78 -29.56 23.67 -4.99
N ALA B 79 -28.93 23.26 -6.09
CA ALA B 79 -28.29 21.95 -6.18
C ALA B 79 -27.12 21.84 -5.21
N VAL B 80 -26.29 22.87 -5.15
CA VAL B 80 -25.18 22.89 -4.18
C VAL B 80 -25.69 22.84 -2.73
N ALA B 81 -26.74 23.61 -2.44
CA ALA B 81 -27.37 23.62 -1.12
C ALA B 81 -27.88 22.25 -0.73
N ALA B 82 -28.52 21.59 -1.69
CA ALA B 82 -29.02 20.23 -1.50
C ALA B 82 -27.86 19.23 -1.27
N ALA B 83 -26.79 19.37 -2.06
CA ALA B 83 -25.60 18.54 -1.88
C ALA B 83 -24.97 18.77 -0.51
N LYS B 84 -24.86 20.03 -0.11
CA LYS B 84 -24.29 20.40 1.18
C LYS B 84 -25.08 19.81 2.35
N GLU B 85 -26.40 19.93 2.30
CA GLU B 85 -27.27 19.37 3.34
C GLU B 85 -27.18 17.84 3.41
N ALA B 86 -27.22 17.19 2.25
CA ALA B 86 -27.09 15.73 2.15
C ALA B 86 -25.78 15.22 2.77
N PHE B 87 -24.70 15.97 2.57
CA PHE B 87 -23.39 15.61 3.11
C PHE B 87 -23.31 15.85 4.62
N GLU B 88 -23.66 17.07 5.03
CA GLU B 88 -23.51 17.48 6.44
C GLU B 88 -24.53 16.85 7.38
N ASN B 89 -25.76 16.69 6.92
CA ASN B 89 -26.85 16.27 7.81
C ASN B 89 -27.61 15.03 7.38
N GLY B 90 -27.55 14.71 6.09
CA GLY B 90 -28.29 13.59 5.54
C GLY B 90 -27.67 12.25 5.86
N LEU B 91 -28.38 11.19 5.47
CA LEU B 91 -28.02 9.82 5.73
C LEU B 91 -26.66 9.41 5.15
N TRP B 92 -26.32 9.96 3.99
CA TRP B 92 -25.08 9.60 3.25
C TRP B 92 -23.85 9.82 4.12
N GLY B 93 -23.90 10.86 4.95
CA GLY B 93 -22.77 11.16 5.82
C GLY B 93 -22.72 10.35 7.09
N LYS B 94 -23.75 9.52 7.33
CA LYS B 94 -23.89 8.80 8.59
C LYS B 94 -23.74 7.28 8.46
N ILE B 95 -24.04 6.74 7.28
CA ILE B 95 -24.02 5.29 7.09
C ILE B 95 -22.58 4.75 7.11
N ASN B 96 -22.43 3.47 7.39
CA ASN B 96 -21.16 2.77 7.29
C ASN B 96 -20.61 2.85 5.85
N ALA B 97 -19.29 2.91 5.72
CA ALA B 97 -18.65 2.78 4.42
C ALA B 97 -19.16 1.55 3.67
N ARG B 98 -19.29 0.43 4.38
CA ARG B 98 -19.82 -0.82 3.81
C ARG B 98 -21.22 -0.65 3.21
N ASP B 99 -22.06 0.13 3.88
CA ASP B 99 -23.44 0.33 3.45
C ASP B 99 -23.52 1.34 2.32
N ARG B 100 -22.60 2.30 2.31
CA ARG B 100 -22.44 3.18 1.15
C ARG B 100 -22.11 2.33 -0.08
N GLY B 101 -21.18 1.39 0.08
CA GLY B 101 -20.84 0.44 -0.97
C GLY B 101 -22.03 -0.36 -1.46
N ARG B 102 -22.82 -0.89 -0.52
CA ARG B 102 -24.04 -1.63 -0.86
C ARG B 102 -24.95 -0.81 -1.78
N LEU B 103 -25.15 0.46 -1.43
CA LEU B 103 -25.98 1.35 -2.24
C LEU B 103 -25.44 1.59 -3.65
N LEU B 104 -24.11 1.68 -3.77
CA LEU B 104 -23.50 1.87 -5.08
C LEU B 104 -23.53 0.59 -5.89
N TYR B 105 -23.42 -0.57 -5.23
CA TYR B 105 -23.60 -1.86 -5.91
C TYR B 105 -25.05 -2.06 -6.38
C TYR B 105 -25.04 -1.93 -6.45
N ARG B 106 -26.00 -1.57 -5.59
CA ARG B 106 -27.41 -1.59 -5.98
C ARG B 106 -27.63 -0.67 -7.17
N LEU B 107 -27.03 0.53 -7.14
CA LEU B 107 -27.10 1.45 -8.27
C LEU B 107 -26.60 0.81 -9.58
N ALA B 108 -25.46 0.13 -9.52
CA ALA B 108 -24.95 -0.61 -10.66
C ALA B 108 -25.94 -1.67 -11.16
N ASP B 109 -26.54 -2.45 -10.25
CA ASP B 109 -27.58 -3.43 -10.60
C ASP B 109 -28.76 -2.79 -11.32
N VAL B 110 -29.25 -1.66 -10.81
CA VAL B 110 -30.34 -0.91 -11.44
C VAL B 110 -29.94 -0.44 -12.86
N MET B 111 -28.72 0.07 -13.01
CA MET B 111 -28.18 0.42 -14.32
C MET B 111 -28.18 -0.79 -15.27
N GLU B 112 -27.76 -1.94 -14.77
CA GLU B 112 -27.76 -3.17 -15.56
C GLU B 112 -29.19 -3.63 -15.96
N GLN B 113 -30.14 -3.51 -15.03
CA GLN B 113 -31.56 -3.79 -15.31
C GLN B 113 -32.10 -2.84 -16.40
N HIS B 114 -31.51 -1.65 -16.50
CA HIS B 114 -31.95 -0.66 -17.49
C HIS B 114 -30.98 -0.49 -18.66
N GLN B 115 -30.13 -1.47 -18.91
CA GLN B 115 -29.00 -1.27 -19.82
C GLN B 115 -29.37 -1.08 -21.29
N GLU B 116 -30.39 -1.80 -21.75
CA GLU B 116 -30.87 -1.68 -23.14
C GLU B 116 -31.47 -0.30 -23.35
N GLU B 117 -32.26 0.16 -22.38
CA GLU B 117 -32.85 1.49 -22.41
C GLU B 117 -31.78 2.58 -22.41
N LEU B 118 -30.82 2.49 -21.48
CA LEU B 118 -29.71 3.45 -21.40
C LEU B 118 -28.91 3.52 -22.69
N ALA B 119 -28.58 2.34 -23.24
CA ALA B 119 -27.80 2.27 -24.50
C ALA B 119 -28.57 2.88 -25.68
N THR B 120 -29.89 2.67 -25.70
CA THR B 120 -30.75 3.26 -26.74
C THR B 120 -30.83 4.79 -26.63
N ILE B 121 -31.00 5.28 -25.40
CA ILE B 121 -30.96 6.72 -25.14
C ILE B 121 -29.63 7.32 -25.62
N GLU B 122 -28.52 6.62 -25.29
CA GLU B 122 -27.20 7.09 -25.70
C GLU B 122 -27.04 7.09 -27.24
N ALA B 123 -27.65 6.12 -27.90
CA ALA B 123 -27.65 6.08 -29.36
C ALA B 123 -28.35 7.31 -29.94
N LEU B 124 -29.52 7.63 -29.37
CA LEU B 124 -30.28 8.81 -29.79
C LEU B 124 -29.56 10.12 -29.51
N ASP B 125 -28.98 10.23 -28.32
CA ASP B 125 -28.45 11.51 -27.83
C ASP B 125 -27.05 11.79 -28.37
N ALA B 126 -26.23 10.75 -28.48
CA ALA B 126 -24.81 10.90 -28.80
C ALA B 126 -24.40 10.28 -30.14
N GLY B 127 -25.31 9.53 -30.75
CA GLY B 127 -25.01 8.83 -31.99
C GLY B 127 -24.16 7.59 -31.76
N ALA B 128 -24.11 7.13 -30.51
CA ALA B 128 -23.32 5.95 -30.16
C ALA B 128 -23.95 4.71 -30.76
N VAL B 129 -23.17 3.93 -31.49
CA VAL B 129 -23.66 2.71 -32.08
C VAL B 129 -24.18 1.83 -30.95
N TYR B 130 -25.43 1.36 -31.10
CA TYR B 130 -26.12 0.67 -30.01
C TYR B 130 -25.34 -0.51 -29.43
N THR B 131 -24.81 -1.38 -30.30
CA THR B 131 -24.05 -2.55 -29.85
C THR B 131 -22.81 -2.14 -29.06
N LEU B 132 -22.19 -1.04 -29.47
CA LEU B 132 -21.04 -0.49 -28.74
C LEU B 132 -21.47 0.21 -27.46
N ALA B 133 -22.60 0.91 -27.50
CA ALA B 133 -23.17 1.55 -26.31
C ALA B 133 -23.52 0.55 -25.21
N LEU B 134 -24.04 -0.62 -25.59
CA LEU B 134 -24.31 -1.68 -24.61
C LEU B 134 -23.06 -2.13 -23.88
N LYS B 135 -22.02 -2.42 -24.67
CA LYS B 135 -20.77 -2.99 -24.20
C LYS B 135 -19.86 -1.98 -23.49
N THR B 136 -19.78 -0.75 -24.02
CA THR B 136 -18.85 0.26 -23.53
C THR B 136 -19.53 1.43 -22.80
N HIS B 137 -20.26 2.28 -23.53
CA HIS B 137 -20.91 3.45 -22.94
C HIS B 137 -21.65 3.10 -21.65
N VAL B 138 -22.40 2.00 -21.70
CA VAL B 138 -23.21 1.56 -20.56
C VAL B 138 -22.51 0.43 -19.78
N GLY B 139 -22.02 -0.57 -20.50
CA GLY B 139 -21.37 -1.73 -19.88
C GLY B 139 -20.24 -1.31 -18.95
N MET B 140 -19.36 -0.42 -19.42
CA MET B 140 -18.26 0.04 -18.58
C MET B 140 -18.73 0.95 -17.43
N SER B 141 -19.81 1.69 -17.65
CA SER B 141 -20.41 2.51 -16.61
C SER B 141 -20.85 1.63 -15.45
N ILE B 142 -21.47 0.49 -15.78
CA ILE B 142 -21.91 -0.48 -14.79
C ILE B 142 -20.71 -1.07 -14.03
N GLN B 143 -19.70 -1.50 -14.79
CA GLN B 143 -18.43 -1.95 -14.20
C GLN B 143 -17.82 -0.90 -13.24
N THR B 144 -17.91 0.38 -13.62
CA THR B 144 -17.31 1.45 -12.83
C THR B 144 -17.94 1.55 -11.45
N PHE B 145 -19.27 1.57 -11.39
CA PHE B 145 -19.95 1.62 -10.09
C PHE B 145 -19.69 0.38 -9.25
N ARG B 146 -19.70 -0.80 -9.88
CA ARG B 146 -19.36 -2.03 -9.17
C ARG B 146 -17.95 -2.02 -8.58
N TYR B 147 -17.00 -1.58 -9.40
CA TYR B 147 -15.59 -1.47 -8.98
C TYR B 147 -15.44 -0.53 -7.79
N PHE B 148 -15.92 0.71 -7.93
CA PHE B 148 -15.77 1.66 -6.83
C PHE B 148 -16.60 1.33 -5.61
N ALA B 149 -17.74 0.65 -5.80
CA ALA B 149 -18.56 0.18 -4.68
C ALA B 149 -17.72 -0.74 -3.79
N GLY B 150 -16.85 -1.53 -4.41
CA GLY B 150 -15.94 -2.42 -3.68
C GLY B 150 -14.86 -1.71 -2.87
N TRP B 151 -14.50 -0.48 -3.27
CA TRP B 151 -13.48 0.32 -2.55
C TRP B 151 -13.95 0.91 -1.24
N CYS B 152 -15.26 1.15 -1.10
CA CYS B 152 -15.78 1.93 0.02
C CYS B 152 -15.23 1.53 1.38
N ASP B 153 -15.33 0.24 1.71
CA ASP B 153 -14.88 -0.22 3.02
C ASP B 153 -13.44 -0.75 3.00
N LYS B 154 -12.70 -0.39 1.95
CA LYS B 154 -11.31 -0.75 1.81
C LYS B 154 -10.42 0.48 1.65
N ILE B 155 -11.02 1.66 1.75
CA ILE B 155 -10.24 2.91 1.81
C ILE B 155 -9.65 3.00 3.22
N GLN B 156 -8.34 2.99 3.32
CA GLN B 156 -7.67 2.88 4.61
C GLN B 156 -6.62 3.96 4.84
N GLY B 157 -6.52 4.44 6.07
CA GLY B 157 -5.44 5.36 6.44
C GLY B 157 -4.27 4.57 6.99
N ALA B 158 -3.43 5.22 7.79
CA ALA B 158 -2.16 4.65 8.20
C ALA B 158 -1.91 4.86 9.69
N THR B 159 -1.02 4.06 10.27
CA THR B 159 -0.44 4.39 11.58
C THR B 159 1.06 4.48 11.35
N ILE B 160 1.69 5.49 11.94
CA ILE B 160 3.00 5.95 11.49
C ILE B 160 4.00 6.00 12.64
N PRO B 161 5.18 5.38 12.48
CA PRO B 161 6.14 5.29 13.58
C PRO B 161 6.98 6.57 13.77
N ILE B 162 6.33 7.64 14.21
CA ILE B 162 6.97 8.93 14.47
C ILE B 162 7.96 8.86 15.65
N ASN B 163 8.89 9.81 15.70
CA ASN B 163 9.77 9.97 16.85
C ASN B 163 8.98 10.27 18.11
N GLN B 164 9.37 9.65 19.22
CA GLN B 164 8.64 9.71 20.49
C GLN B 164 9.16 10.84 21.36
N ALA B 165 8.24 11.65 21.89
CA ALA B 165 8.61 12.75 22.78
C ALA B 165 8.91 12.22 24.18
N ARG B 166 10.04 11.52 24.32
CA ARG B 166 10.43 10.88 25.57
C ARG B 166 10.50 11.92 26.71
N PRO B 167 10.15 11.53 27.95
CA PRO B 167 9.76 10.20 28.42
C PRO B 167 8.30 9.82 28.10
N ASN B 168 7.62 10.63 27.30
CA ASN B 168 6.25 10.31 26.90
C ASN B 168 6.20 9.53 25.57
N ARG B 169 4.99 9.11 25.18
CA ARG B 169 4.79 8.32 23.96
C ARG B 169 3.92 9.08 22.97
N ASN B 170 4.03 8.73 21.69
CA ASN B 170 3.18 9.32 20.66
C ASN B 170 2.55 8.25 19.77
N LEU B 171 1.29 8.47 19.39
CA LEU B 171 0.63 7.69 18.36
C LEU B 171 0.24 8.67 17.25
N THR B 172 0.60 8.34 16.00
CA THR B 172 0.18 9.11 14.85
C THR B 172 -0.55 8.19 13.90
N LEU B 173 -1.77 8.57 13.56
CA LEU B 173 -2.54 7.87 12.56
C LEU B 173 -3.05 8.87 11.54
N THR B 174 -3.52 8.37 10.39
CA THR B 174 -4.23 9.23 9.45
C THR B 174 -5.62 8.66 9.25
N LYS B 175 -6.56 9.55 8.97
CA LYS B 175 -7.90 9.16 8.59
C LYS B 175 -8.14 9.68 7.19
C LYS B 175 -8.19 9.70 7.20
N LYS B 176 -8.69 8.84 6.32
CA LYS B 176 -9.08 9.29 4.99
C LYS B 176 -10.52 9.78 5.14
N GLU B 177 -10.76 11.03 4.78
CA GLU B 177 -12.10 11.60 4.90
C GLU B 177 -12.59 12.06 3.52
N PRO B 178 -13.92 12.14 3.32
CA PRO B 178 -14.44 12.76 2.08
C PRO B 178 -13.99 14.23 1.97
N VAL B 179 -13.86 14.73 0.74
CA VAL B 179 -13.59 16.17 0.56
C VAL B 179 -14.83 17.02 0.85
N GLY B 180 -16.01 16.46 0.64
CA GLY B 180 -17.26 17.21 0.79
C GLY B 180 -18.04 17.38 -0.51
N VAL B 181 -18.62 18.55 -0.71
CA VAL B 181 -19.44 18.83 -1.90
C VAL B 181 -18.54 18.98 -3.13
N CYS B 182 -18.81 18.16 -4.15
CA CYS B 182 -18.03 18.21 -5.38
C CYS B 182 -18.86 18.65 -6.57
N GLY B 183 -18.20 19.27 -7.54
CA GLY B 183 -18.80 19.54 -8.84
C GLY B 183 -18.10 18.70 -9.87
N ILE B 184 -18.88 18.09 -10.77
CA ILE B 184 -18.33 17.30 -11.85
C ILE B 184 -18.83 17.90 -13.17
N VAL B 185 -17.89 18.22 -14.05
CA VAL B 185 -18.19 18.81 -15.34
C VAL B 185 -17.59 17.90 -16.41
N ILE B 186 -18.43 17.45 -17.33
CA ILE B 186 -18.03 16.41 -18.28
C ILE B 186 -18.36 16.74 -19.74
N PRO B 187 -17.73 16.01 -20.69
CA PRO B 187 -17.97 16.29 -22.09
C PRO B 187 -19.04 15.37 -22.66
N TRP B 188 -19.15 15.41 -23.98
CA TRP B 188 -20.28 14.83 -24.70
C TRP B 188 -19.95 13.54 -25.45
N ASN B 189 -18.68 13.13 -25.48
CA ASN B 189 -18.31 11.96 -26.30
C ASN B 189 -18.81 10.60 -25.79
N TYR B 190 -18.77 10.40 -24.47
CA TYR B 190 -19.38 9.22 -23.85
C TYR B 190 -20.14 9.77 -22.66
N PRO B 191 -21.34 10.31 -22.89
CA PRO B 191 -22.04 11.05 -21.83
C PRO B 191 -22.21 10.26 -20.52
N LEU B 192 -22.82 9.08 -20.58
CA LEU B 192 -23.04 8.28 -19.36
C LEU B 192 -21.73 7.77 -18.75
N MET B 193 -20.80 7.38 -19.61
CA MET B 193 -19.58 6.73 -19.17
C MET B 193 -18.65 7.73 -18.44
N MET B 194 -18.45 8.91 -19.02
CA MET B 194 -17.66 9.95 -18.36
C MET B 194 -18.30 10.38 -17.03
N LEU B 195 -19.63 10.50 -17.03
CA LEU B 195 -20.35 10.78 -15.79
C LEU B 195 -20.02 9.71 -14.74
N SER B 196 -20.08 8.45 -15.17
CA SER B 196 -19.92 7.28 -14.30
C SER B 196 -18.50 7.14 -13.73
N TRP B 197 -17.49 7.24 -14.59
CA TRP B 197 -16.08 7.24 -14.15
C TRP B 197 -15.88 8.12 -12.92
N LYS B 198 -16.33 9.38 -13.03
CA LYS B 198 -16.02 10.38 -12.02
C LYS B 198 -16.99 10.30 -10.85
N THR B 199 -18.26 10.06 -11.16
CA THR B 199 -19.29 10.01 -10.14
C THR B 199 -19.11 8.81 -9.22
N ALA B 200 -18.77 7.65 -9.79
CA ALA B 200 -18.53 6.44 -9.00
C ALA B 200 -17.42 6.66 -7.96
N ALA B 201 -16.28 7.18 -8.41
CA ALA B 201 -15.16 7.47 -7.50
C ALA B 201 -15.56 8.52 -6.46
N CYS B 202 -16.24 9.58 -6.90
CA CYS B 202 -16.71 10.65 -6.02
C CYS B 202 -17.62 10.14 -4.90
N LEU B 203 -18.62 9.35 -5.26
CA LEU B 203 -19.55 8.80 -4.28
C LEU B 203 -18.92 7.72 -3.41
N ALA B 204 -18.07 6.87 -3.99
CA ALA B 204 -17.43 5.80 -3.24
C ALA B 204 -16.60 6.37 -2.08
N ALA B 205 -16.02 7.55 -2.30
CA ALA B 205 -15.23 8.24 -1.28
C ALA B 205 -16.10 8.98 -0.25
N GLY B 206 -17.42 8.94 -0.42
CA GLY B 206 -18.33 9.51 0.59
C GLY B 206 -18.76 10.95 0.35
N ASN B 207 -18.47 11.48 -0.83
CA ASN B 207 -18.85 12.83 -1.18
C ASN B 207 -20.30 12.92 -1.69
N THR B 208 -20.77 14.15 -1.85
CA THR B 208 -22.01 14.41 -2.57
C THR B 208 -21.64 15.29 -3.77
N VAL B 209 -22.53 15.39 -4.73
CA VAL B 209 -22.12 15.92 -6.02
C VAL B 209 -23.20 16.70 -6.78
N VAL B 210 -22.73 17.70 -7.53
CA VAL B 210 -23.54 18.37 -8.53
C VAL B 210 -22.87 18.13 -9.88
N ILE B 211 -23.61 17.51 -10.79
CA ILE B 211 -23.06 17.12 -12.09
C ILE B 211 -23.63 18.00 -13.20
N LYS B 212 -22.74 18.48 -14.06
CA LYS B 212 -23.08 19.24 -15.24
C LYS B 212 -22.72 18.41 -16.46
N PRO B 213 -23.72 17.73 -17.06
CA PRO B 213 -23.43 17.05 -18.33
C PRO B 213 -23.18 18.09 -19.41
N ALA B 214 -22.57 17.67 -20.52
CA ALA B 214 -22.40 18.57 -21.66
C ALA B 214 -23.80 19.00 -22.09
N GLN B 215 -23.99 20.29 -22.36
CA GLN B 215 -25.34 20.77 -22.72
C GLN B 215 -25.94 19.92 -23.87
N VAL B 216 -25.12 19.59 -24.86
CA VAL B 216 -25.63 18.85 -26.02
C VAL B 216 -26.02 17.40 -25.76
N THR B 217 -25.60 16.83 -24.61
CA THR B 217 -25.93 15.44 -24.28
C THR B 217 -26.42 15.26 -22.83
N PRO B 218 -27.66 15.69 -22.53
CA PRO B 218 -28.11 15.57 -21.15
C PRO B 218 -28.85 14.28 -20.81
N LEU B 219 -29.26 13.51 -21.80
CA LEU B 219 -30.31 12.51 -21.58
C LEU B 219 -29.98 11.28 -20.73
N THR B 220 -28.84 10.63 -20.98
CA THR B 220 -28.48 9.50 -20.11
C THR B 220 -28.19 9.93 -18.69
N ALA B 221 -27.63 11.13 -18.52
CA ALA B 221 -27.42 11.71 -17.19
C ALA B 221 -28.74 11.87 -16.41
N LEU B 222 -29.77 12.36 -17.08
CA LEU B 222 -31.07 12.53 -16.43
C LEU B 222 -31.76 11.18 -16.16
N LYS B 223 -31.56 10.22 -17.05
CA LYS B 223 -32.09 8.88 -16.77
C LYS B 223 -31.30 8.21 -15.63
N PHE B 224 -29.98 8.39 -15.63
CA PHE B 224 -29.16 7.94 -14.50
C PHE B 224 -29.67 8.52 -13.17
N ALA B 225 -29.99 9.81 -13.18
CA ALA B 225 -30.56 10.49 -12.02
C ALA B 225 -31.76 9.75 -11.47
N GLU B 226 -32.70 9.40 -12.35
CA GLU B 226 -33.88 8.63 -11.93
C GLU B 226 -33.48 7.28 -11.35
N LEU B 227 -32.45 6.65 -11.93
CA LEU B 227 -31.97 5.38 -11.39
C LEU B 227 -31.39 5.50 -9.97
N THR B 228 -30.81 6.65 -9.62
CA THR B 228 -30.36 6.86 -8.23
C THR B 228 -31.52 6.78 -7.23
N LEU B 229 -32.71 7.24 -7.64
CA LEU B 229 -33.93 7.11 -6.84
C LEU B 229 -34.34 5.65 -6.67
N LYS B 230 -34.33 4.91 -7.78
CA LYS B 230 -34.66 3.49 -7.76
C LYS B 230 -33.69 2.68 -6.92
N ALA B 231 -32.42 3.11 -6.85
CA ALA B 231 -31.40 2.42 -6.06
C ALA B 231 -31.43 2.84 -4.58
N GLY B 232 -32.18 3.89 -4.28
CA GLY B 232 -32.26 4.39 -2.91
C GLY B 232 -31.07 5.24 -2.48
N ILE B 233 -30.43 5.92 -3.42
CA ILE B 233 -29.42 6.91 -3.05
C ILE B 233 -30.14 8.07 -2.34
N PRO B 234 -29.71 8.41 -1.10
CA PRO B 234 -30.40 9.48 -0.38
C PRO B 234 -30.53 10.77 -1.19
N LYS B 235 -31.63 11.49 -0.99
N LYS B 235 -31.64 11.48 -1.01
CA LYS B 235 -31.90 12.73 -1.72
CA LYS B 235 -31.91 12.70 -1.77
C LYS B 235 -30.80 13.77 -1.50
C LYS B 235 -30.86 13.78 -1.50
N GLY B 236 -30.42 14.47 -2.57
CA GLY B 236 -29.37 15.50 -2.49
C GLY B 236 -27.94 15.02 -2.73
N VAL B 237 -27.73 13.71 -2.64
CA VAL B 237 -26.40 13.12 -2.85
C VAL B 237 -25.95 13.32 -4.30
N VAL B 238 -26.89 13.11 -5.23
CA VAL B 238 -26.65 13.32 -6.66
C VAL B 238 -27.61 14.41 -7.19
N ASN B 239 -27.04 15.44 -7.80
CA ASN B 239 -27.82 16.49 -8.44
C ASN B 239 -27.27 16.72 -9.84
N ILE B 240 -28.16 16.87 -10.81
CA ILE B 240 -27.74 16.97 -12.21
C ILE B 240 -28.40 18.16 -12.89
N LEU B 241 -27.57 19.01 -13.49
CA LEU B 241 -27.99 20.28 -14.05
C LEU B 241 -27.60 20.44 -15.52
N PRO B 242 -28.46 19.97 -16.46
CA PRO B 242 -28.23 20.29 -17.88
C PRO B 242 -28.15 21.81 -18.08
N GLY B 243 -27.25 22.25 -18.94
CA GLY B 243 -27.01 23.69 -19.10
C GLY B 243 -25.60 23.98 -19.56
N SER B 244 -25.31 25.27 -19.73
CA SER B 244 -24.06 25.68 -20.31
C SER B 244 -22.93 25.69 -19.30
N GLY B 245 -21.73 25.41 -19.78
CA GLY B 245 -20.54 25.55 -18.98
C GLY B 245 -20.29 26.98 -18.55
N SER B 246 -20.52 27.95 -19.45
CA SER B 246 -20.21 29.34 -19.12
C SER B 246 -21.13 29.91 -18.03
N LEU B 247 -22.28 29.28 -17.83
CA LEU B 247 -23.19 29.70 -16.76
C LEU B 247 -23.16 28.70 -15.59
N VAL B 248 -23.57 27.46 -15.86
CA VAL B 248 -23.71 26.44 -14.82
C VAL B 248 -22.35 25.94 -14.34
N GLY B 249 -21.48 25.58 -15.28
CA GLY B 249 -20.15 25.10 -14.93
C GLY B 249 -19.35 26.17 -14.19
N GLN B 250 -19.42 27.39 -14.70
CA GLN B 250 -18.75 28.52 -14.10
C GLN B 250 -19.16 28.72 -12.65
N ARG B 251 -20.47 28.69 -12.40
CA ARG B 251 -20.96 28.90 -11.04
C ARG B 251 -20.50 27.78 -10.09
N LEU B 252 -20.48 26.54 -10.57
CA LEU B 252 -19.87 25.43 -9.82
C LEU B 252 -18.40 25.71 -9.44
N SER B 253 -17.60 26.19 -10.40
CA SER B 253 -16.19 26.52 -10.13
C SER B 253 -16.04 27.67 -9.12
N ASP B 254 -17.01 28.58 -9.10
CA ASP B 254 -16.95 29.78 -8.25
C ASP B 254 -17.58 29.58 -6.88
N HIS B 255 -18.43 28.56 -6.74
CA HIS B 255 -19.25 28.45 -5.54
C HIS B 255 -18.42 28.26 -4.27
N PRO B 256 -18.71 29.06 -3.21
CA PRO B 256 -17.95 28.98 -1.97
C PRO B 256 -18.15 27.67 -1.19
N ASP B 257 -19.26 26.97 -1.44
CA ASP B 257 -19.55 25.71 -0.72
C ASP B 257 -19.07 24.46 -1.46
N VAL B 258 -18.60 24.64 -2.69
CA VAL B 258 -18.03 23.53 -3.47
C VAL B 258 -16.55 23.43 -3.10
N ARG B 259 -16.10 22.21 -2.81
CA ARG B 259 -14.74 22.03 -2.29
C ARG B 259 -13.81 21.32 -3.27
N LYS B 260 -14.37 20.75 -4.33
CA LYS B 260 -13.59 20.04 -5.34
C LYS B 260 -14.34 20.06 -6.68
N ILE B 261 -13.59 20.32 -7.75
CA ILE B 261 -14.12 20.19 -9.11
C ILE B 261 -13.39 19.05 -9.82
N GLY B 262 -14.14 18.15 -10.43
CA GLY B 262 -13.57 17.13 -11.30
C GLY B 262 -13.97 17.47 -12.73
N PHE B 263 -12.98 17.70 -13.58
CA PHE B 263 -13.25 18.19 -14.94
C PHE B 263 -12.67 17.33 -16.06
N THR B 264 -13.50 17.06 -17.07
CA THR B 264 -13.04 16.43 -18.30
C THR B 264 -13.51 17.28 -19.49
N GLY B 265 -12.59 17.63 -20.37
CA GLY B 265 -12.91 18.48 -21.52
C GLY B 265 -11.65 19.00 -22.18
N SER B 266 -11.76 20.18 -22.80
CA SER B 266 -10.64 20.76 -23.54
C SER B 266 -9.61 21.39 -22.61
N THR B 267 -8.38 21.52 -23.11
CA THR B 267 -7.29 22.15 -22.36
C THR B 267 -7.65 23.61 -22.03
N GLU B 268 -8.24 24.32 -23.00
CA GLU B 268 -8.55 25.74 -22.78
C GLU B 268 -9.61 25.98 -21.70
N VAL B 269 -10.68 25.19 -21.70
CA VAL B 269 -11.67 25.26 -20.64
C VAL B 269 -11.08 24.79 -19.30
N GLY B 270 -10.21 23.79 -19.35
CA GLY B 270 -9.48 23.29 -18.17
C GLY B 270 -8.69 24.37 -17.47
N LYS B 271 -7.93 25.16 -18.23
CA LYS B 271 -7.20 26.31 -17.70
C LYS B 271 -8.14 27.27 -16.97
N HIS B 272 -9.27 27.56 -17.61
CA HIS B 272 -10.23 28.50 -17.06
C HIS B 272 -10.87 27.97 -15.79
N ILE B 273 -11.20 26.68 -15.78
CA ILE B 273 -11.73 26.03 -14.59
C ILE B 273 -10.75 26.13 -13.42
N MET B 274 -9.49 25.77 -13.68
CA MET B 274 -8.48 25.79 -12.63
C MET B 274 -8.30 27.21 -12.07
N LYS B 275 -8.27 28.19 -12.96
CA LYS B 275 -8.16 29.59 -12.57
C LYS B 275 -9.36 29.99 -11.69
N SER B 276 -10.55 29.49 -12.04
CA SER B 276 -11.76 29.80 -11.30
C SER B 276 -11.73 29.16 -9.91
N CYS B 277 -11.20 27.93 -9.83
CA CYS B 277 -11.01 27.26 -8.54
C CYS B 277 -10.10 28.08 -7.63
N ALA B 278 -9.01 28.57 -8.21
CA ALA B 278 -8.04 29.44 -7.53
C ALA B 278 -8.65 30.73 -6.99
N LEU B 279 -9.37 31.46 -7.84
CA LEU B 279 -9.86 32.79 -7.50
C LEU B 279 -11.01 32.79 -6.50
N SER B 280 -11.70 31.66 -6.36
CA SER B 280 -12.80 31.58 -5.41
C SER B 280 -12.29 31.14 -4.03
N ASN B 281 -12.13 29.83 -3.83
CA ASN B 281 -11.77 29.31 -2.51
C ASN B 281 -10.68 28.20 -2.53
N VAL B 282 -9.75 28.29 -3.48
CA VAL B 282 -8.76 27.22 -3.76
C VAL B 282 -9.32 25.81 -3.59
N LYS B 283 -10.51 25.59 -4.14
CA LYS B 283 -11.08 24.27 -4.21
C LYS B 283 -10.12 23.37 -5.00
N LYS B 284 -10.07 22.10 -4.61
CA LYS B 284 -9.27 21.09 -5.33
C LYS B 284 -9.80 20.97 -6.75
N VAL B 285 -8.90 20.66 -7.67
CA VAL B 285 -9.28 20.42 -9.04
C VAL B 285 -8.49 19.26 -9.63
N SER B 286 -9.14 18.49 -10.49
CA SER B 286 -8.45 17.54 -11.35
C SER B 286 -8.90 17.77 -12.79
N LEU B 287 -7.98 17.54 -13.73
CA LEU B 287 -8.17 17.91 -15.13
C LEU B 287 -7.82 16.76 -16.07
N GLU B 288 -8.81 16.34 -16.86
CA GLU B 288 -8.59 15.37 -17.93
C GLU B 288 -8.81 16.15 -19.22
N LEU B 289 -7.73 16.48 -19.91
CA LEU B 289 -7.83 17.45 -21.00
C LEU B 289 -7.64 16.81 -22.38
N GLY B 290 -7.20 17.58 -23.37
CA GLY B 290 -7.03 17.05 -24.73
C GLY B 290 -5.91 16.02 -24.92
N GLY B 291 -5.81 15.51 -26.15
CA GLY B 291 -4.76 14.56 -26.48
C GLY B 291 -4.37 14.65 -27.94
N LYS B 292 -3.08 14.42 -28.22
CA LYS B 292 -2.60 14.22 -29.59
C LYS B 292 -1.68 13.01 -29.52
N SER B 293 -2.29 11.86 -29.26
CA SER B 293 -1.58 10.65 -28.83
C SER B 293 -0.92 9.95 -30.00
N PRO B 294 0.40 9.68 -29.89
CA PRO B 294 1.15 9.02 -30.96
C PRO B 294 1.07 7.50 -30.89
N LEU B 295 1.01 6.87 -32.06
CA LEU B 295 1.07 5.42 -32.15
C LEU B 295 2.22 5.07 -33.07
N ILE B 296 3.23 4.38 -32.53
CA ILE B 296 4.41 4.00 -33.30
C ILE B 296 4.31 2.53 -33.73
N ILE B 297 4.33 2.30 -35.04
CA ILE B 297 4.15 0.97 -35.59
C ILE B 297 5.43 0.57 -36.30
N PHE B 298 6.12 -0.42 -35.74
CA PHE B 298 7.39 -0.89 -36.28
C PHE B 298 7.19 -2.02 -37.30
N ALA B 299 8.13 -2.14 -38.24
CA ALA B 299 8.11 -3.17 -39.29
C ALA B 299 8.05 -4.58 -38.76
N ASP B 300 8.56 -4.81 -37.55
CA ASP B 300 8.52 -6.15 -36.96
C ASP B 300 7.24 -6.46 -36.18
N CYS B 301 6.19 -5.66 -36.39
CA CYS B 301 4.90 -5.93 -35.77
C CYS B 301 4.18 -7.03 -36.52
N ASP B 302 3.07 -7.51 -35.96
CA ASP B 302 2.13 -8.34 -36.70
C ASP B 302 1.29 -7.37 -37.53
N LEU B 303 1.48 -7.38 -38.85
CA LEU B 303 0.93 -6.33 -39.71
C LEU B 303 -0.60 -6.28 -39.77
N ASN B 304 -1.23 -7.43 -40.05
CA ASN B 304 -2.68 -7.48 -40.11
C ASN B 304 -3.33 -7.06 -38.80
N LYS B 305 -2.69 -7.43 -37.69
CA LYS B 305 -3.12 -7.04 -36.35
C LYS B 305 -2.95 -5.53 -36.15
N ALA B 306 -1.81 -4.99 -36.60
CA ALA B 306 -1.53 -3.55 -36.51
C ALA B 306 -2.57 -2.74 -37.28
N VAL B 307 -3.00 -3.28 -38.43
CA VAL B 307 -4.05 -2.66 -39.22
C VAL B 307 -5.39 -2.62 -38.47
N GLN B 308 -5.77 -3.75 -37.88
CA GLN B 308 -7.01 -3.85 -37.11
C GLN B 308 -7.00 -2.92 -35.92
N MET B 309 -5.91 -2.95 -35.14
CA MET B 309 -5.82 -2.11 -33.95
C MET B 309 -5.52 -0.65 -34.26
N GLY B 310 -4.77 -0.41 -35.33
CA GLY B 310 -4.48 0.94 -35.78
C GLY B 310 -5.75 1.65 -36.19
N MET B 311 -6.59 0.96 -36.94
CA MET B 311 -7.89 1.52 -37.32
C MET B 311 -8.75 1.77 -36.12
N SER B 312 -8.78 0.81 -35.23
CA SER B 312 -9.52 0.98 -34.00
C SER B 312 -9.01 2.16 -33.15
N SER B 313 -7.69 2.36 -33.13
CA SER B 313 -7.08 3.46 -32.35
C SER B 313 -7.60 4.83 -32.79
N VAL B 314 -8.03 4.92 -34.05
CA VAL B 314 -8.53 6.15 -34.63
C VAL B 314 -10.05 6.18 -34.70
N PHE B 315 -10.64 5.12 -35.23
CA PHE B 315 -12.07 5.15 -35.58
C PHE B 315 -13.05 4.79 -34.45
N PHE B 316 -12.55 4.21 -33.35
CA PHE B 316 -13.41 3.81 -32.24
C PHE B 316 -14.32 4.96 -31.80
N ASN B 317 -15.59 4.66 -31.59
CA ASN B 317 -16.57 5.68 -31.22
C ASN B 317 -16.50 6.93 -32.13
N LYS B 318 -16.48 6.67 -33.45
CA LYS B 318 -16.34 7.73 -34.49
C LYS B 318 -15.24 8.77 -34.19
N GLY B 319 -14.18 8.30 -33.51
CA GLY B 319 -13.01 9.12 -33.21
C GLY B 319 -13.21 10.10 -32.05
N GLU B 320 -14.40 10.07 -31.47
CA GLU B 320 -14.74 10.97 -30.37
C GLU B 320 -14.26 10.33 -29.07
N ASN B 321 -12.94 10.44 -28.87
CA ASN B 321 -12.21 9.59 -27.95
C ASN B 321 -10.92 10.33 -27.64
N ALA B 322 -10.78 10.78 -26.40
CA ALA B 322 -9.66 11.62 -25.98
C ALA B 322 -8.31 10.95 -26.14
N ILE B 323 -8.28 9.62 -26.03
CA ILE B 323 -7.02 8.88 -26.19
C ILE B 323 -6.75 8.35 -27.59
N ALA B 324 -7.65 8.63 -28.53
CA ALA B 324 -7.46 8.21 -29.92
C ALA B 324 -6.07 8.57 -30.41
N ALA B 325 -5.46 7.68 -31.18
CA ALA B 325 -4.18 7.97 -31.78
C ALA B 325 -4.34 9.12 -32.77
N GLY B 326 -3.72 10.26 -32.46
CA GLY B 326 -3.80 11.47 -33.30
C GLY B 326 -2.68 11.57 -34.32
N ARG B 327 -1.69 10.69 -34.20
CA ARG B 327 -0.66 10.48 -35.21
C ARG B 327 -0.29 9.02 -35.20
N LEU B 328 -0.18 8.42 -36.38
CA LEU B 328 0.44 7.12 -36.52
C LEU B 328 1.76 7.31 -37.22
N PHE B 329 2.82 6.82 -36.58
CA PHE B 329 4.16 6.80 -37.18
C PHE B 329 4.41 5.37 -37.62
N VAL B 330 4.65 5.16 -38.91
CA VAL B 330 4.76 3.82 -39.46
C VAL B 330 6.12 3.67 -40.11
N GLU B 331 6.83 2.61 -39.76
CA GLU B 331 8.19 2.39 -40.25
C GLU B 331 8.20 2.29 -41.77
N GLU B 332 9.23 2.88 -42.38
CA GLU B 332 9.31 3.04 -43.83
C GLU B 332 8.97 1.77 -44.63
N SER B 333 9.62 0.66 -44.29
CA SER B 333 9.49 -0.59 -45.05
C SER B 333 8.11 -1.25 -45.05
N ILE B 334 7.22 -0.86 -44.13
CA ILE B 334 5.86 -1.42 -44.12
C ILE B 334 4.79 -0.38 -44.40
N HIS B 335 5.22 0.88 -44.56
CA HIS B 335 4.27 1.98 -44.64
C HIS B 335 3.21 1.82 -45.74
N ASN B 336 3.67 1.58 -46.97
CA ASN B 336 2.76 1.49 -48.12
C ASN B 336 1.77 0.34 -48.01
N GLN B 337 2.28 -0.83 -47.62
CA GLN B 337 1.43 -2.00 -47.38
C GLN B 337 0.41 -1.77 -46.25
N PHE B 338 0.86 -1.10 -45.18
CA PHE B 338 -0.04 -0.73 -44.08
C PHE B 338 -1.21 0.14 -44.58
N VAL B 339 -0.89 1.18 -45.35
CA VAL B 339 -1.88 2.10 -45.89
C VAL B 339 -2.86 1.38 -46.83
N GLN B 340 -2.31 0.54 -47.71
CA GLN B 340 -3.13 -0.27 -48.64
C GLN B 340 -4.10 -1.13 -47.85
N LYS B 341 -3.60 -1.82 -46.83
CA LYS B 341 -4.45 -2.66 -45.99
C LYS B 341 -5.49 -1.86 -45.22
N VAL B 342 -5.12 -0.69 -44.67
CA VAL B 342 -6.11 0.16 -44.01
C VAL B 342 -7.25 0.56 -44.97
N VAL B 343 -6.89 0.99 -46.18
CA VAL B 343 -7.87 1.41 -47.18
C VAL B 343 -8.84 0.27 -47.49
N GLU B 344 -8.30 -0.94 -47.68
CA GLU B 344 -9.11 -2.15 -47.88
C GLU B 344 -10.15 -2.33 -46.77
N GLU B 345 -9.72 -2.19 -45.52
CA GLU B 345 -10.60 -2.40 -44.37
C GLU B 345 -11.58 -1.25 -44.14
N VAL B 346 -11.13 -0.02 -44.39
CA VAL B 346 -11.98 1.17 -44.29
C VAL B 346 -13.19 1.04 -45.21
N GLU B 347 -12.96 0.61 -46.45
CA GLU B 347 -14.04 0.40 -47.42
C GLU B 347 -15.09 -0.60 -46.94
N LYS B 348 -14.72 -1.47 -46.00
CA LYS B 348 -15.67 -2.47 -45.50
C LYS B 348 -16.53 -1.97 -44.35
N MET B 349 -16.23 -0.77 -43.84
CA MET B 349 -16.96 -0.24 -42.69
C MET B 349 -18.35 0.16 -43.12
N LYS B 350 -19.34 -0.19 -42.30
CA LYS B 350 -20.72 0.10 -42.61
C LYS B 350 -21.17 1.33 -41.84
N ILE B 351 -21.42 2.41 -42.58
CA ILE B 351 -21.89 3.67 -41.99
C ILE B 351 -23.41 3.66 -41.98
N GLY B 352 -24.02 4.07 -40.87
CA GLY B 352 -25.47 4.01 -40.77
C GLY B 352 -26.07 4.39 -39.43
N ASN B 353 -27.40 4.24 -39.33
CA ASN B 353 -28.16 4.51 -38.09
C ASN B 353 -27.52 3.68 -36.95
N PRO B 354 -27.17 4.34 -35.82
CA PRO B 354 -26.54 3.63 -34.70
C PRO B 354 -27.40 2.49 -34.15
N LEU B 355 -28.71 2.58 -34.35
CA LEU B 355 -29.64 1.55 -33.89
C LEU B 355 -29.69 0.32 -34.78
N GLU B 356 -29.15 0.40 -35.99
CA GLU B 356 -29.08 -0.77 -36.88
C GLU B 356 -27.94 -1.69 -36.51
N ARG B 357 -28.24 -2.97 -36.45
CA ARG B 357 -27.30 -3.96 -35.94
C ARG B 357 -26.03 -4.10 -36.77
N ASP B 358 -26.12 -3.85 -38.06
CA ASP B 358 -24.94 -4.01 -38.93
C ASP B 358 -24.05 -2.76 -39.00
N THR B 359 -24.48 -1.66 -38.37
CA THR B 359 -23.71 -0.40 -38.37
C THR B 359 -22.37 -0.54 -37.63
N ASN B 360 -21.28 -0.15 -38.30
CA ASN B 360 -19.93 -0.07 -37.72
C ASN B 360 -19.56 1.34 -37.29
N HIS B 361 -20.11 2.33 -37.97
CA HIS B 361 -19.67 3.72 -37.83
C HIS B 361 -20.90 4.62 -37.76
N GLY B 362 -21.13 5.18 -36.57
CA GLY B 362 -22.28 6.07 -36.36
C GLY B 362 -21.97 7.49 -36.79
N PRO B 363 -22.95 8.41 -36.60
CA PRO B 363 -22.77 9.83 -36.90
C PRO B 363 -21.93 10.51 -35.82
N GLN B 364 -21.33 11.65 -36.16
CA GLN B 364 -20.64 12.45 -35.16
C GLN B 364 -21.69 13.02 -34.21
N ASN B 365 -21.22 13.45 -33.05
CA ASN B 365 -22.09 13.77 -31.93
C ASN B 365 -23.09 14.91 -32.15
N HIS B 366 -22.63 16.00 -32.75
CA HIS B 366 -23.46 17.15 -33.05
C HIS B 366 -22.92 17.90 -34.27
N GLU B 367 -23.73 18.82 -34.79
CA GLU B 367 -23.45 19.49 -36.07
C GLU B 367 -22.20 20.36 -36.06
N ALA B 368 -22.01 21.12 -34.98
CA ALA B 368 -20.85 22.00 -34.87
C ALA B 368 -19.54 21.21 -34.94
N HIS B 369 -19.54 20.01 -34.36
CA HIS B 369 -18.35 19.18 -34.39
C HIS B 369 -18.09 18.67 -35.80
N LEU B 370 -19.14 18.22 -36.47
CA LEU B 370 -19.04 17.81 -37.88
C LEU B 370 -18.41 18.92 -38.73
N ARG B 371 -18.90 20.16 -38.55
CA ARG B 371 -18.36 21.33 -39.24
C ARG B 371 -16.85 21.49 -39.03
N LYS B 372 -16.43 21.36 -37.77
CA LYS B 372 -15.00 21.42 -37.42
C LYS B 372 -14.20 20.35 -38.16
N LEU B 373 -14.74 19.14 -38.24
CA LEU B 373 -14.03 18.04 -38.90
C LEU B 373 -13.87 18.27 -40.40
N VAL B 374 -14.93 18.78 -41.04
CA VAL B 374 -14.84 19.18 -42.45
C VAL B 374 -13.73 20.24 -42.66
N GLU B 375 -13.73 21.28 -41.84
CA GLU B 375 -12.72 22.35 -41.93
C GLU B 375 -11.32 21.83 -41.64
N TYR B 376 -11.21 20.97 -40.62
CA TYR B 376 -9.95 20.28 -40.29
C TYR B 376 -9.30 19.62 -41.50
N CYS B 377 -10.07 18.82 -42.23
CA CYS B 377 -9.56 18.08 -43.40
C CYS B 377 -9.30 18.98 -44.62
N GLN B 378 -10.08 20.05 -44.76
CA GLN B 378 -9.80 21.09 -45.77
C GLN B 378 -8.41 21.64 -45.55
N ARG B 379 -8.12 21.99 -44.29
CA ARG B 379 -6.82 22.52 -43.92
C ARG B 379 -5.68 21.52 -44.14
N GLY B 380 -5.90 20.25 -43.81
CA GLY B 380 -4.90 19.20 -44.06
C GLY B 380 -4.51 19.08 -45.54
N VAL B 381 -5.52 19.20 -46.41
CA VAL B 381 -5.28 19.18 -47.83
C VAL B 381 -4.55 20.46 -48.28
N LYS B 382 -5.04 21.61 -47.83
CA LYS B 382 -4.39 22.89 -48.13
C LYS B 382 -2.89 22.87 -47.82
N GLU B 383 -2.54 22.39 -46.62
CA GLU B 383 -1.14 22.40 -46.16
C GLU B 383 -0.27 21.30 -46.79
N GLY B 384 -0.87 20.43 -47.60
CA GLY B 384 -0.08 19.56 -48.47
C GLY B 384 0.01 18.09 -48.11
N ALA B 385 -0.79 17.63 -47.15
CA ALA B 385 -0.84 16.20 -46.83
C ALA B 385 -1.66 15.43 -47.88
N THR B 386 -1.33 14.17 -48.09
CA THR B 386 -2.04 13.32 -49.05
C THR B 386 -3.33 12.76 -48.45
N LEU B 387 -4.46 13.18 -49.00
CA LEU B 387 -5.74 12.63 -48.59
C LEU B 387 -5.98 11.34 -49.35
N VAL B 388 -5.94 10.22 -48.63
CA VAL B 388 -6.06 8.91 -49.26
C VAL B 388 -7.52 8.48 -49.36
N CYS B 389 -8.34 8.87 -48.38
CA CYS B 389 -9.77 8.60 -48.43
C CYS B 389 -10.53 9.43 -47.41
N GLY B 390 -11.82 9.62 -47.67
CA GLY B 390 -12.71 10.35 -46.77
C GLY B 390 -12.39 11.83 -46.75
N GLY B 391 -12.68 12.46 -45.62
CA GLY B 391 -12.42 13.89 -45.44
C GLY B 391 -13.69 14.71 -45.48
N ASN B 392 -14.80 14.06 -45.80
CA ASN B 392 -16.06 14.74 -46.08
C ASN B 392 -17.22 14.24 -45.23
N GLN B 393 -18.21 15.11 -45.03
CA GLN B 393 -19.53 14.68 -44.56
C GLN B 393 -20.11 13.67 -45.55
N VAL B 394 -20.65 12.59 -45.00
CA VAL B 394 -21.28 11.54 -45.78
C VAL B 394 -22.60 12.09 -46.31
N PRO B 395 -22.91 11.86 -47.60
CA PRO B 395 -24.19 12.35 -48.13
C PRO B 395 -25.37 11.52 -47.60
N ARG B 396 -25.95 11.99 -46.51
CA ARG B 396 -27.15 11.39 -45.91
C ARG B 396 -27.62 12.34 -44.80
N PRO B 397 -28.86 12.17 -44.30
CA PRO B 397 -29.28 13.05 -43.20
C PRO B 397 -28.39 12.90 -41.95
N GLY B 398 -28.47 13.88 -41.06
CA GLY B 398 -27.66 13.85 -39.84
C GLY B 398 -26.24 14.32 -40.05
N PHE B 399 -25.35 13.94 -39.12
CA PHE B 399 -24.01 14.52 -39.09
C PHE B 399 -22.94 13.44 -39.16
N PHE B 400 -22.98 12.69 -40.27
CA PHE B 400 -22.06 11.58 -40.53
C PHE B 400 -20.82 12.08 -41.23
N PHE B 401 -19.67 11.50 -40.88
CA PHE B 401 -18.39 11.91 -41.43
C PHE B 401 -17.64 10.68 -41.89
N GLN B 402 -17.07 10.76 -43.09
CA GLN B 402 -16.42 9.62 -43.72
C GLN B 402 -15.09 9.30 -42.98
N PRO B 403 -14.87 8.01 -42.62
CA PRO B 403 -13.56 7.61 -42.10
C PRO B 403 -12.46 8.05 -43.05
N THR B 404 -11.46 8.74 -42.50
CA THR B 404 -10.51 9.51 -43.27
C THR B 404 -9.08 9.02 -43.00
N VAL B 405 -8.27 8.94 -44.07
CA VAL B 405 -6.87 8.61 -43.94
C VAL B 405 -6.03 9.68 -44.65
N PHE B 406 -5.12 10.31 -43.90
CA PHE B 406 -4.10 11.19 -44.45
C PHE B 406 -2.73 10.51 -44.40
N THR B 407 -1.96 10.64 -45.49
CA THR B 407 -0.55 10.26 -45.45
C THR B 407 0.33 11.47 -45.80
N ASP B 408 1.65 11.23 -45.86
CA ASP B 408 2.65 12.29 -46.12
C ASP B 408 2.51 13.47 -45.16
N VAL B 409 2.14 13.18 -43.92
CA VAL B 409 2.01 14.22 -42.91
C VAL B 409 3.39 14.58 -42.36
N GLU B 410 3.70 15.88 -42.36
CA GLU B 410 4.97 16.37 -41.84
C GLU B 410 4.76 17.02 -40.48
N ASP B 411 5.81 17.01 -39.65
CA ASP B 411 5.71 17.49 -38.25
C ASP B 411 5.25 18.94 -38.09
N HIS B 412 5.58 19.81 -39.05
CA HIS B 412 5.18 21.23 -38.97
C HIS B 412 3.68 21.44 -39.26
N MET B 413 3.01 20.42 -39.82
CA MET B 413 1.62 20.60 -40.27
C MET B 413 0.64 20.72 -39.14
N TYR B 414 -0.42 21.50 -39.39
CA TYR B 414 -1.49 21.73 -38.44
C TYR B 414 -2.11 20.43 -37.97
N ILE B 415 -2.31 19.49 -38.90
CA ILE B 415 -2.94 18.21 -38.57
C ILE B 415 -1.97 17.26 -37.81
N ALA B 416 -0.67 17.59 -37.82
CA ALA B 416 0.30 16.88 -36.97
C ALA B 416 0.27 17.40 -35.52
N LYS B 417 -0.35 18.54 -35.28
CA LYS B 417 -0.34 19.19 -33.97
C LYS B 417 -1.71 19.27 -33.32
N GLU B 418 -2.75 19.48 -34.12
CA GLU B 418 -4.09 19.74 -33.57
C GLU B 418 -4.88 18.44 -33.40
N GLU B 419 -5.57 18.32 -32.27
CA GLU B 419 -6.45 17.18 -32.00
C GLU B 419 -7.70 17.29 -32.89
N SER B 420 -8.00 16.26 -33.68
CA SER B 420 -9.19 16.27 -34.52
C SER B 420 -10.46 15.93 -33.72
N PHE B 421 -10.33 14.93 -32.83
CA PHE B 421 -11.44 14.37 -32.08
C PHE B 421 -12.50 13.78 -33.03
N GLY B 422 -12.03 13.29 -34.17
CA GLY B 422 -12.86 12.64 -35.16
C GLY B 422 -12.13 11.50 -35.85
N PRO B 423 -12.80 10.81 -36.80
CA PRO B 423 -12.27 9.57 -37.36
C PRO B 423 -11.25 9.82 -38.48
N ILE B 424 -10.13 10.43 -38.12
CA ILE B 424 -9.14 10.89 -39.07
C ILE B 424 -7.76 10.34 -38.71
N MET B 425 -7.33 9.37 -39.50
CA MET B 425 -6.06 8.71 -39.33
C MET B 425 -4.96 9.52 -39.99
N ILE B 426 -3.95 9.90 -39.20
CA ILE B 426 -2.96 10.88 -39.62
C ILE B 426 -1.56 10.24 -39.60
N ILE B 427 -1.09 9.82 -40.77
CA ILE B 427 0.08 8.95 -40.90
C ILE B 427 1.36 9.63 -41.37
N SER B 428 2.45 9.41 -40.62
CA SER B 428 3.81 9.82 -41.00
C SER B 428 4.73 8.62 -41.07
N ARG B 429 5.74 8.70 -41.93
CA ARG B 429 6.78 7.68 -42.02
C ARG B 429 7.89 7.97 -41.03
N PHE B 430 8.63 6.93 -40.65
CA PHE B 430 9.94 7.12 -40.03
C PHE B 430 10.88 6.09 -40.62
N ALA B 431 12.18 6.43 -40.66
CA ALA B 431 13.19 5.59 -41.31
C ALA B 431 13.35 4.27 -40.59
N ASP B 432 13.70 3.23 -41.35
CA ASP B 432 13.98 1.93 -40.76
C ASP B 432 15.10 2.08 -39.74
N GLY B 433 14.83 1.60 -38.52
CA GLY B 433 15.83 1.60 -37.44
C GLY B 433 15.93 2.87 -36.61
N ASP B 434 15.06 3.85 -36.84
CA ASP B 434 15.22 5.20 -36.24
C ASP B 434 14.43 5.42 -34.92
N VAL B 435 14.70 4.60 -33.88
CA VAL B 435 13.91 4.57 -32.62
C VAL B 435 13.84 5.91 -31.86
N ASP B 436 15.00 6.46 -31.47
CA ASP B 436 15.02 7.72 -30.74
C ASP B 436 14.46 8.90 -31.54
N ALA B 437 14.69 8.87 -32.85
CA ALA B 437 14.21 9.95 -33.73
C ALA B 437 12.68 9.95 -33.79
N VAL B 438 12.06 8.78 -33.95
CA VAL B 438 10.60 8.71 -33.98
C VAL B 438 10.01 9.08 -32.59
N LEU B 439 10.71 8.67 -31.53
CA LEU B 439 10.30 9.03 -30.17
C LEU B 439 10.26 10.54 -29.98
N SER B 440 11.29 11.23 -30.47
CA SER B 440 11.38 12.68 -30.33
C SER B 440 10.18 13.35 -31.00
N ARG B 441 9.83 12.88 -32.20
CA ARG B 441 8.71 13.44 -32.95
C ARG B 441 7.38 13.17 -32.25
N ALA B 442 7.26 11.97 -31.68
CA ALA B 442 6.05 11.55 -30.97
C ALA B 442 5.83 12.36 -29.69
N ASN B 443 6.93 12.70 -29.02
CA ASN B 443 6.88 13.51 -27.79
C ASN B 443 6.83 15.01 -28.02
N ALA B 444 6.98 15.45 -29.26
CA ALA B 444 7.06 16.90 -29.56
C ALA B 444 5.67 17.52 -29.58
N THR B 445 4.98 17.46 -28.45
CA THR B 445 3.63 17.96 -28.29
C THR B 445 3.46 18.37 -26.84
N GLU B 446 2.58 19.34 -26.59
CA GLU B 446 2.24 19.71 -25.22
C GLU B 446 1.13 18.83 -24.63
N PHE B 447 0.59 17.93 -25.44
CA PHE B 447 -0.31 16.91 -24.92
C PHE B 447 0.49 15.70 -24.38
N GLY B 448 -0.17 14.83 -23.62
CA GLY B 448 0.47 13.63 -23.08
C GLY B 448 -0.56 12.74 -22.41
N LEU B 449 -1.65 12.45 -23.12
CA LEU B 449 -2.72 11.66 -22.53
C LEU B 449 -2.49 10.16 -22.76
N ALA B 450 -2.18 9.77 -23.98
CA ALA B 450 -1.98 8.38 -24.30
C ALA B 450 -0.97 8.24 -25.41
N SER B 451 -0.71 7.00 -25.81
CA SER B 451 0.33 6.65 -26.77
C SER B 451 0.27 5.16 -26.99
N GLY B 452 0.93 4.69 -28.04
CA GLY B 452 0.93 3.26 -28.32
C GLY B 452 2.15 2.83 -29.10
N VAL B 453 2.46 1.55 -29.06
CA VAL B 453 3.54 1.00 -29.83
C VAL B 453 3.19 -0.42 -30.23
N PHE B 454 3.36 -0.73 -31.52
CA PHE B 454 3.18 -2.09 -32.03
C PHE B 454 4.55 -2.60 -32.48
N THR B 455 4.96 -3.72 -31.89
CA THR B 455 6.25 -4.36 -32.17
C THR B 455 6.25 -5.73 -31.54
N ARG B 456 6.87 -6.72 -32.19
CA ARG B 456 7.06 -8.01 -31.57
C ARG B 456 8.31 -8.04 -30.70
N ASP B 457 9.13 -7.00 -30.79
CA ASP B 457 10.43 -6.96 -30.12
C ASP B 457 10.29 -6.44 -28.68
N ILE B 458 10.56 -7.32 -27.72
CA ILE B 458 10.43 -6.98 -26.29
C ILE B 458 11.27 -5.77 -25.88
N ASN B 459 12.50 -5.68 -26.40
CA ASN B 459 13.40 -4.60 -26.01
C ASN B 459 12.92 -3.23 -26.52
N LYS B 460 12.50 -3.16 -27.78
CA LYS B 460 11.86 -1.96 -28.33
C LYS B 460 10.64 -1.56 -27.53
N ALA B 461 9.77 -2.53 -27.24
CA ALA B 461 8.51 -2.23 -26.60
C ALA B 461 8.72 -1.62 -25.22
N LEU B 462 9.66 -2.19 -24.45
CA LEU B 462 9.93 -1.70 -23.09
C LEU B 462 10.62 -0.35 -23.10
N TYR B 463 11.59 -0.18 -24.00
CA TYR B 463 12.31 1.08 -24.15
C TYR B 463 11.36 2.21 -24.60
N VAL B 464 10.55 1.92 -25.63
CA VAL B 464 9.57 2.90 -26.12
C VAL B 464 8.57 3.29 -25.03
N SER B 465 8.05 2.32 -24.29
CA SER B 465 7.13 2.65 -23.21
C SER B 465 7.78 3.52 -22.11
N ASP B 466 9.07 3.32 -21.83
CA ASP B 466 9.79 4.22 -20.91
C ASP B 466 9.87 5.65 -21.45
N LYS B 467 10.14 5.76 -22.74
CA LYS B 467 10.47 7.07 -23.35
C LYS B 467 9.25 7.91 -23.73
N LEU B 468 8.10 7.28 -23.95
CA LEU B 468 6.90 8.02 -24.36
C LEU B 468 6.38 8.89 -23.23
N GLN B 469 6.17 10.18 -23.51
CA GLN B 469 5.73 11.13 -22.49
C GLN B 469 4.20 11.20 -22.41
N ALA B 470 3.58 10.12 -21.95
CA ALA B 470 2.12 10.04 -21.92
C ALA B 470 1.64 9.21 -20.74
N GLY B 471 0.45 9.55 -20.24
CA GLY B 471 -0.11 8.92 -19.03
C GLY B 471 -0.47 7.46 -19.20
N THR B 472 -0.71 7.05 -20.45
CA THR B 472 -0.97 5.65 -20.79
C THR B 472 -0.14 5.30 -22.02
N VAL B 473 0.54 4.15 -21.95
CA VAL B 473 1.19 3.55 -23.11
C VAL B 473 0.56 2.18 -23.38
N PHE B 474 -0.02 2.01 -24.57
CA PHE B 474 -0.53 0.72 -25.01
C PHE B 474 0.55 -0.02 -25.79
N ILE B 475 0.69 -1.32 -25.53
CA ILE B 475 1.67 -2.13 -26.24
C ILE B 475 0.95 -3.29 -26.92
N ASN B 476 1.03 -3.29 -28.25
CA ASN B 476 0.37 -4.28 -29.10
C ASN B 476 -1.14 -4.35 -28.91
N THR B 477 -1.70 -3.18 -28.56
CA THR B 477 -3.14 -3.02 -28.39
C THR B 477 -3.42 -1.52 -28.40
N TYR B 478 -4.69 -1.14 -28.37
CA TYR B 478 -5.03 0.28 -28.21
C TYR B 478 -6.43 0.37 -27.63
N ASN B 479 -6.72 1.51 -26.99
CA ASN B 479 -8.02 1.75 -26.33
C ASN B 479 -8.39 0.75 -25.25
N LYS B 480 -7.41 -0.01 -24.76
CA LYS B 480 -7.65 -0.97 -23.70
C LYS B 480 -7.68 -0.27 -22.33
N THR B 481 -8.76 0.43 -22.05
CA THR B 481 -8.95 1.02 -20.72
C THR B 481 -9.61 -0.05 -19.83
N ASP B 482 -9.58 0.19 -18.52
CA ASP B 482 -10.19 -0.74 -17.56
C ASP B 482 -10.52 0.03 -16.30
N VAL B 483 -11.64 -0.30 -15.66
CA VAL B 483 -12.04 0.46 -14.47
C VAL B 483 -11.01 0.43 -13.32
N ALA B 484 -10.11 -0.55 -13.35
CA ALA B 484 -9.05 -0.70 -12.32
C ALA B 484 -7.74 -0.03 -12.69
N ALA B 485 -7.58 0.36 -13.96
CA ALA B 485 -6.33 0.96 -14.45
C ALA B 485 -6.47 2.49 -14.55
N PRO B 486 -5.66 3.22 -13.75
CA PRO B 486 -5.77 4.69 -13.74
C PRO B 486 -5.56 5.34 -15.11
N PHE B 487 -6.30 6.43 -15.33
CA PHE B 487 -6.39 7.07 -16.65
C PHE B 487 -6.22 8.57 -16.39
N GLY B 488 -5.22 9.18 -17.01
CA GLY B 488 -4.95 10.60 -16.82
C GLY B 488 -3.74 11.04 -17.60
N GLY B 489 -3.59 12.36 -17.76
CA GLY B 489 -2.58 12.90 -18.66
C GLY B 489 -1.37 13.51 -17.98
N PHE B 490 -0.34 13.77 -18.79
CA PHE B 490 0.80 14.57 -18.39
C PHE B 490 0.75 15.89 -19.18
N LYS B 491 1.63 16.83 -18.82
CA LYS B 491 1.78 18.10 -19.52
C LYS B 491 0.42 18.80 -19.62
N GLN B 492 0.03 19.27 -20.81
CA GLN B 492 -1.20 20.04 -20.91
C GLN B 492 -2.44 19.15 -21.13
N SER B 493 -2.24 17.83 -21.02
CA SER B 493 -3.40 16.93 -20.95
C SER B 493 -3.97 16.86 -19.53
N GLY B 494 -3.36 17.62 -18.60
CA GLY B 494 -3.91 17.74 -17.24
C GLY B 494 -3.17 16.99 -16.15
N PHE B 495 -3.88 16.67 -15.06
CA PHE B 495 -3.33 15.92 -13.93
C PHE B 495 -4.45 15.22 -13.15
N GLY B 496 -4.08 14.24 -12.34
CA GLY B 496 -5.06 13.45 -11.60
C GLY B 496 -5.59 12.30 -12.44
N LYS B 497 -6.09 11.27 -11.77
CA LYS B 497 -6.53 10.07 -12.44
C LYS B 497 -8.03 9.86 -12.28
N ASP B 498 -8.65 9.37 -13.35
CA ASP B 498 -9.93 8.66 -13.24
C ASP B 498 -9.64 7.17 -13.35
N LEU B 499 -10.50 6.35 -12.74
CA LEU B 499 -10.36 4.90 -12.69
C LEU B 499 -9.20 4.44 -11.79
N GLY B 500 -9.30 3.19 -11.32
CA GLY B 500 -8.28 2.63 -10.43
C GLY B 500 -8.35 3.19 -9.02
N GLU B 501 -7.53 2.61 -8.14
CA GLU B 501 -7.41 3.13 -6.77
C GLU B 501 -7.01 4.62 -6.76
N ALA B 502 -6.13 5.01 -7.69
CA ALA B 502 -5.62 6.38 -7.74
C ALA B 502 -6.71 7.45 -7.89
N ALA B 503 -7.85 7.08 -8.49
CA ALA B 503 -8.95 8.03 -8.68
C ALA B 503 -9.48 8.50 -7.35
N LEU B 504 -9.50 7.59 -6.38
CA LEU B 504 -9.99 7.89 -5.05
C LEU B 504 -9.26 9.04 -4.37
N ASN B 505 -7.97 9.19 -4.68
CA ASN B 505 -7.17 10.24 -4.05
C ASN B 505 -7.62 11.66 -4.36
N GLU B 506 -8.30 11.83 -5.49
CA GLU B 506 -8.85 13.13 -5.87
C GLU B 506 -10.09 13.48 -5.05
N TYR B 507 -10.73 12.46 -4.47
CA TYR B 507 -12.01 12.63 -3.78
C TYR B 507 -11.91 12.42 -2.28
N LEU B 508 -10.67 12.35 -1.78
CA LEU B 508 -10.41 12.12 -0.37
C LEU B 508 -9.45 13.17 0.15
N ARG B 509 -9.51 13.46 1.43
CA ARG B 509 -8.50 14.27 2.10
C ARG B 509 -7.89 13.42 3.21
N ILE B 510 -6.66 13.73 3.60
CA ILE B 510 -5.98 12.99 4.67
C ILE B 510 -5.89 13.86 5.91
N LYS B 511 -6.44 13.38 7.02
CA LYS B 511 -6.31 14.05 8.31
C LYS B 511 -5.30 13.30 9.16
N THR B 512 -4.28 14.00 9.63
CA THR B 512 -3.28 13.40 10.50
C THR B 512 -3.68 13.66 11.94
N VAL B 513 -3.74 12.61 12.76
CA VAL B 513 -4.09 12.74 14.17
C VAL B 513 -2.91 12.26 15.02
N THR B 514 -2.38 13.16 15.84
CA THR B 514 -1.19 12.85 16.63
C THR B 514 -1.45 13.01 18.13
N PHE B 515 -1.37 11.89 18.86
CA PHE B 515 -1.57 11.86 20.30
C PHE B 515 -0.21 11.91 20.99
N GLU B 516 -0.18 12.55 22.16
CA GLU B 516 0.86 12.23 23.15
C GLU B 516 0.19 11.59 24.36
N TYR B 517 0.83 10.57 24.92
CA TYR B 517 0.30 9.90 26.10
C TYR B 517 1.44 9.40 26.97
N VAL C 20 39.20 -6.50 25.57
CA VAL C 20 39.85 -6.74 24.24
C VAL C 20 39.30 -8.02 23.61
N ILE C 21 39.24 -8.05 22.28
CA ILE C 21 38.76 -9.22 21.55
C ILE C 21 39.96 -10.02 21.09
N ASN C 22 39.91 -11.34 21.25
CA ASN C 22 40.92 -12.24 20.70
C ASN C 22 40.70 -12.48 19.20
N TYR C 23 41.78 -12.37 18.42
CA TYR C 23 41.73 -12.57 16.98
C TYR C 23 42.64 -13.69 16.52
N VAL C 24 42.26 -14.32 15.42
CA VAL C 24 43.21 -15.02 14.58
C VAL C 24 43.70 -13.97 13.58
N GLU C 25 45.00 -13.75 13.60
CA GLU C 25 45.62 -12.75 12.75
C GLU C 25 46.24 -13.44 11.53
N LYS C 26 46.04 -12.87 10.34
CA LYS C 26 46.59 -13.44 9.10
C LYS C 26 46.99 -12.33 8.12
N ALA C 27 48.25 -12.37 7.69
CA ALA C 27 48.74 -11.42 6.69
C ALA C 27 48.50 -12.03 5.32
N VAL C 28 47.55 -11.44 4.58
CA VAL C 28 47.09 -12.00 3.32
C VAL C 28 46.39 -10.91 2.50
N ASN C 29 46.59 -10.93 1.17
CA ASN C 29 45.91 -10.01 0.26
C ASN C 29 46.19 -8.54 0.59
N LYS C 30 47.43 -8.27 1.03
CA LYS C 30 47.89 -6.91 1.40
C LYS C 30 47.29 -6.40 2.71
N LEU C 31 46.59 -7.26 3.43
CA LEU C 31 45.91 -6.84 4.66
C LEU C 31 46.43 -7.68 5.81
N THR C 32 46.25 -7.18 7.02
CA THR C 32 46.38 -8.01 8.21
C THR C 32 44.97 -8.24 8.75
N LEU C 33 44.41 -9.41 8.40
CA LEU C 33 43.10 -9.78 8.85
C LEU C 33 43.09 -9.99 10.35
N GLN C 34 42.04 -9.52 11.00
CA GLN C 34 41.83 -9.79 12.40
C GLN C 34 40.46 -10.46 12.54
N MET C 35 40.50 -11.78 12.72
CA MET C 35 39.32 -12.62 12.69
C MET C 35 38.96 -13.15 14.08
N PRO C 36 37.83 -12.66 14.65
CA PRO C 36 37.31 -13.32 15.85
C PRO C 36 36.95 -14.76 15.54
N TYR C 37 37.03 -15.63 16.54
CA TYR C 37 36.88 -17.07 16.34
C TYR C 37 35.98 -17.66 17.41
N GLN C 38 35.49 -16.81 18.32
CA GLN C 38 34.66 -17.26 19.43
C GLN C 38 33.15 -17.02 19.21
N LEU C 39 32.34 -17.55 20.11
CA LEU C 39 30.91 -17.31 20.11
C LEU C 39 30.67 -15.83 20.41
N PHE C 40 29.59 -15.29 19.85
CA PHE C 40 29.23 -13.89 20.13
C PHE C 40 27.90 -13.89 20.87
N ILE C 41 27.95 -13.60 22.16
CA ILE C 41 26.79 -13.65 23.06
C ILE C 41 26.75 -12.38 23.92
N GLY C 42 25.64 -11.64 23.84
CA GLY C 42 25.45 -10.45 24.65
C GLY C 42 26.56 -9.41 24.50
N GLY C 43 27.02 -9.21 23.28
CA GLY C 43 28.04 -8.21 23.00
C GLY C 43 29.45 -8.65 23.34
N GLU C 44 29.66 -9.92 23.64
CA GLU C 44 30.98 -10.40 24.05
C GLU C 44 31.38 -11.62 23.24
N PHE C 45 32.66 -11.69 22.91
CA PHE C 45 33.21 -12.90 22.31
C PHE C 45 33.64 -13.81 23.45
N VAL C 46 33.10 -15.02 23.48
CA VAL C 46 33.30 -15.95 24.58
C VAL C 46 33.49 -17.35 24.05
N ASP C 47 34.27 -18.14 24.78
CA ASP C 47 34.42 -19.56 24.47
C ASP C 47 33.08 -20.30 24.64
N ALA C 48 32.92 -21.38 23.89
CA ALA C 48 31.81 -22.30 24.10
C ALA C 48 31.98 -23.02 25.45
N GLU C 49 30.90 -23.66 25.90
CA GLU C 49 30.94 -24.54 27.05
C GLU C 49 32.08 -25.56 26.90
N GLY C 50 32.88 -25.72 27.96
CA GLY C 50 33.99 -26.66 27.95
C GLY C 50 35.07 -26.33 26.94
N SER C 51 35.03 -25.09 26.42
CA SER C 51 36.02 -24.61 25.47
C SER C 51 36.20 -25.51 24.24
N LYS C 52 35.14 -26.22 23.87
CA LYS C 52 35.13 -27.02 22.65
C LYS C 52 35.34 -26.15 21.40
N THR C 53 36.10 -26.67 20.45
CA THR C 53 36.38 -25.98 19.19
C THR C 53 36.31 -26.95 18.02
N TYR C 54 36.34 -26.40 16.81
CA TYR C 54 36.46 -27.19 15.58
C TYR C 54 37.29 -26.42 14.56
N ASN C 55 37.70 -27.10 13.50
CA ASN C 55 38.49 -26.48 12.44
C ASN C 55 37.65 -25.97 11.28
N THR C 56 37.97 -24.77 10.82
CA THR C 56 37.44 -24.28 9.56
C THR C 56 38.52 -24.40 8.47
N ILE C 57 38.13 -24.95 7.31
CA ILE C 57 39.07 -25.39 6.27
C ILE C 57 39.06 -24.47 5.04
N ASN C 58 40.24 -24.06 4.62
CA ASN C 58 40.45 -23.26 3.41
C ASN C 58 40.29 -24.16 2.18
N PRO C 59 39.30 -23.88 1.31
CA PRO C 59 39.05 -24.75 0.14
C PRO C 59 40.07 -24.64 -0.99
N THR C 60 40.90 -23.60 -0.98
CA THR C 60 41.91 -23.43 -2.01
C THR C 60 43.10 -24.40 -1.85
N ASP C 61 43.39 -24.80 -0.62
CA ASP C 61 44.52 -25.71 -0.35
C ASP C 61 44.23 -26.78 0.69
N GLY C 62 43.02 -26.79 1.23
CA GLY C 62 42.65 -27.81 2.20
C GLY C 62 43.24 -27.62 3.59
N SER C 63 43.94 -26.50 3.80
CA SER C 63 44.56 -26.22 5.10
C SER C 63 43.54 -25.73 6.14
N VAL C 64 43.88 -25.93 7.42
CA VAL C 64 43.09 -25.38 8.52
C VAL C 64 43.38 -23.89 8.61
N ILE C 65 42.33 -23.07 8.61
CA ILE C 65 42.49 -21.63 8.76
C ILE C 65 42.74 -21.34 10.22
N CYS C 66 41.86 -21.87 11.07
CA CYS C 66 41.95 -21.68 12.51
C CYS C 66 40.93 -22.56 13.22
N GLN C 67 40.98 -22.56 14.55
CA GLN C 67 39.97 -23.20 15.37
C GLN C 67 38.90 -22.16 15.70
N VAL C 68 37.65 -22.62 15.76
CA VAL C 68 36.50 -21.76 16.02
C VAL C 68 35.70 -22.42 17.14
N SER C 69 35.14 -21.63 18.06
CA SER C 69 34.31 -22.17 19.14
C SER C 69 33.13 -22.98 18.61
N LEU C 70 32.83 -24.07 19.30
CA LEU C 70 31.77 -25.00 18.91
C LEU C 70 30.62 -24.91 19.93
N ALA C 71 29.59 -24.13 19.60
CA ALA C 71 28.47 -23.87 20.51
C ALA C 71 27.77 -25.13 21.00
N GLN C 72 27.45 -25.14 22.29
CA GLN C 72 26.71 -26.22 22.93
C GLN C 72 25.32 -25.72 23.25
N VAL C 73 24.43 -26.62 23.68
CA VAL C 73 23.06 -26.26 24.05
C VAL C 73 23.00 -25.10 25.06
N SER C 74 23.83 -25.18 26.11
CA SER C 74 23.81 -24.13 27.13
C SER C 74 24.19 -22.76 26.54
N ASP C 75 25.03 -22.79 25.50
CA ASP C 75 25.41 -21.60 24.76
C ASP C 75 24.24 -21.00 23.97
N VAL C 76 23.43 -21.86 23.34
CA VAL C 76 22.22 -21.42 22.66
C VAL C 76 21.29 -20.72 23.67
N ASP C 77 21.08 -21.36 24.82
CA ASP C 77 20.23 -20.81 25.88
C ASP C 77 20.70 -19.43 26.37
N LYS C 78 22.02 -19.27 26.52
CA LYS C 78 22.61 -17.98 26.88
C LYS C 78 22.36 -16.91 25.81
N ALA C 79 22.51 -17.30 24.54
CA ALA C 79 22.29 -16.38 23.43
C ALA C 79 20.83 -15.96 23.36
N VAL C 80 19.92 -16.92 23.50
CA VAL C 80 18.48 -16.62 23.48
C VAL C 80 18.13 -15.70 24.66
N ALA C 81 18.65 -16.02 25.85
CA ALA C 81 18.44 -15.17 27.03
C ALA C 81 18.93 -13.74 26.79
N ALA C 82 20.11 -13.60 26.17
CA ALA C 82 20.64 -12.27 25.87
C ALA C 82 19.76 -11.53 24.85
N ALA C 83 19.30 -12.23 23.82
CA ALA C 83 18.37 -11.65 22.82
C ALA C 83 17.04 -11.24 23.45
N LYS C 84 16.51 -12.08 24.34
CA LYS C 84 15.25 -11.80 25.02
C LYS C 84 15.37 -10.56 25.89
N GLU C 85 16.45 -10.46 26.66
CA GLU C 85 16.69 -9.31 27.53
C GLU C 85 16.88 -8.04 26.70
N ALA C 86 17.62 -8.16 25.59
CA ALA C 86 17.84 -7.01 24.70
C ALA C 86 16.52 -6.50 24.12
N PHE C 87 15.66 -7.42 23.71
CA PHE C 87 14.36 -7.06 23.15
C PHE C 87 13.42 -6.46 24.21
N GLU C 88 13.31 -7.15 25.36
CA GLU C 88 12.34 -6.76 26.42
C GLU C 88 12.74 -5.54 27.23
N ASN C 89 14.01 -5.42 27.58
CA ASN C 89 14.44 -4.37 28.51
C ASN C 89 15.54 -3.46 27.99
N GLY C 90 16.24 -3.89 26.94
CA GLY C 90 17.35 -3.11 26.40
C GLY C 90 16.93 -1.95 25.51
N LEU C 91 17.90 -1.11 25.19
CA LEU C 91 17.74 0.09 24.37
C LEU C 91 17.04 -0.16 23.04
N TRP C 92 17.32 -1.32 22.42
CA TRP C 92 16.80 -1.61 21.09
C TRP C 92 15.29 -1.55 21.06
N GLY C 93 14.67 -1.96 22.16
CA GLY C 93 13.21 -1.95 22.25
C GLY C 93 12.63 -0.60 22.60
N LYS C 94 13.49 0.38 22.86
CA LYS C 94 13.03 1.68 23.35
C LYS C 94 13.24 2.83 22.35
N ILE C 95 14.30 2.74 21.54
CA ILE C 95 14.61 3.80 20.58
C ILE C 95 13.52 3.95 19.51
N ASN C 96 13.41 5.15 18.95
CA ASN C 96 12.57 5.40 17.79
C ASN C 96 12.96 4.51 16.61
N ALA C 97 11.96 4.14 15.80
CA ALA C 97 12.19 3.43 14.55
C ALA C 97 13.25 4.13 13.69
N ARG C 98 13.18 5.46 13.64
CA ARG C 98 14.13 6.28 12.89
C ARG C 98 15.56 6.08 13.38
N ASP C 99 15.72 5.94 14.70
CA ASP C 99 17.03 5.80 15.31
C ASP C 99 17.55 4.37 15.17
N ARG C 100 16.64 3.41 15.15
CA ARG C 100 16.99 2.04 14.78
C ARG C 100 17.51 2.05 13.32
N GLY C 101 16.82 2.76 12.45
CA GLY C 101 17.25 2.97 11.07
C GLY C 101 18.67 3.51 10.98
N ARG C 102 18.96 4.57 11.74
CA ARG C 102 20.28 5.20 11.81
C ARG C 102 21.39 4.20 12.20
N LEU C 103 21.10 3.34 13.18
CA LEU C 103 22.07 2.33 13.60
C LEU C 103 22.36 1.31 12.51
N LEU C 104 21.32 0.91 11.78
CA LEU C 104 21.51 -0.07 10.70
C LEU C 104 22.27 0.55 9.51
N TYR C 105 22.02 1.83 9.24
CA TYR C 105 22.79 2.56 8.22
C TYR C 105 24.25 2.58 8.64
C TYR C 105 24.26 2.75 8.60
N ARG C 106 24.49 3.00 9.89
CA ARG C 106 25.86 3.03 10.44
C ARG C 106 26.53 1.64 10.35
N LEU C 107 25.78 0.57 10.64
CA LEU C 107 26.34 -0.78 10.49
C LEU C 107 26.77 -1.04 9.02
N ALA C 108 25.95 -0.63 8.06
CA ALA C 108 26.30 -0.77 6.65
C ALA C 108 27.59 0.02 6.32
N ASP C 109 27.69 1.24 6.85
CA ASP C 109 28.90 2.06 6.71
C ASP C 109 30.15 1.38 7.28
N VAL C 110 30.03 0.79 8.46
CA VAL C 110 31.14 0.03 9.07
C VAL C 110 31.53 -1.16 8.17
N MET C 111 30.54 -1.89 7.66
CA MET C 111 30.79 -3.01 6.74
C MET C 111 31.52 -2.49 5.48
N GLU C 112 31.10 -1.33 4.97
CA GLU C 112 31.77 -0.74 3.81
C GLU C 112 33.21 -0.34 4.12
N GLN C 113 33.44 0.28 5.27
CA GLN C 113 34.81 0.58 5.72
C GLN C 113 35.67 -0.69 5.84
N HIS C 114 35.05 -1.85 6.09
CA HIS C 114 35.78 -3.11 6.21
C HIS C 114 35.60 -4.04 5.01
N GLN C 115 35.22 -3.51 3.85
CA GLN C 115 34.76 -4.40 2.77
C GLN C 115 35.85 -5.32 2.20
N GLU C 116 37.08 -4.82 2.06
CA GLU C 116 38.20 -5.60 1.53
C GLU C 116 38.53 -6.73 2.49
N GLU C 117 38.57 -6.42 3.78
CA GLU C 117 38.81 -7.44 4.80
C GLU C 117 37.72 -8.52 4.81
N LEU C 118 36.46 -8.11 4.76
CA LEU C 118 35.34 -9.06 4.72
C LEU C 118 35.39 -9.94 3.46
N ALA C 119 35.70 -9.34 2.32
CA ALA C 119 35.79 -10.07 1.06
C ALA C 119 36.96 -11.06 1.06
N THR C 120 38.07 -10.66 1.71
CA THR C 120 39.22 -11.55 1.86
C THR C 120 38.88 -12.72 2.77
N ILE C 121 38.21 -12.42 3.88
CA ILE C 121 37.78 -13.48 4.79
C ILE C 121 36.86 -14.47 4.06
N GLU C 122 35.95 -13.94 3.24
CA GLU C 122 35.05 -14.81 2.49
C GLU C 122 35.80 -15.64 1.43
N ALA C 123 36.80 -15.03 0.79
CA ALA C 123 37.66 -15.77 -0.13
C ALA C 123 38.31 -16.97 0.59
N LEU C 124 38.85 -16.71 1.78
CA LEU C 124 39.51 -17.75 2.57
C LEU C 124 38.56 -18.83 3.04
N ASP C 125 37.39 -18.43 3.52
CA ASP C 125 36.47 -19.32 4.22
C ASP C 125 35.54 -20.07 3.28
N ALA C 126 35.10 -19.41 2.22
CA ALA C 126 34.11 -20.00 1.32
C ALA C 126 34.64 -20.29 -0.09
N GLY C 127 35.86 -19.81 -0.40
CA GLY C 127 36.45 -19.96 -1.74
C GLY C 127 35.84 -18.98 -2.72
N ALA C 128 35.19 -17.95 -2.20
CA ALA C 128 34.59 -16.90 -3.02
C ALA C 128 35.71 -16.13 -3.74
N VAL C 129 35.61 -16.05 -5.06
CA VAL C 129 36.56 -15.28 -5.85
C VAL C 129 36.52 -13.83 -5.34
N TYR C 130 37.71 -13.29 -5.04
CA TYR C 130 37.80 -12.02 -4.32
C TYR C 130 37.05 -10.87 -5.00
N THR C 131 37.26 -10.68 -6.31
CA THR C 131 36.59 -9.62 -7.07
C THR C 131 35.06 -9.76 -7.01
N LEU C 132 34.57 -11.01 -7.03
CA LEU C 132 33.14 -11.29 -6.91
C LEU C 132 32.66 -11.01 -5.48
N ALA C 133 33.47 -11.42 -4.50
CA ALA C 133 33.16 -11.23 -3.09
C ALA C 133 32.99 -9.76 -2.75
N LEU C 134 33.91 -8.91 -3.25
CA LEU C 134 33.80 -7.47 -3.10
C LEU C 134 32.47 -6.91 -3.61
N LYS C 135 32.11 -7.30 -4.83
CA LYS C 135 30.91 -6.77 -5.50
C LYS C 135 29.61 -7.40 -5.00
N THR C 136 29.63 -8.68 -4.68
CA THR C 136 28.39 -9.40 -4.41
C THR C 136 28.30 -9.86 -2.95
N HIS C 137 29.10 -10.84 -2.56
CA HIS C 137 29.09 -11.34 -1.19
C HIS C 137 29.04 -10.19 -0.18
N VAL C 138 29.93 -9.20 -0.36
CA VAL C 138 30.05 -8.07 0.56
C VAL C 138 29.24 -6.85 0.07
N GLY C 139 29.39 -6.47 -1.20
CA GLY C 139 28.67 -5.30 -1.74
C GLY C 139 27.16 -5.40 -1.58
N MET C 140 26.57 -6.55 -1.91
CA MET C 140 25.13 -6.70 -1.76
C MET C 140 24.71 -6.73 -0.28
N SER C 141 25.57 -7.29 0.58
CA SER C 141 25.32 -7.30 2.02
C SER C 141 25.17 -5.88 2.55
N ILE C 142 26.05 -4.99 2.07
CA ILE C 142 26.03 -3.57 2.42
C ILE C 142 24.77 -2.88 1.91
N GLN C 143 24.43 -3.14 0.65
CA GLN C 143 23.17 -2.64 0.08
C GLN C 143 21.98 -3.12 0.91
N THR C 144 22.03 -4.36 1.38
CA THR C 144 20.89 -4.93 2.13
C THR C 144 20.63 -4.16 3.42
N PHE C 145 21.68 -3.91 4.21
CA PHE C 145 21.52 -3.14 5.44
C PHE C 145 21.05 -1.71 5.18
N ARG C 146 21.59 -1.06 4.15
CA ARG C 146 21.17 0.29 3.78
C ARG C 146 19.72 0.33 3.32
N TYR C 147 19.31 -0.67 2.54
CA TYR C 147 17.94 -0.76 2.07
C TYR C 147 16.97 -0.92 3.25
N PHE C 148 17.19 -1.95 4.07
CA PHE C 148 16.28 -2.19 5.20
C PHE C 148 16.34 -1.09 6.26
N ALA C 149 17.50 -0.44 6.42
CA ALA C 149 17.62 0.72 7.32
C ALA C 149 16.60 1.81 6.95
N GLY C 150 16.37 1.99 5.64
CA GLY C 150 15.40 2.98 5.16
C GLY C 150 13.93 2.62 5.43
N TRP C 151 13.65 1.32 5.59
CA TRP C 151 12.29 0.85 5.91
C TRP C 151 11.83 1.13 7.36
N CYS C 152 12.76 1.27 8.30
CA CYS C 152 12.40 1.30 9.73
C CYS C 152 11.28 2.29 10.05
N ASP C 153 11.41 3.54 9.60
CA ASP C 153 10.39 4.54 9.93
C ASP C 153 9.30 4.68 8.83
N LYS C 154 9.26 3.69 7.93
CA LYS C 154 8.25 3.63 6.88
C LYS C 154 7.39 2.37 6.97
N ILE C 155 7.58 1.61 8.05
CA ILE C 155 6.72 0.48 8.35
C ILE C 155 5.43 1.03 8.98
N GLN C 156 4.31 0.83 8.30
CA GLN C 156 3.07 1.49 8.69
C GLN C 156 1.91 0.52 8.83
N GLY C 157 1.05 0.79 9.80
CA GLY C 157 -0.19 0.06 9.91
C GLY C 157 -1.31 0.81 9.21
N ALA C 158 -2.55 0.49 9.56
CA ALA C 158 -3.72 1.02 8.86
C ALA C 158 -4.77 1.59 9.81
N THR C 159 -5.68 2.39 9.27
CA THR C 159 -6.92 2.72 9.96
C THR C 159 -8.02 2.24 9.02
N ILE C 160 -9.01 1.55 9.59
CA ILE C 160 -9.91 0.72 8.81
C ILE C 160 -11.37 1.16 9.05
N PRO C 161 -12.15 1.38 7.97
CA PRO C 161 -13.53 1.87 8.11
C PRO C 161 -14.52 0.75 8.44
N ILE C 162 -14.47 0.25 9.67
CA ILE C 162 -15.37 -0.81 10.11
C ILE C 162 -16.82 -0.31 10.29
N ASN C 163 -17.77 -1.24 10.30
CA ASN C 163 -19.15 -0.91 10.68
C ASN C 163 -19.22 -0.35 12.09
N GLN C 164 -20.03 0.69 12.25
CA GLN C 164 -20.15 1.44 13.49
C GLN C 164 -21.25 0.87 14.37
N ALA C 165 -20.94 0.72 15.66
CA ALA C 165 -21.91 0.19 16.62
C ALA C 165 -22.87 1.29 17.10
N ARG C 166 -23.72 1.76 16.18
CA ARG C 166 -24.64 2.88 16.42
C ARG C 166 -25.52 2.64 17.63
N PRO C 167 -25.84 3.70 18.42
CA PRO C 167 -25.50 5.12 18.23
C PRO C 167 -24.05 5.49 18.58
N ASN C 168 -23.24 4.51 18.96
CA ASN C 168 -21.84 4.81 19.25
C ASN C 168 -20.93 4.81 18.00
N ARG C 169 -19.64 5.08 18.19
CA ARG C 169 -18.68 5.17 17.11
C ARG C 169 -17.55 4.17 17.34
N ASN C 170 -16.89 3.75 16.27
CA ASN C 170 -15.73 2.85 16.39
C ASN C 170 -14.55 3.37 15.61
N LEU C 171 -13.36 3.19 16.17
CA LEU C 171 -12.10 3.42 15.49
C LEU C 171 -11.34 2.10 15.52
N THR C 172 -10.95 1.62 14.34
CA THR C 172 -10.10 0.44 14.24
C THR C 172 -8.80 0.81 13.54
N LEU C 173 -7.68 0.53 14.22
CA LEU C 173 -6.37 0.72 13.63
C LEU C 173 -5.55 -0.56 13.78
N THR C 174 -4.47 -0.66 13.01
CA THR C 174 -3.50 -1.72 13.22
C THR C 174 -2.17 -1.12 13.57
N LYS C 175 -1.44 -1.83 14.41
CA LYS C 175 -0.05 -1.52 14.74
C LYS C 175 0.85 -2.64 14.23
C LYS C 175 0.85 -2.64 14.24
N LYS C 176 1.92 -2.28 13.53
CA LYS C 176 2.92 -3.25 13.12
C LYS C 176 3.92 -3.35 14.26
N GLU C 177 4.13 -4.55 14.79
CA GLU C 177 5.01 -4.73 15.93
C GLU C 177 6.10 -5.74 15.57
N PRO C 178 7.25 -5.70 16.25
CA PRO C 178 8.23 -6.78 16.05
C PRO C 178 7.65 -8.13 16.50
N VAL C 179 8.16 -9.22 15.95
CA VAL C 179 7.79 -10.55 16.46
C VAL C 179 8.49 -10.89 17.78
N GLY C 180 9.69 -10.34 18.00
CA GLY C 180 10.46 -10.64 19.20
C GLY C 180 11.78 -11.34 18.89
N VAL C 181 12.15 -12.29 19.76
CA VAL C 181 13.39 -13.04 19.58
C VAL C 181 13.30 -13.98 18.36
N CYS C 182 14.24 -13.82 17.44
CA CYS C 182 14.29 -14.65 16.23
C CYS C 182 15.56 -15.51 16.19
N GLY C 183 15.45 -16.66 15.52
CA GLY C 183 16.60 -17.48 15.19
C GLY C 183 16.76 -17.48 13.68
N ILE C 184 17.99 -17.29 13.22
CA ILE C 184 18.29 -17.33 11.78
C ILE C 184 19.33 -18.43 11.53
N VAL C 185 19.00 -19.35 10.63
CA VAL C 185 19.84 -20.47 10.31
C VAL C 185 20.08 -20.43 8.82
N ILE C 186 21.36 -20.45 8.43
CA ILE C 186 21.75 -20.15 7.05
C ILE C 186 22.79 -21.15 6.51
N PRO C 187 22.97 -21.16 5.17
CA PRO C 187 23.91 -22.11 4.60
C PRO C 187 25.27 -21.47 4.32
N TRP C 188 26.10 -22.18 3.58
CA TRP C 188 27.52 -21.84 3.41
C TRP C 188 27.88 -21.22 2.07
N ASN C 189 26.93 -21.12 1.15
CA ASN C 189 27.29 -20.69 -0.21
C ASN C 189 27.66 -19.21 -0.37
N TYR C 190 26.93 -18.33 0.29
CA TYR C 190 27.31 -16.92 0.42
C TYR C 190 27.15 -16.60 1.91
N PRO C 191 28.18 -16.94 2.73
CA PRO C 191 28.00 -16.84 4.19
C PRO C 191 27.55 -15.48 4.73
N LEU C 192 28.29 -14.42 4.43
CA LEU C 192 27.92 -13.07 4.85
C LEU C 192 26.64 -12.57 4.21
N MET C 193 26.44 -12.87 2.92
CA MET C 193 25.29 -12.35 2.20
C MET C 193 23.95 -12.97 2.67
N MET C 194 23.90 -14.29 2.84
CA MET C 194 22.70 -14.93 3.37
C MET C 194 22.41 -14.44 4.78
N LEU C 195 23.46 -14.29 5.59
CA LEU C 195 23.31 -13.68 6.91
C LEU C 195 22.67 -12.29 6.77
N SER C 196 23.20 -11.51 5.84
CA SER C 196 22.81 -10.11 5.72
C SER C 196 21.38 -9.95 5.23
N TRP C 197 21.01 -10.71 4.19
CA TRP C 197 19.64 -10.69 3.69
C TRP C 197 18.63 -10.81 4.85
N LYS C 198 18.80 -11.83 5.68
CA LYS C 198 17.81 -12.17 6.70
C LYS C 198 17.91 -11.27 7.92
N THR C 199 19.14 -10.98 8.33
CA THR C 199 19.40 -10.20 9.53
C THR C 199 18.97 -8.76 9.34
N ALA C 200 19.21 -8.20 8.15
CA ALA C 200 18.82 -6.80 7.92
C ALA C 200 17.32 -6.64 8.06
N ALA C 201 16.54 -7.53 7.45
CA ALA C 201 15.09 -7.44 7.53
C ALA C 201 14.62 -7.67 8.97
N CYS C 202 15.24 -8.65 9.62
CA CYS C 202 14.96 -8.99 11.00
C CYS C 202 15.17 -7.80 11.93
N LEU C 203 16.35 -7.18 11.86
CA LEU C 203 16.66 -6.03 12.73
C LEU C 203 15.86 -4.77 12.37
N ALA C 204 15.70 -4.50 11.07
CA ALA C 204 14.90 -3.35 10.62
C ALA C 204 13.47 -3.38 11.20
N ALA C 205 12.92 -4.58 11.35
CA ALA C 205 11.60 -4.75 11.95
C ALA C 205 11.59 -4.66 13.48
N GLY C 206 12.76 -4.48 14.10
CA GLY C 206 12.84 -4.20 15.54
C GLY C 206 13.07 -5.43 16.42
N ASN C 207 13.36 -6.56 15.79
CA ASN C 207 13.58 -7.81 16.50
C ASN C 207 15.00 -7.91 17.02
N THR C 208 15.25 -8.94 17.83
CA THR C 208 16.62 -9.31 18.21
C THR C 208 16.84 -10.74 17.72
N VAL C 209 18.09 -11.16 17.64
CA VAL C 209 18.34 -12.37 16.89
C VAL C 209 19.50 -13.22 17.38
N VAL C 210 19.34 -14.53 17.22
CA VAL C 210 20.43 -15.48 17.35
C VAL C 210 20.67 -16.13 15.97
N ILE C 211 21.90 -16.00 15.48
CA ILE C 211 22.25 -16.47 14.15
C ILE C 211 23.13 -17.72 14.23
N LYS C 212 22.75 -18.74 13.47
CA LYS C 212 23.61 -19.93 13.32
C LYS C 212 24.16 -19.93 11.89
N PRO C 213 25.43 -19.53 11.71
CA PRO C 213 26.04 -19.69 10.38
C PRO C 213 26.27 -21.17 10.09
N ALA C 214 26.44 -21.52 8.81
CA ALA C 214 26.77 -22.91 8.49
C ALA C 214 28.06 -23.22 9.24
N GLN C 215 28.13 -24.40 9.84
CA GLN C 215 29.33 -24.74 10.60
C GLN C 215 30.62 -24.58 9.78
N VAL C 216 30.60 -25.00 8.51
CA VAL C 216 31.81 -24.93 7.66
C VAL C 216 32.27 -23.52 7.32
N THR C 217 31.38 -22.52 7.48
CA THR C 217 31.72 -21.13 7.12
C THR C 217 31.35 -20.10 8.21
N PRO C 218 32.08 -20.06 9.34
CA PRO C 218 31.69 -19.17 10.44
C PRO C 218 32.34 -17.78 10.46
N LEU C 219 33.36 -17.57 9.64
CA LEU C 219 34.28 -16.45 9.84
C LEU C 219 33.76 -15.07 9.49
N THR C 220 33.11 -14.90 8.34
CA THR C 220 32.54 -13.56 8.07
C THR C 220 31.43 -13.20 9.06
N ALA C 221 30.66 -14.20 9.51
CA ALA C 221 29.62 -13.97 10.50
C ALA C 221 30.21 -13.42 11.79
N LEU C 222 31.34 -14.01 12.20
CA LEU C 222 32.02 -13.59 13.44
C LEU C 222 32.65 -12.21 13.27
N LYS C 223 33.18 -11.92 12.09
CA LYS C 223 33.73 -10.58 11.84
C LYS C 223 32.58 -9.56 11.82
N PHE C 224 31.49 -9.91 11.15
CA PHE C 224 30.24 -9.13 11.20
C PHE C 224 29.80 -8.80 12.63
N ALA C 225 29.84 -9.82 13.50
CA ALA C 225 29.48 -9.62 14.92
C ALA C 225 30.29 -8.48 15.54
N GLU C 226 31.60 -8.46 15.26
CA GLU C 226 32.47 -7.43 15.80
C GLU C 226 32.11 -6.08 15.22
N LEU C 227 31.71 -6.06 13.94
CA LEU C 227 31.28 -4.83 13.30
C LEU C 227 30.00 -4.24 13.94
N THR C 228 29.12 -5.10 14.48
CA THR C 228 27.93 -4.62 15.20
C THR C 228 28.33 -3.86 16.48
N LEU C 229 29.43 -4.26 17.12
CA LEU C 229 30.00 -3.50 18.24
C LEU C 229 30.52 -2.13 17.80
N LYS C 230 31.30 -2.11 16.71
CA LYS C 230 31.82 -0.85 16.17
C LYS C 230 30.68 0.07 15.76
N ALA C 231 29.56 -0.51 15.34
CA ALA C 231 28.42 0.28 14.87
C ALA C 231 27.53 0.78 16.02
N GLY C 232 27.75 0.26 17.22
CA GLY C 232 26.92 0.64 18.37
C GLY C 232 25.56 -0.04 18.41
N ILE C 233 25.43 -1.21 17.81
CA ILE C 233 24.25 -2.03 18.02
C ILE C 233 24.26 -2.53 19.47
N PRO C 234 23.18 -2.25 20.23
CA PRO C 234 23.15 -2.62 21.66
C PRO C 234 23.45 -4.10 21.90
N LYS C 235 24.10 -4.40 23.02
N LYS C 235 24.08 -4.38 23.04
CA LYS C 235 24.52 -5.77 23.33
CA LYS C 235 24.44 -5.74 23.46
C LYS C 235 23.33 -6.71 23.50
C LYS C 235 23.24 -6.68 23.41
N GLY C 236 23.45 -7.89 22.91
CA GLY C 236 22.39 -8.88 22.90
C GLY C 236 21.43 -8.80 21.70
N VAL C 237 21.48 -7.72 20.93
CA VAL C 237 20.60 -7.59 19.75
C VAL C 237 20.98 -8.64 18.70
N VAL C 238 22.29 -8.85 18.54
CA VAL C 238 22.82 -9.85 17.62
C VAL C 238 23.68 -10.84 18.39
N ASN C 239 23.38 -12.11 18.24
CA ASN C 239 24.20 -13.17 18.84
C ASN C 239 24.47 -14.17 17.76
N ILE C 240 25.70 -14.70 17.73
CA ILE C 240 26.11 -15.59 16.65
C ILE C 240 26.79 -16.81 17.23
N LEU C 241 26.30 -17.99 16.82
CA LEU C 241 26.74 -19.27 17.38
C LEU C 241 27.22 -20.25 16.32
N PRO C 242 28.52 -20.19 15.98
CA PRO C 242 29.06 -21.25 15.13
C PRO C 242 28.86 -22.62 15.80
N GLY C 243 28.51 -23.62 15.01
CA GLY C 243 28.24 -24.95 15.53
C GLY C 243 27.29 -25.69 14.61
N SER C 244 26.89 -26.88 15.01
CA SER C 244 26.15 -27.76 14.12
C SER C 244 24.66 -27.45 14.07
N GLY C 245 24.06 -27.72 12.91
CA GLY C 245 22.63 -27.62 12.76
C GLY C 245 21.89 -28.58 13.69
N SER C 246 22.38 -29.82 13.77
CA SER C 246 21.69 -30.83 14.56
C SER C 246 21.69 -30.53 16.07
N LEU C 247 22.67 -29.76 16.56
CA LEU C 247 22.69 -29.37 17.96
C LEU C 247 22.17 -27.92 18.15
N VAL C 248 22.88 -26.96 17.57
CA VAL C 248 22.59 -25.54 17.78
C VAL C 248 21.32 -25.11 17.06
N GLY C 249 21.24 -25.44 15.77
CA GLY C 249 20.07 -25.09 14.96
C GLY C 249 18.80 -25.72 15.53
N GLN C 250 18.91 -26.98 15.93
CA GLN C 250 17.83 -27.71 16.58
C GLN C 250 17.32 -27.03 17.85
N ARG C 251 18.22 -26.70 18.76
CA ARG C 251 17.85 -26.02 19.99
C ARG C 251 17.15 -24.66 19.72
N LEU C 252 17.62 -23.92 18.71
CA LEU C 252 16.96 -22.67 18.30
C LEU C 252 15.51 -22.90 17.88
N SER C 253 15.30 -23.90 17.01
CA SER C 253 13.95 -24.27 16.56
C SER C 253 13.06 -24.77 17.70
N ASP C 254 13.67 -25.34 18.74
CA ASP C 254 12.93 -25.92 19.88
C ASP C 254 12.66 -24.92 21.00
N HIS C 255 13.43 -23.83 21.03
CA HIS C 255 13.48 -22.97 22.22
C HIS C 255 12.14 -22.29 22.50
N PRO C 256 11.68 -22.34 23.77
CA PRO C 256 10.37 -21.75 24.08
C PRO C 256 10.33 -20.22 24.01
N ASP C 257 11.48 -19.55 24.03
CA ASP C 257 11.51 -18.08 23.94
C ASP C 257 11.83 -17.55 22.54
N VAL C 258 12.10 -18.44 21.60
CA VAL C 258 12.29 -18.02 20.21
C VAL C 258 10.90 -17.99 19.58
N ARG C 259 10.58 -16.93 18.88
CA ARG C 259 9.21 -16.76 18.36
C ARG C 259 9.09 -16.85 16.84
N LYS C 260 10.25 -16.91 16.16
CA LYS C 260 10.29 -16.98 14.70
C LYS C 260 11.63 -17.55 14.27
N ILE C 261 11.61 -18.45 13.29
CA ILE C 261 12.79 -18.97 12.63
C ILE C 261 12.79 -18.53 11.16
N GLY C 262 13.90 -17.95 10.72
CA GLY C 262 14.13 -17.67 9.31
C GLY C 262 15.18 -18.68 8.86
N PHE C 263 14.81 -19.52 7.90
CA PHE C 263 15.71 -20.59 7.47
C PHE C 263 16.00 -20.58 5.96
N THR C 264 17.27 -20.82 5.64
CA THR C 264 17.72 -21.02 4.27
C THR C 264 18.61 -22.27 4.25
N GLY C 265 18.30 -23.21 3.37
CA GLY C 265 19.06 -24.44 3.28
C GLY C 265 18.34 -25.45 2.42
N SER C 266 18.61 -26.73 2.64
CA SER C 266 18.03 -27.78 1.84
C SER C 266 16.55 -27.97 2.21
N THR C 267 15.80 -28.54 1.27
CA THR C 267 14.39 -28.85 1.47
C THR C 267 14.20 -29.83 2.64
N GLU C 268 15.03 -30.86 2.73
CA GLU C 268 14.84 -31.85 3.81
C GLU C 268 15.06 -31.30 5.23
N VAL C 269 16.08 -30.45 5.40
CA VAL C 269 16.30 -29.80 6.70
C VAL C 269 15.17 -28.78 6.97
N GLY C 270 14.70 -28.13 5.90
CA GLY C 270 13.58 -27.18 6.00
C GLY C 270 12.34 -27.85 6.57
N LYS C 271 12.06 -29.07 6.11
CA LYS C 271 10.94 -29.87 6.62
C LYS C 271 11.11 -30.14 8.11
N HIS C 272 12.32 -30.52 8.49
CA HIS C 272 12.61 -30.81 9.88
C HIS C 272 12.47 -29.58 10.77
N ILE C 273 12.98 -28.43 10.28
CA ILE C 273 12.90 -27.16 10.99
C ILE C 273 11.45 -26.77 11.24
N MET C 274 10.63 -26.85 10.20
CA MET C 274 9.22 -26.48 10.27
C MET C 274 8.49 -27.38 11.28
N LYS C 275 8.81 -28.67 11.22
CA LYS C 275 8.28 -29.64 12.18
C LYS C 275 8.70 -29.27 13.61
N SER C 276 9.96 -28.90 13.80
CA SER C 276 10.44 -28.49 15.12
C SER C 276 9.75 -27.23 15.65
N CYS C 277 9.50 -26.27 14.74
CA CYS C 277 8.71 -25.09 15.09
C CYS C 277 7.32 -25.45 15.60
N ALA C 278 6.65 -26.37 14.89
CA ALA C 278 5.31 -26.84 15.24
C ALA C 278 5.28 -27.45 16.64
N LEU C 279 6.18 -28.40 16.88
CA LEU C 279 6.17 -29.22 18.09
C LEU C 279 6.54 -28.45 19.37
N SER C 280 7.29 -27.36 19.24
CA SER C 280 7.64 -26.55 20.40
C SER C 280 6.52 -25.58 20.77
N ASN C 281 6.52 -24.40 20.16
CA ASN C 281 5.60 -23.33 20.56
C ASN C 281 4.91 -22.66 19.38
N VAL C 282 4.72 -23.40 18.29
CA VAL C 282 4.24 -22.87 16.99
C VAL C 282 4.87 -21.53 16.60
N LYS C 283 6.18 -21.43 16.80
CA LYS C 283 6.91 -20.26 16.36
C LYS C 283 6.73 -20.09 14.84
N LYS C 284 6.75 -18.85 14.37
CA LYS C 284 6.69 -18.59 12.94
C LYS C 284 7.93 -19.15 12.25
N VAL C 285 7.77 -19.47 10.98
CA VAL C 285 8.86 -19.99 10.16
C VAL C 285 8.75 -19.46 8.73
N SER C 286 9.90 -19.12 8.14
CA SER C 286 10.00 -18.90 6.69
C SER C 286 11.08 -19.84 6.19
N LEU C 287 10.90 -20.33 4.96
CA LEU C 287 11.75 -21.37 4.41
C LEU C 287 12.20 -20.99 3.00
N GLU C 288 13.50 -20.87 2.82
CA GLU C 288 14.12 -20.67 1.50
C GLU C 288 14.87 -21.97 1.22
N LEU C 289 14.35 -22.79 0.31
CA LEU C 289 14.83 -24.15 0.17
C LEU C 289 15.54 -24.41 -1.18
N GLY C 290 15.52 -25.65 -1.65
CA GLY C 290 16.24 -25.97 -2.89
C GLY C 290 15.68 -25.33 -4.16
N GLY C 291 16.43 -25.50 -5.25
CA GLY C 291 15.91 -25.20 -6.60
C GLY C 291 16.32 -26.22 -7.65
N LYS C 292 15.50 -26.37 -8.69
CA LYS C 292 15.91 -27.02 -9.92
C LYS C 292 15.34 -26.12 -11.02
N SER C 293 15.92 -24.93 -11.11
CA SER C 293 15.34 -23.85 -11.88
C SER C 293 15.57 -24.02 -13.39
N PRO C 294 14.49 -23.95 -14.19
CA PRO C 294 14.59 -24.10 -15.64
C PRO C 294 14.88 -22.79 -16.36
N LEU C 295 15.76 -22.83 -17.35
CA LEU C 295 16.02 -21.70 -18.21
C LEU C 295 15.66 -22.14 -19.61
N ILE C 296 14.70 -21.43 -20.21
CA ILE C 296 14.21 -21.77 -21.54
C ILE C 296 14.77 -20.77 -22.54
N ILE C 297 15.50 -21.29 -23.53
CA ILE C 297 16.21 -20.44 -24.48
C ILE C 297 15.66 -20.66 -25.89
N PHE C 298 14.94 -19.68 -26.41
CA PHE C 298 14.32 -19.77 -27.74
C PHE C 298 15.28 -19.40 -28.87
N ALA C 299 15.01 -19.92 -30.06
CA ALA C 299 15.84 -19.69 -31.25
C ALA C 299 15.90 -18.21 -31.64
N ASP C 300 14.84 -17.47 -31.33
CA ASP C 300 14.80 -16.03 -31.61
C ASP C 300 15.50 -15.14 -30.56
N CYS C 301 16.28 -15.73 -29.64
CA CYS C 301 17.10 -14.95 -28.71
C CYS C 301 18.35 -14.39 -29.41
N ASP C 302 19.03 -13.47 -28.74
CA ASP C 302 20.36 -13.02 -29.13
C ASP C 302 21.26 -14.14 -28.64
N LEU C 303 21.85 -14.90 -29.58
CA LEU C 303 22.53 -16.14 -29.26
C LEU C 303 23.79 -15.97 -28.43
N ASN C 304 24.65 -15.04 -28.84
CA ASN C 304 25.91 -14.82 -28.12
C ASN C 304 25.67 -14.35 -26.70
N LYS C 305 24.65 -13.52 -26.50
CA LYS C 305 24.24 -13.08 -25.16
C LYS C 305 23.66 -14.24 -24.35
N ALA C 306 22.91 -15.12 -25.02
CA ALA C 306 22.32 -16.29 -24.39
C ALA C 306 23.41 -17.22 -23.88
N VAL C 307 24.50 -17.34 -24.64
CA VAL C 307 25.66 -18.12 -24.20
C VAL C 307 26.29 -17.47 -22.95
N GLN C 308 26.48 -16.15 -22.97
CA GLN C 308 27.10 -15.45 -21.84
C GLN C 308 26.25 -15.56 -20.58
N MET C 309 24.96 -15.26 -20.73
CA MET C 309 24.04 -15.32 -19.60
C MET C 309 23.69 -16.75 -19.17
N GLY C 310 23.66 -17.67 -20.14
CA GLY C 310 23.39 -19.08 -19.85
C GLY C 310 24.51 -19.68 -19.04
N MET C 311 25.74 -19.34 -19.39
CA MET C 311 26.92 -19.76 -18.63
C MET C 311 26.90 -19.21 -17.21
N SER C 312 26.59 -17.93 -17.10
CA SER C 312 26.48 -17.28 -15.82
C SER C 312 25.39 -17.91 -14.95
N SER C 313 24.25 -18.20 -15.57
CA SER C 313 23.12 -18.83 -14.88
C SER C 313 23.52 -20.11 -14.16
N VAL C 314 24.53 -20.81 -14.68
CA VAL C 314 25.01 -22.08 -14.09
C VAL C 314 26.26 -21.90 -13.22
N PHE C 315 27.27 -21.21 -13.76
CA PHE C 315 28.60 -21.20 -13.16
C PHE C 315 28.83 -20.12 -12.09
N PHE C 316 27.95 -19.13 -12.02
CA PHE C 316 28.11 -18.02 -11.06
C PHE C 316 28.36 -18.57 -9.67
N ASN C 317 29.36 -18.00 -8.97
CA ASN C 317 29.75 -18.48 -7.64
C ASN C 317 29.99 -19.99 -7.60
N LYS C 318 30.73 -20.51 -8.58
CA LYS C 318 30.98 -21.95 -8.76
C LYS C 318 29.74 -22.85 -8.66
N GLY C 319 28.60 -22.35 -9.14
CA GLY C 319 27.34 -23.07 -9.07
C GLY C 319 26.68 -23.19 -7.70
N GLU C 320 27.34 -22.65 -6.68
CA GLU C 320 26.83 -22.74 -5.30
C GLU C 320 25.84 -21.59 -5.09
N ASN C 321 24.66 -21.79 -5.66
CA ASN C 321 23.72 -20.71 -5.92
C ASN C 321 22.33 -21.36 -6.04
N ALA C 322 21.47 -21.09 -5.06
CA ALA C 322 20.17 -21.74 -5.00
C ALA C 322 19.29 -21.52 -6.24
N ILE C 323 19.45 -20.37 -6.89
CA ILE C 323 18.67 -20.07 -8.10
C ILE C 323 19.35 -20.44 -9.42
N ALA C 324 20.54 -21.03 -9.35
CA ALA C 324 21.25 -21.48 -10.56
C ALA C 324 20.30 -22.24 -11.48
N ALA C 325 20.41 -22.00 -12.79
CA ALA C 325 19.62 -22.78 -13.74
C ALA C 325 20.09 -24.24 -13.67
N GLY C 326 19.20 -25.10 -13.20
CA GLY C 326 19.48 -26.53 -13.03
C GLY C 326 19.12 -27.35 -14.26
N ARG C 327 18.41 -26.74 -15.21
CA ARG C 327 18.18 -27.30 -16.54
C ARG C 327 18.12 -26.14 -17.52
N LEU C 328 18.79 -26.29 -18.66
CA LEU C 328 18.58 -25.41 -19.79
C LEU C 328 17.85 -26.16 -20.88
N PHE C 329 16.70 -25.65 -21.27
CA PHE C 329 15.99 -26.15 -22.44
C PHE C 329 16.32 -25.22 -23.60
N VAL C 330 16.96 -25.76 -24.63
CA VAL C 330 17.42 -24.96 -25.76
C VAL C 330 16.71 -25.42 -27.02
N GLU C 331 16.12 -24.48 -27.75
CA GLU C 331 15.31 -24.82 -28.91
C GLU C 331 16.18 -25.56 -29.94
N GLU C 332 15.58 -26.60 -30.54
CA GLU C 332 16.29 -27.52 -31.45
C GLU C 332 17.24 -26.83 -32.44
N SER C 333 16.75 -25.83 -33.18
CA SER C 333 17.51 -25.22 -34.26
C SER C 333 18.76 -24.43 -33.85
N ILE C 334 18.88 -24.08 -32.56
CA ILE C 334 20.09 -23.40 -32.09
C ILE C 334 20.92 -24.23 -31.12
N HIS C 335 20.41 -25.40 -30.74
CA HIS C 335 21.02 -26.20 -29.70
C HIS C 335 22.50 -26.48 -29.95
N ASN C 336 22.80 -26.98 -31.13
CA ASN C 336 24.15 -27.44 -31.43
C ASN C 336 25.13 -26.27 -31.48
N GLN C 337 24.72 -25.15 -32.07
CA GLN C 337 25.55 -23.94 -32.07
C GLN C 337 25.70 -23.35 -30.66
N PHE C 338 24.61 -23.36 -29.87
CA PHE C 338 24.69 -22.96 -28.47
C PHE C 338 25.75 -23.76 -27.71
N VAL C 339 25.69 -25.09 -27.80
CA VAL C 339 26.65 -25.96 -27.11
C VAL C 339 28.08 -25.72 -27.58
N GLN C 340 28.27 -25.55 -28.89
CA GLN C 340 29.60 -25.23 -29.45
C GLN C 340 30.15 -23.96 -28.81
N LYS C 341 29.35 -22.90 -28.81
CA LYS C 341 29.77 -21.63 -28.22
C LYS C 341 30.05 -21.73 -26.72
N VAL C 342 29.20 -22.46 -25.98
CA VAL C 342 29.43 -22.64 -24.54
C VAL C 342 30.77 -23.34 -24.31
N VAL C 343 31.03 -24.42 -25.05
CA VAL C 343 32.29 -25.13 -24.93
C VAL C 343 33.51 -24.22 -25.20
N GLU C 344 33.44 -23.44 -26.28
CA GLU C 344 34.48 -22.47 -26.60
C GLU C 344 34.72 -21.52 -25.42
N GLU C 345 33.63 -20.99 -24.87
CA GLU C 345 33.71 -20.05 -23.74
C GLU C 345 34.19 -20.70 -22.45
N VAL C 346 33.73 -21.93 -22.19
CA VAL C 346 34.13 -22.66 -20.98
C VAL C 346 35.65 -22.86 -20.95
N GLU C 347 36.24 -23.10 -22.13
CA GLU C 347 37.68 -23.29 -22.27
C GLU C 347 38.45 -22.02 -21.93
N LYS C 348 37.82 -20.86 -22.06
CA LYS C 348 38.46 -19.60 -21.72
C LYS C 348 38.42 -19.25 -20.22
N MET C 349 37.67 -20.00 -19.41
CA MET C 349 37.54 -19.71 -17.98
C MET C 349 38.83 -19.97 -17.23
N LYS C 350 39.23 -19.02 -16.41
CA LYS C 350 40.41 -19.19 -15.58
C LYS C 350 40.03 -19.75 -14.20
N ILE C 351 40.45 -20.98 -13.93
CA ILE C 351 40.22 -21.67 -12.67
C ILE C 351 41.43 -21.42 -11.78
N GLY C 352 41.19 -21.03 -10.52
CA GLY C 352 42.31 -20.82 -9.63
C GLY C 352 42.00 -20.20 -8.30
N ASN C 353 43.06 -19.85 -7.59
CA ASN C 353 43.02 -19.22 -6.27
C ASN C 353 42.09 -18.00 -6.33
N PRO C 354 41.12 -17.93 -5.40
CA PRO C 354 40.16 -16.81 -5.43
C PRO C 354 40.81 -15.44 -5.32
N LEU C 355 42.03 -15.39 -4.80
CA LEU C 355 42.76 -14.13 -4.66
C LEU C 355 43.49 -13.67 -5.93
N GLU C 356 43.69 -14.58 -6.90
CA GLU C 356 44.26 -14.16 -8.19
C GLU C 356 43.19 -13.34 -8.89
N ARG C 357 43.57 -12.14 -9.33
CA ARG C 357 42.58 -11.19 -9.83
C ARG C 357 41.97 -11.57 -11.18
N ASP C 358 42.58 -12.53 -11.89
CA ASP C 358 42.01 -12.99 -13.14
C ASP C 358 41.25 -14.30 -13.00
N THR C 359 41.09 -14.81 -11.78
CA THR C 359 40.30 -16.03 -11.58
C THR C 359 38.84 -15.78 -11.94
N ASN C 360 38.27 -16.67 -12.77
CA ASN C 360 36.84 -16.68 -13.10
C ASN C 360 36.10 -17.72 -12.25
N HIS C 361 36.79 -18.78 -11.87
CA HIS C 361 36.15 -19.93 -11.24
C HIS C 361 36.97 -20.38 -10.04
N GLY C 362 36.42 -20.15 -8.85
CA GLY C 362 37.11 -20.51 -7.61
C GLY C 362 36.85 -21.95 -7.25
N PRO C 363 37.39 -22.39 -6.09
CA PRO C 363 37.13 -23.77 -5.67
C PRO C 363 35.74 -23.92 -5.07
N GLN C 364 35.25 -25.16 -5.01
CA GLN C 364 34.01 -25.47 -4.29
C GLN C 364 34.20 -25.23 -2.80
N ASN C 365 33.10 -25.10 -2.08
CA ASN C 365 33.12 -24.55 -0.72
C ASN C 365 33.88 -25.42 0.27
N HIS C 366 33.65 -26.72 0.17
CA HIS C 366 34.31 -27.67 1.04
C HIS C 366 34.38 -29.04 0.37
N GLU C 367 35.18 -29.91 0.97
CA GLU C 367 35.54 -31.20 0.39
C GLU C 367 34.34 -32.11 0.15
N ALA C 368 33.48 -32.24 1.15
CA ALA C 368 32.32 -33.14 0.99
C ALA C 368 31.41 -32.75 -0.20
N HIS C 369 31.32 -31.44 -0.47
CA HIS C 369 30.49 -30.98 -1.59
C HIS C 369 31.15 -31.35 -2.94
N LEU C 370 32.47 -31.15 -3.04
CA LEU C 370 33.24 -31.60 -4.20
C LEU C 370 32.98 -33.07 -4.50
N ARG C 371 33.05 -33.91 -3.47
CA ARG C 371 32.80 -35.35 -3.63
C ARG C 371 31.39 -35.64 -4.14
N LYS C 372 30.40 -34.90 -3.62
CA LYS C 372 29.03 -35.02 -4.12
C LYS C 372 28.96 -34.72 -5.62
N LEU C 373 29.71 -33.70 -6.07
CA LEU C 373 29.66 -33.26 -7.46
C LEU C 373 30.30 -34.30 -8.40
N VAL C 374 31.38 -34.93 -7.97
CA VAL C 374 32.00 -36.00 -8.74
C VAL C 374 31.01 -37.15 -8.93
N GLU C 375 30.37 -37.57 -7.84
CA GLU C 375 29.35 -38.62 -7.89
C GLU C 375 28.16 -38.25 -8.78
N TYR C 376 27.72 -37.00 -8.66
CA TYR C 376 26.59 -36.52 -9.44
C TYR C 376 26.88 -36.69 -10.93
N CYS C 377 28.09 -36.35 -11.34
CA CYS C 377 28.44 -36.45 -12.75
C CYS C 377 28.66 -37.90 -13.21
N GLN C 378 29.24 -38.74 -12.35
CA GLN C 378 29.35 -40.18 -12.63
C GLN C 378 27.97 -40.74 -12.89
N ARG C 379 26.99 -40.35 -12.07
CA ARG C 379 25.61 -40.79 -12.24
C ARG C 379 24.93 -40.31 -13.54
N GLY C 380 25.15 -39.04 -13.89
CA GLY C 380 24.65 -38.51 -15.16
C GLY C 380 25.15 -39.28 -16.37
N VAL C 381 26.43 -39.66 -16.37
CA VAL C 381 26.98 -40.44 -17.50
C VAL C 381 26.38 -41.85 -17.48
N LYS C 382 26.38 -42.45 -16.30
CA LYS C 382 25.83 -43.79 -16.15
C LYS C 382 24.42 -43.93 -16.72
N GLU C 383 23.57 -42.94 -16.47
CA GLU C 383 22.17 -43.00 -16.90
C GLU C 383 21.97 -42.54 -18.35
N GLY C 384 23.04 -42.16 -19.03
CA GLY C 384 22.95 -41.98 -20.49
C GLY C 384 23.07 -40.57 -21.04
N ALA C 385 23.32 -39.58 -20.17
CA ALA C 385 23.54 -38.21 -20.65
C ALA C 385 24.95 -38.10 -21.27
N THR C 386 25.11 -37.16 -22.20
CA THR C 386 26.40 -36.93 -22.84
C THR C 386 27.24 -35.89 -22.08
N LEU C 387 28.36 -36.35 -21.52
CA LEU C 387 29.32 -35.44 -20.91
C LEU C 387 30.11 -34.74 -22.02
N VAL C 388 29.86 -33.44 -22.20
CA VAL C 388 30.54 -32.65 -23.23
C VAL C 388 31.86 -32.10 -22.75
N CYS C 389 31.94 -31.66 -21.49
CA CYS C 389 33.20 -31.23 -20.88
C CYS C 389 33.10 -31.26 -19.36
N GLY C 390 34.24 -31.23 -18.69
CA GLY C 390 34.28 -31.22 -17.24
C GLY C 390 33.86 -32.56 -16.65
N GLY C 391 33.24 -32.51 -15.48
CA GLY C 391 32.74 -33.71 -14.82
C GLY C 391 33.59 -34.24 -13.70
N ASN C 392 34.79 -33.68 -13.51
CA ASN C 392 35.66 -34.15 -12.45
C ASN C 392 36.36 -33.06 -11.65
N GLN C 393 36.96 -33.45 -10.53
CA GLN C 393 37.84 -32.58 -9.80
C GLN C 393 38.98 -32.11 -10.71
N VAL C 394 39.34 -30.83 -10.61
CA VAL C 394 40.54 -30.33 -11.25
C VAL C 394 41.73 -30.84 -10.45
N PRO C 395 42.68 -31.53 -11.12
CA PRO C 395 43.89 -31.95 -10.39
C PRO C 395 44.72 -30.72 -10.00
N ARG C 396 44.70 -30.43 -8.70
CA ARG C 396 45.48 -29.35 -8.07
C ARG C 396 45.08 -29.37 -6.60
N PRO C 397 45.89 -28.73 -5.73
CA PRO C 397 45.49 -28.65 -4.32
C PRO C 397 44.12 -27.96 -4.12
N GLY C 398 43.44 -28.32 -3.04
CA GLY C 398 42.14 -27.75 -2.73
C GLY C 398 41.02 -28.55 -3.38
N PHE C 399 39.84 -27.93 -3.48
CA PHE C 399 38.64 -28.65 -3.90
C PHE C 399 37.97 -28.00 -5.11
N PHE C 400 38.72 -27.97 -6.22
CA PHE C 400 38.26 -27.35 -7.43
C PHE C 400 37.56 -28.40 -8.29
N PHE C 401 36.44 -28.00 -8.89
CA PHE C 401 35.67 -28.87 -9.76
C PHE C 401 35.53 -28.21 -11.12
N GLN C 402 35.60 -29.01 -12.18
CA GLN C 402 35.58 -28.47 -13.55
C GLN C 402 34.19 -27.99 -13.95
N PRO C 403 34.10 -26.81 -14.56
CA PRO C 403 32.85 -26.39 -15.20
C PRO C 403 32.41 -27.47 -16.20
N THR C 404 31.17 -27.93 -16.06
CA THR C 404 30.71 -29.15 -16.70
C THR C 404 29.52 -28.85 -17.58
N VAL C 405 29.44 -29.54 -18.73
CA VAL C 405 28.30 -29.44 -19.63
C VAL C 405 27.81 -30.86 -19.96
N PHE C 406 26.51 -31.07 -19.74
CA PHE C 406 25.81 -32.31 -20.13
C PHE C 406 24.81 -31.97 -21.23
N THR C 407 24.77 -32.78 -22.28
CA THR C 407 23.72 -32.70 -23.29
C THR C 407 22.97 -34.04 -23.34
N ASP C 408 22.00 -34.15 -24.24
CA ASP C 408 21.16 -35.35 -24.36
C ASP C 408 20.56 -35.76 -23.02
N VAL C 409 20.18 -34.75 -22.24
CA VAL C 409 19.54 -34.97 -20.95
C VAL C 409 18.04 -35.16 -21.18
N GLU C 410 17.49 -36.21 -20.59
CA GLU C 410 16.07 -36.51 -20.79
C GLU C 410 15.33 -36.39 -19.47
N ASP C 411 14.02 -36.11 -19.56
CA ASP C 411 13.20 -35.70 -18.41
C ASP C 411 13.15 -36.66 -17.22
N HIS C 412 13.35 -37.96 -17.48
CA HIS C 412 13.28 -38.99 -16.42
C HIS C 412 14.60 -39.11 -15.66
N MET C 413 15.66 -38.51 -16.19
CA MET C 413 16.99 -38.68 -15.59
C MET C 413 17.14 -38.04 -14.22
N TYR C 414 17.96 -38.66 -13.39
CA TYR C 414 18.36 -38.12 -12.10
C TYR C 414 18.88 -36.68 -12.20
N ILE C 415 19.77 -36.40 -13.17
CA ILE C 415 20.36 -35.06 -13.27
C ILE C 415 19.35 -34.04 -13.84
N ALA C 416 18.23 -34.52 -14.36
CA ALA C 416 17.13 -33.66 -14.78
C ALA C 416 16.20 -33.31 -13.58
N LYS C 417 16.37 -34.04 -12.48
CA LYS C 417 15.49 -33.88 -11.32
C LYS C 417 16.19 -33.32 -10.10
N GLU C 418 17.44 -33.74 -9.91
CA GLU C 418 18.17 -33.43 -8.68
C GLU C 418 19.00 -32.16 -8.81
N GLU C 419 19.00 -31.34 -7.75
CA GLU C 419 19.82 -30.12 -7.72
C GLU C 419 21.28 -30.49 -7.46
N SER C 420 22.20 -30.05 -8.31
CA SER C 420 23.62 -30.34 -8.13
C SER C 420 24.29 -29.36 -7.16
N PHE C 421 23.85 -28.09 -7.22
CA PHE C 421 24.44 -27.01 -6.43
C PHE C 421 25.93 -26.87 -6.78
N GLY C 422 26.27 -27.22 -8.03
CA GLY C 422 27.61 -27.10 -8.58
C GLY C 422 27.59 -26.59 -10.01
N PRO C 423 28.78 -26.35 -10.59
CA PRO C 423 28.91 -25.71 -11.90
C PRO C 423 28.66 -26.71 -13.04
N ILE C 424 27.41 -27.16 -13.14
CA ILE C 424 27.03 -28.25 -14.05
C ILE C 424 25.83 -27.84 -14.91
N MET C 425 26.13 -27.54 -16.17
CA MET C 425 25.12 -27.12 -17.13
C MET C 425 24.43 -28.34 -17.73
N ILE C 426 23.11 -28.40 -17.56
CA ILE C 426 22.32 -29.59 -17.86
C ILE C 426 21.30 -29.28 -18.97
N ILE C 427 21.63 -29.68 -20.20
CA ILE C 427 20.91 -29.20 -21.39
C ILE C 427 20.01 -30.24 -22.06
N SER C 428 18.76 -29.85 -22.32
CA SER C 428 17.82 -30.61 -23.11
C SER C 428 17.34 -29.76 -24.29
N ARG C 429 17.14 -30.40 -25.46
CA ARG C 429 16.51 -29.72 -26.60
C ARG C 429 15.01 -29.62 -26.36
N PHE C 430 14.36 -28.65 -27.01
CA PHE C 430 12.90 -28.70 -27.16
C PHE C 430 12.52 -28.33 -28.59
N ALA C 431 11.36 -28.81 -29.02
CA ALA C 431 10.97 -28.74 -30.43
C ALA C 431 10.70 -27.32 -30.87
N ASP C 432 11.23 -27.00 -32.04
CA ASP C 432 10.97 -25.71 -32.65
C ASP C 432 9.49 -25.42 -32.58
N GLY C 433 9.15 -24.22 -32.14
CA GLY C 433 7.76 -23.77 -32.15
C GLY C 433 6.77 -24.47 -31.25
N ASP C 434 7.23 -25.27 -30.29
CA ASP C 434 6.36 -25.66 -29.16
C ASP C 434 6.65 -24.69 -28.00
N VAL C 435 5.63 -24.41 -27.18
CA VAL C 435 5.78 -23.52 -26.02
C VAL C 435 5.18 -24.18 -24.78
N ASP C 436 3.91 -24.58 -24.85
CA ASP C 436 3.26 -25.27 -23.75
C ASP C 436 3.95 -26.57 -23.37
N ALA C 437 4.50 -27.27 -24.37
CA ALA C 437 5.17 -28.53 -24.13
C ALA C 437 6.47 -28.32 -23.33
N VAL C 438 7.31 -27.37 -23.75
CA VAL C 438 8.52 -27.07 -22.95
C VAL C 438 8.17 -26.53 -21.53
N LEU C 439 7.14 -25.69 -21.44
CA LEU C 439 6.68 -25.18 -20.13
C LEU C 439 6.33 -26.32 -19.18
N SER C 440 5.57 -27.30 -19.67
CA SER C 440 5.23 -28.50 -18.91
C SER C 440 6.46 -29.20 -18.35
N ARG C 441 7.46 -29.38 -19.21
CA ARG C 441 8.70 -30.06 -18.76
C ARG C 441 9.45 -29.23 -17.73
N ALA C 442 9.47 -27.90 -17.93
CA ALA C 442 10.16 -26.97 -17.05
C ALA C 442 9.46 -26.92 -15.69
N ASN C 443 8.14 -27.08 -15.70
CA ASN C 443 7.33 -27.07 -14.47
C ASN C 443 7.22 -28.45 -13.74
N ALA C 444 7.74 -29.52 -14.35
CA ALA C 444 7.53 -30.87 -13.79
C ALA C 444 8.57 -31.19 -12.72
N THR C 445 8.52 -30.43 -11.64
CA THR C 445 9.47 -30.52 -10.54
C THR C 445 8.71 -30.01 -9.32
N GLU C 446 9.09 -30.51 -8.15
CA GLU C 446 8.52 -30.03 -6.89
C GLU C 446 9.27 -28.82 -6.35
N PHE C 447 10.35 -28.44 -7.02
CA PHE C 447 11.01 -27.16 -6.75
C PHE C 447 10.27 -26.04 -7.47
N GLY C 448 10.57 -24.81 -7.09
CA GLY C 448 9.92 -23.64 -7.66
C GLY C 448 10.55 -22.35 -7.19
N LEU C 449 11.88 -22.29 -7.18
CA LEU C 449 12.57 -21.12 -6.67
C LEU C 449 12.80 -20.03 -7.73
N ALA C 450 13.35 -20.43 -8.88
CA ALA C 450 13.59 -19.47 -9.95
C ALA C 450 13.39 -20.13 -11.30
N SER C 451 13.64 -19.36 -12.34
CA SER C 451 13.44 -19.80 -13.72
C SER C 451 13.84 -18.62 -14.60
N GLY C 452 13.94 -18.87 -15.90
CA GLY C 452 14.28 -17.83 -16.83
C GLY C 452 13.86 -18.16 -18.25
N VAL C 453 13.83 -17.14 -19.10
CA VAL C 453 13.50 -17.30 -20.49
C VAL C 453 14.29 -16.28 -21.30
N PHE C 454 14.98 -16.77 -22.35
CA PHE C 454 15.62 -15.89 -23.31
C PHE C 454 14.85 -15.91 -24.62
N THR C 455 14.36 -14.74 -25.04
CA THR C 455 13.62 -14.58 -26.31
C THR C 455 13.51 -13.10 -26.64
N ARG C 456 13.59 -12.75 -27.92
CA ARG C 456 13.32 -11.36 -28.35
C ARG C 456 11.83 -11.13 -28.54
N ASP C 457 11.04 -12.19 -28.48
CA ASP C 457 9.59 -12.13 -28.73
C ASP C 457 8.81 -11.74 -27.47
N ILE C 458 8.20 -10.56 -27.49
CA ILE C 458 7.45 -10.06 -26.34
C ILE C 458 6.30 -11.00 -25.94
N ASN C 459 5.62 -11.59 -26.91
CA ASN C 459 4.49 -12.44 -26.60
C ASN C 459 4.90 -13.72 -25.87
N LYS C 460 5.97 -14.35 -26.37
CA LYS C 460 6.52 -15.52 -25.70
C LYS C 460 7.00 -15.19 -24.30
N ALA C 461 7.75 -14.09 -24.18
CA ALA C 461 8.35 -13.74 -22.90
C ALA C 461 7.27 -13.56 -21.83
N LEU C 462 6.18 -12.86 -22.18
CA LEU C 462 5.13 -12.56 -21.22
C LEU C 462 4.32 -13.81 -20.87
N TYR C 463 3.96 -14.58 -21.90
CA TYR C 463 3.24 -15.82 -21.72
C TYR C 463 4.05 -16.82 -20.88
N VAL C 464 5.32 -16.99 -21.23
CA VAL C 464 6.19 -17.90 -20.48
C VAL C 464 6.35 -17.46 -19.01
N SER C 465 6.47 -16.15 -18.78
CA SER C 465 6.61 -15.69 -17.41
C SER C 465 5.33 -15.93 -16.56
N ASP C 466 4.15 -15.83 -17.18
CA ASP C 466 2.89 -16.20 -16.52
C ASP C 466 2.86 -17.66 -16.12
N LYS C 467 3.29 -18.51 -17.04
CA LYS C 467 3.13 -19.96 -16.91
C LYS C 467 4.17 -20.67 -16.07
N LEU C 468 5.35 -20.06 -15.89
CA LEU C 468 6.41 -20.70 -15.08
C LEU C 468 6.03 -20.75 -13.60
N GLN C 469 6.18 -21.92 -12.99
CA GLN C 469 5.80 -22.09 -11.58
C GLN C 469 7.00 -21.88 -10.67
N ALA C 470 7.42 -20.62 -10.55
CA ALA C 470 8.64 -20.28 -9.81
C ALA C 470 8.51 -18.89 -9.24
N GLY C 471 9.11 -18.68 -8.07
CA GLY C 471 8.99 -17.41 -7.36
C GLY C 471 9.69 -16.24 -8.05
N THR C 472 10.68 -16.53 -8.88
CA THR C 472 11.34 -15.50 -9.68
C THR C 472 11.38 -15.99 -11.14
N VAL C 473 11.03 -15.12 -12.07
CA VAL C 473 11.26 -15.39 -13.50
C VAL C 473 12.18 -14.30 -14.06
N PHE C 474 13.33 -14.72 -14.57
CA PHE C 474 14.21 -13.78 -15.27
C PHE C 474 13.90 -13.75 -16.76
N ILE C 475 13.88 -12.56 -17.34
CA ILE C 475 13.63 -12.42 -18.77
C ILE C 475 14.81 -11.71 -19.43
N ASN C 476 15.50 -12.46 -20.31
CA ASN C 476 16.68 -11.98 -21.02
C ASN C 476 17.78 -11.55 -20.09
N THR C 477 17.80 -12.19 -18.91
CA THR C 477 18.88 -12.02 -17.94
C THR C 477 18.87 -13.22 -17.02
N TYR C 478 19.82 -13.31 -16.10
CA TYR C 478 19.77 -14.35 -15.07
C TYR C 478 20.56 -13.89 -13.85
N ASN C 479 20.18 -14.39 -12.66
CA ASN C 479 20.84 -14.04 -11.39
C ASN C 479 20.71 -12.56 -11.03
N LYS C 480 19.77 -11.88 -11.65
CA LYS C 480 19.57 -10.46 -11.40
C LYS C 480 18.70 -10.27 -10.15
N THR C 481 19.26 -10.58 -8.99
CA THR C 481 18.58 -10.31 -7.73
C THR C 481 18.79 -8.84 -7.37
N ASP C 482 17.98 -8.32 -6.45
CA ASP C 482 18.14 -6.93 -6.02
C ASP C 482 17.56 -6.82 -4.63
N VAL C 483 18.21 -6.05 -3.76
CA VAL C 483 17.76 -5.93 -2.37
C VAL C 483 16.31 -5.46 -2.24
N ALA C 484 15.80 -4.78 -3.27
CA ALA C 484 14.40 -4.30 -3.28
C ALA C 484 13.41 -5.32 -3.88
N ALA C 485 13.93 -6.38 -4.49
CA ALA C 485 13.07 -7.32 -5.22
C ALA C 485 12.91 -8.61 -4.41
N PRO C 486 11.67 -8.96 -4.03
CA PRO C 486 11.47 -10.13 -3.16
C PRO C 486 11.90 -11.45 -3.81
N PHE C 487 12.48 -12.31 -2.98
CA PHE C 487 13.14 -13.55 -3.40
C PHE C 487 12.60 -14.67 -2.50
N GLY C 488 11.97 -15.68 -3.11
CA GLY C 488 11.40 -16.78 -2.35
C GLY C 488 10.81 -17.82 -3.28
N GLY C 489 10.54 -19.01 -2.74
CA GLY C 489 10.12 -20.13 -3.57
C GLY C 489 8.65 -20.47 -3.49
N PHE C 490 8.21 -21.27 -4.46
CA PHE C 490 6.92 -21.93 -4.45
C PHE C 490 7.14 -23.42 -4.22
N LYS C 491 6.05 -24.15 -3.95
CA LYS C 491 6.08 -25.62 -3.79
C LYS C 491 7.13 -26.03 -2.75
N GLN C 492 8.00 -26.98 -3.07
CA GLN C 492 8.96 -27.45 -2.06
C GLN C 492 10.24 -26.59 -1.97
N SER C 493 10.27 -25.47 -2.69
CA SER C 493 11.32 -24.46 -2.50
C SER C 493 11.01 -23.54 -1.30
N GLY C 494 9.84 -23.72 -0.71
CA GLY C 494 9.52 -23.07 0.55
C GLY C 494 8.46 -21.98 0.44
N PHE C 495 8.57 -21.00 1.34
CA PHE C 495 7.61 -19.88 1.40
C PHE C 495 8.20 -18.72 2.18
N GLY C 496 7.65 -17.53 1.95
CA GLY C 496 8.15 -16.31 2.57
C GLY C 496 9.24 -15.71 1.69
N LYS C 497 9.45 -14.40 1.81
CA LYS C 497 10.42 -13.71 0.99
C LYS C 497 11.55 -13.21 1.83
N ASP C 498 12.74 -13.26 1.24
CA ASP C 498 13.84 -12.39 1.64
C ASP C 498 13.91 -11.28 0.61
N LEU C 499 14.39 -10.12 1.07
CA LEU C 499 14.55 -8.92 0.24
C LEU C 499 13.21 -8.27 -0.09
N GLY C 500 13.27 -6.97 -0.42
CA GLY C 500 12.07 -6.20 -0.69
C GLY C 500 11.24 -5.91 0.55
N GLU C 501 10.20 -5.10 0.36
CA GLU C 501 9.26 -4.79 1.41
C GLU C 501 8.61 -6.08 1.95
N ALA C 502 8.34 -7.02 1.05
CA ALA C 502 7.71 -8.30 1.43
C ALA C 502 8.46 -9.06 2.53
N ALA C 503 9.79 -8.95 2.55
CA ALA C 503 10.60 -9.61 3.58
C ALA C 503 10.25 -9.21 5.02
N LEU C 504 9.84 -7.96 5.19
CA LEU C 504 9.50 -7.40 6.51
C LEU C 504 8.32 -8.11 7.13
N ASN C 505 7.43 -8.60 6.30
CA ASN C 505 6.23 -9.26 6.78
C ASN C 505 6.47 -10.56 7.55
N GLU C 506 7.59 -11.21 7.29
CA GLU C 506 7.99 -12.39 8.06
C GLU C 506 8.52 -11.99 9.45
N TYR C 507 8.85 -10.71 9.63
CA TYR C 507 9.49 -10.26 10.87
C TYR C 507 8.64 -9.28 11.68
N LEU C 508 7.40 -9.11 11.24
CA LEU C 508 6.45 -8.24 11.91
C LEU C 508 5.18 -9.01 12.24
N ARG C 509 4.47 -8.55 13.27
CA ARG C 509 3.13 -9.04 13.56
C ARG C 509 2.16 -7.86 13.49
N ILE C 510 0.88 -8.13 13.31
CA ILE C 510 -0.13 -7.08 13.17
C ILE C 510 -1.06 -7.16 14.37
N LYS C 511 -1.15 -6.04 15.10
CA LYS C 511 -2.07 -5.91 16.22
C LYS C 511 -3.24 -5.02 15.81
N THR C 512 -4.44 -5.55 15.94
CA THR C 512 -5.64 -4.77 15.65
C THR C 512 -6.14 -4.17 16.94
N VAL C 513 -6.36 -2.85 16.93
CA VAL C 513 -6.84 -2.14 18.12
C VAL C 513 -8.16 -1.50 17.74
N THR C 514 -9.23 -1.90 18.43
CA THR C 514 -10.58 -1.43 18.11
C THR C 514 -11.24 -0.74 19.32
N PHE C 515 -11.55 0.55 19.14
CA PHE C 515 -12.18 1.39 20.15
C PHE C 515 -13.68 1.49 19.88
N GLU C 516 -14.44 1.60 20.97
CA GLU C 516 -15.77 2.19 20.87
C GLU C 516 -15.77 3.51 21.64
N TYR C 517 -16.36 4.55 21.06
CA TYR C 517 -16.48 5.82 21.77
C TYR C 517 -17.80 6.50 21.45
N VAL D 20 -31.24 -33.74 -9.40
CA VAL D 20 -31.98 -33.58 -8.10
C VAL D 20 -31.09 -34.04 -6.92
N ILE D 21 -31.14 -33.25 -5.85
CA ILE D 21 -30.33 -33.48 -4.65
C ILE D 21 -31.22 -34.09 -3.55
N ASN D 22 -30.72 -35.12 -2.88
CA ASN D 22 -31.40 -35.69 -1.71
C ASN D 22 -31.31 -34.76 -0.50
N TYR D 23 -32.44 -34.55 0.17
CA TYR D 23 -32.50 -33.70 1.36
C TYR D 23 -33.04 -34.44 2.54
N VAL D 24 -32.63 -34.02 3.73
CA VAL D 24 -33.36 -34.32 4.93
C VAL D 24 -34.30 -33.14 5.08
N GLU D 25 -35.60 -33.41 5.05
CA GLU D 25 -36.60 -32.36 5.17
C GLU D 25 -37.03 -32.21 6.61
N LYS D 26 -37.23 -30.97 7.05
CA LYS D 26 -37.67 -30.74 8.42
C LYS D 26 -38.52 -29.49 8.54
N ALA D 27 -39.73 -29.66 9.06
CA ALA D 27 -40.63 -28.53 9.30
C ALA D 27 -40.38 -27.98 10.69
N VAL D 28 -39.87 -26.76 10.75
CA VAL D 28 -39.47 -26.17 12.03
C VAL D 28 -39.16 -24.68 11.86
N ASN D 29 -39.44 -23.92 12.91
CA ASN D 29 -39.24 -22.47 12.93
C ASN D 29 -40.05 -21.77 11.82
N LYS D 30 -41.23 -22.32 11.53
CA LYS D 30 -42.12 -21.86 10.46
C LYS D 30 -41.49 -21.93 9.07
N LEU D 31 -40.59 -22.91 8.89
CA LEU D 31 -39.91 -23.10 7.61
C LEU D 31 -39.90 -24.58 7.29
N THR D 32 -39.71 -24.89 6.01
CA THR D 32 -39.38 -26.24 5.62
C THR D 32 -37.92 -26.25 5.23
N LEU D 33 -37.08 -26.78 6.11
CA LEU D 33 -35.66 -26.91 5.86
C LEU D 33 -35.44 -28.02 4.86
N GLN D 34 -34.53 -27.78 3.92
CA GLN D 34 -34.11 -28.81 2.98
C GLN D 34 -32.59 -28.91 3.10
N MET D 35 -32.14 -29.95 3.80
CA MET D 35 -30.76 -30.08 4.19
C MET D 35 -30.06 -31.21 3.45
N PRO D 36 -29.07 -30.88 2.58
CA PRO D 36 -28.20 -31.93 2.05
C PRO D 36 -27.41 -32.59 3.18
N TYR D 37 -27.01 -33.84 2.99
CA TYR D 37 -26.40 -34.63 4.06
C TYR D 37 -25.24 -35.46 3.52
N GLN D 38 -24.96 -35.32 2.23
CA GLN D 38 -23.90 -36.07 1.56
C GLN D 38 -22.60 -35.29 1.38
N LEU D 39 -21.54 -35.97 0.95
CA LEU D 39 -20.30 -35.29 0.56
C LEU D 39 -20.58 -34.41 -0.65
N PHE D 40 -19.89 -33.29 -0.75
CA PHE D 40 -19.95 -32.41 -1.92
C PHE D 40 -18.60 -32.44 -2.64
N ILE D 41 -18.58 -33.05 -3.82
CA ILE D 41 -17.34 -33.28 -4.56
C ILE D 41 -17.61 -33.01 -6.03
N GLY D 42 -16.80 -32.13 -6.63
CA GLY D 42 -16.89 -31.85 -8.06
C GLY D 42 -18.29 -31.43 -8.46
N GLY D 43 -18.95 -30.65 -7.61
CA GLY D 43 -20.23 -30.06 -7.95
C GLY D 43 -21.43 -30.97 -7.77
N GLU D 44 -21.25 -32.10 -7.09
CA GLU D 44 -22.39 -32.97 -6.81
C GLU D 44 -22.35 -33.60 -5.43
N PHE D 45 -23.54 -33.86 -4.90
CA PHE D 45 -23.69 -34.53 -3.61
C PHE D 45 -23.64 -36.03 -3.83
N VAL D 46 -22.71 -36.68 -3.16
CA VAL D 46 -22.44 -38.10 -3.35
C VAL D 46 -22.22 -38.78 -2.00
N ASP D 47 -22.55 -40.06 -1.93
CA ASP D 47 -22.27 -40.86 -0.72
C ASP D 47 -20.77 -41.01 -0.58
N ALA D 48 -20.32 -41.21 0.66
CA ALA D 48 -18.94 -41.58 0.94
C ALA D 48 -18.66 -43.02 0.46
N GLU D 49 -17.37 -43.37 0.40
CA GLU D 49 -16.94 -44.73 0.13
C GLU D 49 -17.67 -45.68 1.09
N GLY D 50 -18.29 -46.72 0.53
CA GLY D 50 -19.01 -47.72 1.32
C GLY D 50 -20.29 -47.20 1.93
N SER D 51 -20.75 -46.04 1.50
CA SER D 51 -21.98 -45.43 2.05
C SER D 51 -21.97 -45.25 3.57
N LYS D 52 -20.77 -45.17 4.14
CA LYS D 52 -20.62 -44.92 5.58
C LYS D 52 -21.24 -43.58 5.96
N THR D 53 -21.86 -43.55 7.13
CA THR D 53 -22.53 -42.37 7.65
C THR D 53 -22.28 -42.28 9.16
N TYR D 54 -22.68 -41.16 9.74
CA TYR D 54 -22.62 -40.93 11.17
C TYR D 54 -23.77 -40.01 11.52
N ASN D 55 -24.07 -39.88 12.81
CA ASN D 55 -25.20 -39.05 13.25
C ASN D 55 -24.77 -37.67 13.71
N THR D 56 -25.52 -36.65 13.31
CA THR D 56 -25.33 -35.33 13.88
C THR D 56 -26.42 -35.08 14.93
N ILE D 57 -26.01 -34.57 16.09
CA ILE D 57 -26.86 -34.50 17.28
C ILE D 57 -27.33 -33.07 17.59
N ASN D 58 -28.63 -32.93 17.82
CA ASN D 58 -29.24 -31.66 18.22
C ASN D 58 -28.94 -31.43 19.73
N PRO D 59 -28.15 -30.38 20.05
CA PRO D 59 -27.76 -30.15 21.45
C PRO D 59 -28.87 -29.65 22.37
N THR D 60 -30.02 -29.25 21.79
CA THR D 60 -31.15 -28.81 22.62
C THR D 60 -31.85 -29.98 23.31
N ASP D 61 -31.77 -31.18 22.73
CA ASP D 61 -32.47 -32.33 23.29
C ASP D 61 -31.72 -33.65 23.15
N GLY D 62 -30.54 -33.61 22.56
CA GLY D 62 -29.71 -34.79 22.45
C GLY D 62 -30.14 -35.79 21.39
N SER D 63 -31.13 -35.43 20.58
CA SER D 63 -31.64 -36.31 19.53
C SER D 63 -30.80 -36.25 18.25
N VAL D 64 -30.94 -37.29 17.43
CA VAL D 64 -30.32 -37.35 16.12
C VAL D 64 -31.06 -36.45 15.15
N ILE D 65 -30.36 -35.49 14.57
CA ILE D 65 -30.96 -34.66 13.52
C ILE D 65 -31.13 -35.51 12.27
N CYS D 66 -30.05 -36.16 11.85
CA CYS D 66 -30.06 -37.03 10.66
C CYS D 66 -28.72 -37.73 10.54
N GLN D 67 -28.61 -38.62 9.57
CA GLN D 67 -27.34 -39.25 9.20
C GLN D 67 -26.63 -38.40 8.14
N VAL D 68 -25.30 -38.36 8.22
CA VAL D 68 -24.48 -37.56 7.29
C VAL D 68 -23.38 -38.45 6.76
N SER D 69 -23.08 -38.36 5.46
CA SER D 69 -21.97 -39.13 4.89
C SER D 69 -20.67 -38.92 5.66
N LEU D 70 -19.90 -40.00 5.80
CA LEU D 70 -18.64 -40.00 6.54
C LEU D 70 -17.47 -40.18 5.59
N ALA D 71 -16.86 -39.06 5.18
CA ALA D 71 -15.76 -39.09 4.19
C ALA D 71 -14.64 -40.06 4.56
N GLN D 72 -14.19 -40.81 3.56
CA GLN D 72 -13.03 -41.71 3.70
C GLN D 72 -11.83 -41.13 2.94
N VAL D 73 -10.65 -41.74 3.09
CA VAL D 73 -9.44 -41.29 2.40
C VAL D 73 -9.62 -41.17 0.88
N SER D 74 -10.29 -42.15 0.27
CA SER D 74 -10.51 -42.12 -1.16
C SER D 74 -11.39 -40.93 -1.57
N ASP D 75 -12.29 -40.53 -0.66
CA ASP D 75 -13.14 -39.36 -0.87
C ASP D 75 -12.33 -38.06 -0.82
N VAL D 76 -11.38 -37.99 0.10
CA VAL D 76 -10.48 -36.85 0.16
C VAL D 76 -9.72 -36.73 -1.16
N ASP D 77 -9.16 -37.85 -1.63
CA ASP D 77 -8.40 -37.87 -2.88
C ASP D 77 -9.28 -37.43 -4.05
N LYS D 78 -10.54 -37.84 -4.03
CA LYS D 78 -11.49 -37.42 -5.07
C LYS D 78 -11.74 -35.90 -5.01
N ALA D 79 -11.90 -35.38 -3.80
CA ALA D 79 -12.15 -33.95 -3.60
C ALA D 79 -10.95 -33.11 -4.06
N VAL D 80 -9.75 -33.54 -3.67
CA VAL D 80 -8.53 -32.84 -4.04
C VAL D 80 -8.31 -32.88 -5.56
N ALA D 81 -8.58 -34.02 -6.18
CA ALA D 81 -8.47 -34.15 -7.64
C ALA D 81 -9.44 -33.21 -8.36
N ALA D 82 -10.65 -33.11 -7.81
CA ALA D 82 -11.67 -32.21 -8.35
C ALA D 82 -11.25 -30.74 -8.20
N ALA D 83 -10.70 -30.38 -7.05
CA ALA D 83 -10.20 -29.02 -6.82
C ALA D 83 -9.04 -28.69 -7.77
N LYS D 84 -8.14 -29.66 -7.93
CA LYS D 84 -6.98 -29.51 -8.81
C LYS D 84 -7.40 -29.26 -10.26
N GLU D 85 -8.33 -30.07 -10.75
CA GLU D 85 -8.83 -29.95 -12.12
C GLU D 85 -9.55 -28.62 -12.31
N ALA D 86 -10.37 -28.22 -11.34
CA ALA D 86 -11.10 -26.96 -11.42
C ALA D 86 -10.14 -25.75 -11.46
N PHE D 87 -9.03 -25.85 -10.73
CA PHE D 87 -8.03 -24.79 -10.72
C PHE D 87 -7.21 -24.75 -12.01
N GLU D 88 -6.63 -25.88 -12.39
CA GLU D 88 -5.72 -25.96 -13.53
C GLU D 88 -6.41 -25.83 -14.89
N ASN D 89 -7.61 -26.38 -15.02
CA ASN D 89 -8.25 -26.50 -16.31
C ASN D 89 -9.65 -25.94 -16.39
N GLY D 90 -10.31 -25.79 -15.25
CA GLY D 90 -11.68 -25.29 -15.20
C GLY D 90 -11.81 -23.79 -15.40
N LEU D 91 -13.05 -23.35 -15.55
CA LEU D 91 -13.41 -21.95 -15.71
C LEU D 91 -12.86 -20.98 -14.64
N TRP D 92 -12.79 -21.44 -13.38
CA TRP D 92 -12.32 -20.59 -12.26
C TRP D 92 -10.90 -20.08 -12.49
N GLY D 93 -10.06 -20.90 -13.11
CA GLY D 93 -8.68 -20.50 -13.41
C GLY D 93 -8.56 -19.58 -14.61
N LYS D 94 -9.64 -19.38 -15.36
CA LYS D 94 -9.60 -18.63 -16.62
C LYS D 94 -10.29 -17.27 -16.58
N ILE D 95 -11.35 -17.16 -15.78
CA ILE D 95 -12.18 -15.96 -15.77
C ILE D 95 -11.40 -14.78 -15.22
N ASN D 96 -11.88 -13.59 -15.53
CA ASN D 96 -11.34 -12.35 -14.98
C ASN D 96 -11.51 -12.30 -13.46
N ALA D 97 -10.54 -11.69 -12.77
CA ALA D 97 -10.64 -11.41 -11.36
C ALA D 97 -11.97 -10.70 -11.07
N ARG D 98 -12.36 -9.75 -11.94
CA ARG D 98 -13.62 -9.02 -11.77
C ARG D 98 -14.83 -9.96 -11.79
N ASP D 99 -14.77 -10.97 -12.65
CA ASP D 99 -15.89 -11.91 -12.81
C ASP D 99 -15.92 -12.96 -11.70
N ARG D 100 -14.74 -13.31 -11.21
CA ARG D 100 -14.60 -14.04 -9.95
C ARG D 100 -15.30 -13.28 -8.82
N GLY D 101 -15.03 -11.98 -8.70
CA GLY D 101 -15.71 -11.13 -7.74
C GLY D 101 -17.23 -11.18 -7.85
N ARG D 102 -17.74 -11.06 -9.09
CA ARG D 102 -19.19 -11.10 -9.34
C ARG D 102 -19.82 -12.41 -8.84
N LEU D 103 -19.13 -13.53 -9.05
CA LEU D 103 -19.64 -14.83 -8.60
C LEU D 103 -19.70 -14.92 -7.09
N LEU D 104 -18.69 -14.36 -6.42
CA LEU D 104 -18.65 -14.34 -4.96
C LEU D 104 -19.73 -13.41 -4.39
N TYR D 105 -19.96 -12.28 -5.05
CA TYR D 105 -21.05 -11.38 -4.66
C TYR D 105 -22.38 -12.10 -4.79
C TYR D 105 -22.44 -11.99 -4.87
N ARG D 106 -22.58 -12.75 -5.95
CA ARG D 106 -23.79 -13.54 -6.21
C ARG D 106 -23.94 -14.64 -5.14
N LEU D 107 -22.85 -15.31 -4.78
CA LEU D 107 -22.91 -16.28 -3.68
C LEU D 107 -23.43 -15.65 -2.37
N ALA D 108 -22.94 -14.47 -2.02
CA ALA D 108 -23.42 -13.76 -0.84
C ALA D 108 -24.91 -13.44 -0.93
N ASP D 109 -25.40 -13.06 -2.12
CA ASP D 109 -26.83 -12.79 -2.33
C ASP D 109 -27.67 -14.01 -2.14
N VAL D 110 -27.22 -15.14 -2.68
CA VAL D 110 -27.90 -16.41 -2.48
C VAL D 110 -27.97 -16.79 -0.99
N MET D 111 -26.86 -16.63 -0.27
CA MET D 111 -26.84 -16.84 1.18
C MET D 111 -27.89 -15.96 1.90
N GLU D 112 -27.94 -14.67 1.53
CA GLU D 112 -28.96 -13.75 2.06
C GLU D 112 -30.40 -14.19 1.74
N GLN D 113 -30.64 -14.68 0.52
CA GLN D 113 -31.93 -15.24 0.14
C GLN D 113 -32.29 -16.46 1.00
N HIS D 114 -31.28 -17.15 1.52
CA HIS D 114 -31.49 -18.33 2.37
C HIS D 114 -31.18 -18.09 3.86
N GLN D 115 -31.18 -16.85 4.31
CA GLN D 115 -30.60 -16.55 5.62
C GLN D 115 -31.37 -17.12 6.81
N GLU D 116 -32.70 -17.12 6.73
CA GLU D 116 -33.55 -17.70 7.78
C GLU D 116 -33.36 -19.19 7.86
N GLU D 117 -33.33 -19.86 6.71
CA GLU D 117 -33.07 -21.29 6.67
C GLU D 117 -31.68 -21.65 7.22
N LEU D 118 -30.65 -20.91 6.81
CA LEU D 118 -29.29 -21.16 7.30
C LEU D 118 -29.19 -20.91 8.80
N ALA D 119 -29.82 -19.85 9.29
CA ALA D 119 -29.81 -19.55 10.73
C ALA D 119 -30.53 -20.65 11.55
N THR D 120 -31.60 -21.21 11.00
CA THR D 120 -32.35 -22.32 11.63
C THR D 120 -31.53 -23.60 11.67
N ILE D 121 -30.87 -23.91 10.56
CA ILE D 121 -30.01 -25.10 10.49
C ILE D 121 -28.90 -24.99 11.53
N GLU D 122 -28.32 -23.79 11.64
CA GLU D 122 -27.28 -23.53 12.63
C GLU D 122 -27.80 -23.62 14.08
N ALA D 123 -29.05 -23.18 14.28
CA ALA D 123 -29.74 -23.35 15.54
C ALA D 123 -29.83 -24.82 15.92
N LEU D 124 -30.27 -25.65 14.97
CA LEU D 124 -30.38 -27.10 15.18
C LEU D 124 -29.02 -27.78 15.40
N ASP D 125 -28.05 -27.43 14.56
CA ASP D 125 -26.77 -28.16 14.51
C ASP D 125 -25.78 -27.75 15.61
N ALA D 126 -25.74 -26.46 15.91
CA ALA D 126 -24.71 -25.91 16.78
C ALA D 126 -25.28 -25.36 18.10
N GLY D 127 -26.60 -25.30 18.20
CA GLY D 127 -27.26 -24.74 19.37
C GLY D 127 -27.23 -23.23 19.37
N ALA D 128 -26.96 -22.64 18.21
CA ALA D 128 -26.88 -21.18 18.10
C ALA D 128 -28.27 -20.56 18.26
N VAL D 129 -28.38 -19.61 19.18
CA VAL D 129 -29.63 -18.90 19.40
C VAL D 129 -30.02 -18.26 18.07
N TYR D 130 -31.25 -18.53 17.62
CA TYR D 130 -31.68 -18.14 16.27
C TYR D 130 -31.47 -16.67 15.95
N THR D 131 -31.88 -15.78 16.86
CA THR D 131 -31.71 -14.34 16.64
C THR D 131 -30.22 -13.97 16.46
N LEU D 132 -29.35 -14.64 17.20
CA LEU D 132 -27.92 -14.42 17.07
C LEU D 132 -27.39 -15.03 15.78
N ALA D 133 -27.80 -16.27 15.50
CA ALA D 133 -27.44 -16.95 14.26
C ALA D 133 -27.76 -16.09 13.03
N LEU D 134 -28.93 -15.46 13.02
CA LEU D 134 -29.35 -14.62 11.91
C LEU D 134 -28.43 -13.40 11.75
N LYS D 135 -28.15 -12.73 12.86
CA LYS D 135 -27.32 -11.52 12.86
C LYS D 135 -25.82 -11.80 12.67
N THR D 136 -25.30 -12.84 13.32
CA THR D 136 -23.87 -13.08 13.39
C THR D 136 -23.42 -14.29 12.56
N HIS D 137 -23.77 -15.50 13.00
CA HIS D 137 -23.37 -16.73 12.30
C HIS D 137 -23.58 -16.59 10.79
N VAL D 138 -24.76 -16.10 10.40
CA VAL D 138 -25.16 -16.02 9.00
C VAL D 138 -24.91 -14.62 8.44
N GLY D 139 -25.37 -13.59 9.17
CA GLY D 139 -25.21 -12.19 8.78
C GLY D 139 -23.76 -11.83 8.48
N MET D 140 -22.85 -12.18 9.39
CA MET D 140 -21.43 -11.91 9.17
C MET D 140 -20.82 -12.71 8.02
N SER D 141 -21.31 -13.94 7.81
CA SER D 141 -20.87 -14.78 6.69
C SER D 141 -21.19 -14.12 5.34
N ILE D 142 -22.38 -13.53 5.26
CA ILE D 142 -22.80 -12.78 4.10
C ILE D 142 -21.90 -11.56 3.87
N GLN D 143 -21.65 -10.79 4.93
CA GLN D 143 -20.72 -9.65 4.87
C GLN D 143 -19.34 -10.08 4.39
N THR D 144 -18.90 -11.26 4.83
CA THR D 144 -17.57 -11.78 4.51
C THR D 144 -17.41 -12.02 3.01
N PHE D 145 -18.36 -12.73 2.42
CA PHE D 145 -18.31 -12.98 0.98
C PHE D 145 -18.41 -11.67 0.16
N ARG D 146 -19.25 -10.72 0.60
CA ARG D 146 -19.36 -9.46 -0.13
C ARG D 146 -18.10 -8.62 -0.04
N TYR D 147 -17.51 -8.60 1.16
CA TYR D 147 -16.28 -7.87 1.38
C TYR D 147 -15.16 -8.43 0.50
N PHE D 148 -14.89 -9.73 0.58
CA PHE D 148 -13.80 -10.32 -0.21
C PHE D 148 -14.06 -10.34 -1.73
N ALA D 149 -15.33 -10.45 -2.14
CA ALA D 149 -15.69 -10.29 -3.57
C ALA D 149 -15.15 -8.96 -4.11
N GLY D 150 -15.25 -7.92 -3.29
CA GLY D 150 -14.70 -6.61 -3.60
C GLY D 150 -13.19 -6.56 -3.78
N TRP D 151 -12.46 -7.49 -3.16
CA TRP D 151 -10.99 -7.52 -3.28
C TRP D 151 -10.47 -8.12 -4.59
N CYS D 152 -11.25 -9.00 -5.22
CA CYS D 152 -10.78 -9.74 -6.39
C CYS D 152 -9.99 -8.90 -7.38
N ASP D 153 -10.56 -7.81 -7.87
CA ASP D 153 -9.89 -7.02 -8.91
C ASP D 153 -9.08 -5.85 -8.32
N LYS D 154 -8.82 -5.90 -7.01
CA LYS D 154 -8.03 -4.89 -6.33
C LYS D 154 -6.78 -5.50 -5.67
N ILE D 155 -6.53 -6.77 -5.92
CA ILE D 155 -5.30 -7.42 -5.49
C ILE D 155 -4.23 -7.06 -6.51
N GLN D 156 -3.20 -6.36 -6.07
CA GLN D 156 -2.23 -5.77 -6.98
C GLN D 156 -0.80 -6.11 -6.59
N GLY D 157 0.05 -6.34 -7.57
CA GLY D 157 1.48 -6.50 -7.32
C GLY D 157 2.15 -5.15 -7.49
N ALA D 158 3.46 -5.18 -7.72
CA ALA D 158 4.26 -3.96 -7.69
C ALA D 158 5.19 -3.83 -8.89
N THR D 159 5.64 -2.60 -9.15
CA THR D 159 6.84 -2.39 -9.97
C THR D 159 7.89 -1.71 -9.12
N ILE D 160 9.14 -2.17 -9.25
CA ILE D 160 10.16 -1.90 -8.25
C ILE D 160 11.41 -1.28 -8.89
N PRO D 161 11.91 -0.17 -8.33
CA PRO D 161 13.04 0.53 -8.96
C PRO D 161 14.40 -0.08 -8.61
N ILE D 162 14.67 -1.26 -9.16
CA ILE D 162 15.92 -2.00 -8.92
C ILE D 162 17.12 -1.31 -9.58
N ASN D 163 18.33 -1.65 -9.14
CA ASN D 163 19.55 -1.15 -9.77
C ASN D 163 19.64 -1.65 -11.20
N GLN D 164 20.07 -0.77 -12.10
CA GLN D 164 20.13 -1.04 -13.54
C GLN D 164 21.47 -1.60 -13.98
N ALA D 165 21.43 -2.71 -14.71
CA ALA D 165 22.62 -3.35 -15.24
C ALA D 165 23.12 -2.59 -16.47
N ARG D 166 23.65 -1.38 -16.21
CA ARG D 166 24.13 -0.50 -17.27
C ARG D 166 25.21 -1.19 -18.12
N PRO D 167 25.28 -0.90 -19.45
CA PRO D 167 24.52 0.08 -20.23
C PRO D 167 23.08 -0.32 -20.54
N ASN D 168 22.64 -1.46 -20.02
CA ASN D 168 21.28 -1.91 -20.23
C ASN D 168 20.28 -1.43 -19.17
N ARG D 169 19.03 -1.81 -19.34
CA ARG D 169 17.96 -1.40 -18.45
C ARG D 169 17.30 -2.64 -17.83
N ASN D 170 16.69 -2.45 -16.66
CA ASN D 170 15.90 -3.51 -16.02
C ASN D 170 14.51 -3.01 -15.62
N LEU D 171 13.55 -3.92 -15.71
CA LEU D 171 12.21 -3.74 -15.19
C LEU D 171 11.92 -4.92 -14.26
N THR D 172 11.49 -4.60 -13.03
CA THR D 172 11.09 -5.61 -12.07
C THR D 172 9.65 -5.35 -11.64
N LEU D 173 8.84 -6.38 -11.74
CA LEU D 173 7.48 -6.30 -11.29
C LEU D 173 7.16 -7.53 -10.47
N THR D 174 6.07 -7.48 -9.69
CA THR D 174 5.58 -8.67 -9.05
C THR D 174 4.18 -8.99 -9.53
N LYS D 175 3.86 -10.28 -9.55
CA LYS D 175 2.53 -10.72 -9.83
C LYS D 175 2.02 -11.45 -8.61
C LYS D 175 2.02 -11.45 -8.61
N LYS D 176 0.83 -11.07 -8.14
CA LYS D 176 0.16 -11.80 -7.07
C LYS D 176 -0.58 -12.94 -7.74
N GLU D 177 -0.28 -14.18 -7.36
CA GLU D 177 -0.94 -15.34 -7.97
C GLU D 177 -1.64 -16.16 -6.89
N PRO D 178 -2.68 -16.95 -7.28
CA PRO D 178 -3.27 -17.90 -6.33
C PRO D 178 -2.23 -18.91 -5.86
N VAL D 179 -2.40 -19.46 -4.66
CA VAL D 179 -1.51 -20.54 -4.20
C VAL D 179 -1.89 -21.88 -4.86
N GLY D 180 -3.16 -22.01 -5.24
CA GLY D 180 -3.66 -23.23 -5.87
C GLY D 180 -4.67 -23.96 -4.98
N VAL D 181 -4.53 -25.27 -4.92
CA VAL D 181 -5.47 -26.11 -4.17
C VAL D 181 -5.21 -25.92 -2.68
N CYS D 182 -6.25 -25.54 -1.95
CA CYS D 182 -6.17 -25.32 -0.51
C CYS D 182 -7.05 -26.32 0.26
N GLY D 183 -6.64 -26.64 1.48
CA GLY D 183 -7.49 -27.37 2.40
C GLY D 183 -7.89 -26.45 3.52
N ILE D 184 -9.16 -26.46 3.91
CA ILE D 184 -9.61 -25.65 5.04
C ILE D 184 -10.22 -26.55 6.10
N VAL D 185 -9.73 -26.43 7.34
CA VAL D 185 -10.17 -27.26 8.46
C VAL D 185 -10.63 -26.33 9.57
N ILE D 186 -11.89 -26.50 10.00
CA ILE D 186 -12.54 -25.55 10.90
C ILE D 186 -13.23 -26.18 12.12
N PRO D 187 -13.48 -25.35 13.15
CA PRO D 187 -14.10 -25.87 14.36
C PRO D 187 -15.63 -25.74 14.30
N TRP D 188 -16.28 -26.04 15.42
CA TRP D 188 -17.72 -26.20 15.51
C TRP D 188 -18.44 -25.03 16.16
N ASN D 189 -17.70 -24.03 16.66
CA ASN D 189 -18.34 -22.96 17.41
C ASN D 189 -19.22 -22.01 16.60
N TYR D 190 -18.74 -21.62 15.41
CA TYR D 190 -19.58 -20.91 14.43
C TYR D 190 -19.37 -21.62 13.11
N PRO D 191 -20.09 -22.74 12.88
CA PRO D 191 -19.79 -23.57 11.72
C PRO D 191 -19.77 -22.80 10.39
N LEU D 192 -20.89 -22.16 10.02
CA LEU D 192 -20.95 -21.43 8.75
C LEU D 192 -20.01 -20.23 8.74
N MET D 193 -19.85 -19.56 9.89
CA MET D 193 -19.08 -18.33 9.94
C MET D 193 -17.59 -18.57 9.76
N MET D 194 -17.06 -19.58 10.46
CA MET D 194 -15.65 -19.94 10.34
C MET D 194 -15.37 -20.47 8.94
N LEU D 195 -16.30 -21.25 8.40
CA LEU D 195 -16.22 -21.67 7.00
C LEU D 195 -16.09 -20.43 6.11
N SER D 196 -16.97 -19.45 6.33
CA SER D 196 -17.08 -18.30 5.44
C SER D 196 -15.87 -17.38 5.50
N TRP D 197 -15.39 -17.07 6.70
CA TRP D 197 -14.18 -16.27 6.89
C TRP D 197 -13.04 -16.77 6.00
N LYS D 198 -12.73 -18.05 6.11
CA LYS D 198 -11.58 -18.62 5.42
C LYS D 198 -11.88 -18.87 3.94
N THR D 199 -13.07 -19.39 3.66
CA THR D 199 -13.44 -19.72 2.28
C THR D 199 -13.52 -18.46 1.40
N ALA D 200 -14.08 -17.38 1.93
CA ALA D 200 -14.22 -16.14 1.15
C ALA D 200 -12.86 -15.60 0.72
N ALA D 201 -11.91 -15.51 1.66
CA ALA D 201 -10.56 -15.03 1.34
C ALA D 201 -9.87 -16.00 0.37
N CYS D 202 -10.02 -17.29 0.62
CA CYS D 202 -9.42 -18.32 -0.24
C CYS D 202 -9.91 -18.20 -1.70
N LEU D 203 -11.22 -18.13 -1.89
CA LEU D 203 -11.79 -18.05 -3.23
C LEU D 203 -11.51 -16.70 -3.90
N ALA D 204 -11.55 -15.62 -3.13
CA ALA D 204 -11.31 -14.29 -3.68
C ALA D 204 -9.90 -14.19 -4.28
N ALA D 205 -8.96 -14.93 -3.69
CA ALA D 205 -7.60 -14.96 -4.20
C ALA D 205 -7.42 -15.91 -5.40
N GLY D 206 -8.50 -16.56 -5.83
CA GLY D 206 -8.46 -17.36 -7.06
C GLY D 206 -8.14 -18.83 -6.86
N ASN D 207 -8.14 -19.29 -5.61
CA ASN D 207 -7.85 -20.67 -5.31
C ASN D 207 -9.10 -21.54 -5.44
N THR D 208 -8.91 -22.86 -5.37
CA THR D 208 -10.00 -23.80 -5.18
C THR D 208 -9.77 -24.48 -3.85
N VAL D 209 -10.79 -25.17 -3.33
CA VAL D 209 -10.72 -25.60 -1.94
C VAL D 209 -11.42 -26.92 -1.61
N VAL D 210 -10.85 -27.62 -0.63
CA VAL D 210 -11.52 -28.73 0.02
C VAL D 210 -11.73 -28.34 1.49
N ILE D 211 -12.99 -28.33 1.92
CA ILE D 211 -13.37 -27.89 3.26
C ILE D 211 -13.76 -29.08 4.14
N LYS D 212 -13.15 -29.16 5.31
CA LYS D 212 -13.50 -30.13 6.34
C LYS D 212 -14.21 -29.41 7.49
N PRO D 213 -15.56 -29.49 7.54
CA PRO D 213 -16.19 -28.90 8.73
C PRO D 213 -15.92 -29.77 9.95
N ALA D 214 -16.11 -29.22 11.16
CA ALA D 214 -15.97 -30.05 12.36
C ALA D 214 -16.95 -31.21 12.20
N GLN D 215 -16.54 -32.43 12.53
CA GLN D 215 -17.46 -33.56 12.34
C GLN D 215 -18.82 -33.35 13.01
N VAL D 216 -18.83 -32.75 14.20
CA VAL D 216 -20.09 -32.54 14.94
C VAL D 216 -21.04 -31.47 14.33
N THR D 217 -20.54 -30.63 13.42
CA THR D 217 -21.38 -29.58 12.81
C THR D 217 -21.24 -29.49 11.29
N PRO D 218 -21.77 -30.47 10.55
CA PRO D 218 -21.61 -30.49 9.10
C PRO D 218 -22.71 -29.77 8.31
N LEU D 219 -23.83 -29.45 8.95
CA LEU D 219 -25.05 -29.13 8.20
C LEU D 219 -25.10 -27.80 7.44
N THR D 220 -24.69 -26.69 8.06
CA THR D 220 -24.68 -25.42 7.30
C THR D 220 -23.63 -25.45 6.18
N ALA D 221 -22.53 -26.18 6.39
CA ALA D 221 -21.50 -26.33 5.35
C ALA D 221 -22.07 -27.01 4.11
N LEU D 222 -22.86 -28.06 4.32
CA LEU D 222 -23.48 -28.81 3.22
C LEU D 222 -24.55 -28.00 2.52
N LYS D 223 -25.31 -27.24 3.29
CA LYS D 223 -26.27 -26.32 2.69
C LYS D 223 -25.53 -25.23 1.88
N PHE D 224 -24.50 -24.63 2.48
CA PHE D 224 -23.65 -23.69 1.76
C PHE D 224 -23.15 -24.31 0.43
N ALA D 225 -22.75 -25.58 0.48
CA ALA D 225 -22.31 -26.26 -0.73
C ALA D 225 -23.40 -26.19 -1.82
N GLU D 226 -24.66 -26.45 -1.43
CA GLU D 226 -25.76 -26.36 -2.38
C GLU D 226 -25.89 -24.93 -2.92
N LEU D 227 -25.68 -23.95 -2.06
CA LEU D 227 -25.78 -22.56 -2.46
C LEU D 227 -24.70 -22.14 -3.48
N THR D 228 -23.52 -22.78 -3.42
CA THR D 228 -22.50 -22.52 -4.44
C THR D 228 -23.00 -22.93 -5.85
N LEU D 229 -23.77 -24.03 -5.93
CA LEU D 229 -24.46 -24.43 -7.16
C LEU D 229 -25.47 -23.38 -7.65
N LYS D 230 -26.32 -22.91 -6.74
CA LYS D 230 -27.30 -21.85 -7.08
C LYS D 230 -26.62 -20.56 -7.57
N ALA D 231 -25.43 -20.27 -7.03
CA ALA D 231 -24.70 -19.04 -7.36
C ALA D 231 -23.88 -19.17 -8.65
N GLY D 232 -23.80 -20.38 -9.19
CA GLY D 232 -23.02 -20.64 -10.40
C GLY D 232 -21.51 -20.78 -10.19
N ILE D 233 -21.09 -21.15 -8.98
CA ILE D 233 -19.67 -21.40 -8.75
C ILE D 233 -19.30 -22.68 -9.52
N PRO D 234 -18.26 -22.60 -10.39
CA PRO D 234 -17.90 -23.75 -11.21
C PRO D 234 -17.63 -24.99 -10.38
N LYS D 235 -17.94 -26.17 -10.94
N LYS D 235 -17.95 -26.16 -10.94
CA LYS D 235 -17.84 -27.43 -10.21
CA LYS D 235 -17.80 -27.44 -10.25
C LYS D 235 -16.38 -27.81 -9.90
C LYS D 235 -16.34 -27.63 -9.83
N GLY D 236 -16.14 -28.21 -8.66
CA GLY D 236 -14.80 -28.54 -8.17
C GLY D 236 -14.10 -27.41 -7.44
N VAL D 237 -14.62 -26.19 -7.55
CA VAL D 237 -14.03 -25.03 -6.88
C VAL D 237 -14.19 -25.13 -5.34
N VAL D 238 -15.38 -25.54 -4.90
CA VAL D 238 -15.69 -25.78 -3.49
C VAL D 238 -16.05 -27.25 -3.31
N ASN D 239 -15.32 -27.93 -2.43
CA ASN D 239 -15.59 -29.33 -2.10
C ASN D 239 -15.65 -29.47 -0.59
N ILE D 240 -16.65 -30.19 -0.09
CA ILE D 240 -16.92 -30.27 1.36
C ILE D 240 -17.05 -31.72 1.84
N LEU D 241 -16.26 -32.06 2.86
CA LEU D 241 -16.13 -33.44 3.34
C LEU D 241 -16.38 -33.56 4.84
N PRO D 242 -17.67 -33.73 5.26
CA PRO D 242 -17.95 -34.10 6.65
C PRO D 242 -17.17 -35.34 7.03
N GLY D 243 -16.56 -35.36 8.22
CA GLY D 243 -15.69 -36.45 8.63
C GLY D 243 -14.75 -36.05 9.76
N SER D 244 -13.89 -36.97 10.18
CA SER D 244 -13.03 -36.75 11.32
C SER D 244 -11.73 -36.04 10.90
N GLY D 245 -11.21 -35.22 11.81
CA GLY D 245 -9.89 -34.65 11.65
C GLY D 245 -8.79 -35.67 11.50
N SER D 246 -8.83 -36.72 12.32
CA SER D 246 -7.76 -37.72 12.30
C SER D 246 -7.67 -38.50 10.98
N LEU D 247 -8.78 -38.53 10.23
CA LEU D 247 -8.81 -39.22 8.94
C LEU D 247 -8.79 -38.21 7.78
N VAL D 248 -9.85 -37.43 7.66
CA VAL D 248 -10.03 -36.51 6.53
C VAL D 248 -9.08 -35.31 6.64
N GLY D 249 -9.05 -34.67 7.80
CA GLY D 249 -8.17 -33.53 8.03
C GLY D 249 -6.72 -33.91 7.83
N GLN D 250 -6.35 -35.08 8.38
CA GLN D 250 -4.99 -35.60 8.25
C GLN D 250 -4.59 -35.80 6.80
N ARG D 251 -5.46 -36.45 6.01
CA ARG D 251 -5.16 -36.66 4.59
C ARG D 251 -5.00 -35.34 3.84
N LEU D 252 -5.83 -34.34 4.16
CA LEU D 252 -5.67 -33.00 3.55
C LEU D 252 -4.30 -32.42 3.84
N SER D 253 -3.87 -32.50 5.10
CA SER D 253 -2.57 -31.98 5.51
C SER D 253 -1.42 -32.73 4.86
N ASP D 254 -1.65 -34.01 4.55
CA ASP D 254 -0.64 -34.91 3.98
C ASP D 254 -0.57 -34.84 2.44
N HIS D 255 -1.68 -34.45 1.82
CA HIS D 255 -1.84 -34.63 0.37
C HIS D 255 -0.80 -33.87 -0.46
N PRO D 256 -0.18 -34.54 -1.45
CA PRO D 256 0.89 -33.90 -2.23
C PRO D 256 0.42 -32.81 -3.19
N ASP D 257 -0.87 -32.78 -3.51
CA ASP D 257 -1.44 -31.76 -4.41
C ASP D 257 -2.11 -30.58 -3.70
N VAL D 258 -2.22 -30.66 -2.38
CA VAL D 258 -2.69 -29.51 -1.57
C VAL D 258 -1.46 -28.65 -1.30
N ARG D 259 -1.60 -27.34 -1.47
CA ARG D 259 -0.46 -26.44 -1.37
C ARG D 259 -0.54 -25.48 -0.19
N LYS D 260 -1.67 -25.47 0.49
CA LYS D 260 -1.90 -24.59 1.64
C LYS D 260 -3.02 -25.14 2.51
N ILE D 261 -2.83 -25.08 3.83
CA ILE D 261 -3.86 -25.40 4.82
C ILE D 261 -4.20 -24.14 5.60
N GLY D 262 -5.49 -23.80 5.67
CA GLY D 262 -5.95 -22.79 6.59
C GLY D 262 -6.63 -23.54 7.72
N PHE D 263 -6.13 -23.37 8.94
CA PHE D 263 -6.65 -24.10 10.10
C PHE D 263 -7.12 -23.20 11.23
N THR D 264 -8.30 -23.52 11.77
CA THR D 264 -8.80 -22.93 13.00
C THR D 264 -9.20 -24.08 13.96
N GLY D 265 -8.72 -24.02 15.20
CA GLY D 265 -9.01 -25.06 16.19
C GLY D 265 -8.10 -24.93 17.40
N SER D 266 -7.83 -26.05 18.06
CA SER D 266 -7.03 -26.03 19.28
C SER D 266 -5.55 -25.87 18.95
N THR D 267 -4.79 -25.34 19.91
CA THR D 267 -3.34 -25.22 19.79
C THR D 267 -2.68 -26.60 19.53
N GLU D 268 -3.14 -27.64 20.22
CA GLU D 268 -2.49 -28.95 20.08
C GLU D 268 -2.73 -29.62 18.72
N VAL D 269 -3.92 -29.48 18.16
CA VAL D 269 -4.17 -29.95 16.78
C VAL D 269 -3.44 -29.07 15.76
N GLY D 270 -3.36 -27.77 16.03
CA GLY D 270 -2.61 -26.83 15.20
C GLY D 270 -1.17 -27.25 15.02
N LYS D 271 -0.53 -27.65 16.13
CA LYS D 271 0.84 -28.12 16.11
C LYS D 271 0.99 -29.35 15.22
N HIS D 272 0.02 -30.27 15.33
CA HIS D 272 0.05 -31.49 14.55
C HIS D 272 -0.15 -31.22 13.05
N ILE D 273 -1.09 -30.31 12.73
CA ILE D 273 -1.35 -29.89 11.36
C ILE D 273 -0.07 -29.30 10.74
N MET D 274 0.58 -28.38 11.46
CA MET D 274 1.78 -27.72 10.97
C MET D 274 2.89 -28.76 10.74
N LYS D 275 3.05 -29.67 11.68
CA LYS D 275 3.97 -30.79 11.55
C LYS D 275 3.68 -31.60 10.28
N SER D 276 2.41 -31.91 10.06
CA SER D 276 2.00 -32.67 8.88
C SER D 276 2.28 -31.93 7.57
N CYS D 277 2.04 -30.62 7.56
CA CYS D 277 2.38 -29.76 6.43
C CYS D 277 3.88 -29.86 6.11
N ALA D 278 4.71 -29.72 7.14
CA ALA D 278 6.16 -29.86 7.02
C ALA D 278 6.58 -31.19 6.40
N LEU D 279 6.05 -32.29 6.93
CA LEU D 279 6.56 -33.62 6.61
C LEU D 279 6.17 -34.11 5.22
N SER D 280 5.12 -33.52 4.65
CA SER D 280 4.67 -33.91 3.31
C SER D 280 5.39 -33.08 2.23
N ASN D 281 4.89 -31.89 1.91
CA ASN D 281 5.46 -31.08 0.81
C ASN D 281 5.68 -29.60 1.16
N VAL D 282 6.04 -29.33 2.42
CA VAL D 282 6.08 -27.96 2.98
C VAL D 282 4.97 -27.04 2.48
N LYS D 283 3.76 -27.56 2.42
CA LYS D 283 2.60 -26.73 2.12
C LYS D 283 2.52 -25.57 3.13
N LYS D 284 2.08 -24.42 2.64
CA LYS D 284 1.84 -23.26 3.51
C LYS D 284 0.76 -23.57 4.54
N VAL D 285 0.84 -22.92 5.69
CA VAL D 285 -0.13 -23.12 6.75
C VAL D 285 -0.39 -21.80 7.49
N SER D 286 -1.65 -21.58 7.86
CA SER D 286 -2.01 -20.53 8.81
C SER D 286 -2.77 -21.19 9.95
N LEU D 287 -2.57 -20.66 11.16
CA LEU D 287 -3.11 -21.26 12.38
C LEU D 287 -3.83 -20.22 13.23
N GLU D 288 -5.10 -20.47 13.49
CA GLU D 288 -5.91 -19.67 14.42
C GLU D 288 -6.25 -20.61 15.57
N LEU D 289 -5.57 -20.44 16.70
CA LEU D 289 -5.60 -21.45 17.76
C LEU D 289 -6.35 -20.95 19.01
N GLY D 290 -6.01 -21.46 20.19
CA GLY D 290 -6.75 -21.06 21.39
C GLY D 290 -6.53 -19.62 21.86
N GLY D 291 -7.29 -19.24 22.88
CA GLY D 291 -7.11 -17.97 23.58
C GLY D 291 -7.34 -18.07 25.08
N LYS D 292 -6.59 -17.26 25.84
CA LYS D 292 -6.87 -16.99 27.25
C LYS D 292 -6.81 -15.47 27.39
N SER D 293 -7.76 -14.81 26.74
CA SER D 293 -7.72 -13.36 26.53
C SER D 293 -8.07 -12.56 27.80
N PRO D 294 -7.20 -11.63 28.19
CA PRO D 294 -7.48 -10.85 29.40
C PRO D 294 -8.26 -9.57 29.13
N LEU D 295 -9.18 -9.27 30.03
CA LEU D 295 -9.93 -8.03 29.99
C LEU D 295 -9.63 -7.29 31.29
N ILE D 296 -9.03 -6.11 31.15
CA ILE D 296 -8.63 -5.29 32.31
C ILE D 296 -9.64 -4.16 32.49
N ILE D 297 -10.30 -4.13 33.64
CA ILE D 297 -11.36 -3.18 33.91
C ILE D 297 -10.91 -2.24 35.03
N PHE D 298 -10.63 -0.99 34.65
CA PHE D 298 -10.18 0.05 35.59
C PHE D 298 -11.35 0.72 36.30
N ALA D 299 -11.08 1.26 37.49
CA ALA D 299 -12.11 1.89 38.32
C ALA D 299 -12.71 3.11 37.65
N ASP D 300 -11.93 3.76 36.77
CA ASP D 300 -12.40 4.97 36.11
C ASP D 300 -13.25 4.70 34.86
N CYS D 301 -13.66 3.46 34.65
CA CYS D 301 -14.51 3.13 33.49
C CYS D 301 -15.96 3.49 33.77
N ASP D 302 -16.81 3.41 32.75
CA ASP D 302 -18.26 3.44 32.91
C ASP D 302 -18.66 2.07 33.42
N LEU D 303 -19.06 2.00 34.69
CA LEU D 303 -19.23 0.72 35.37
C LEU D 303 -20.38 -0.11 34.80
N ASN D 304 -21.51 0.55 34.53
CA ASN D 304 -22.68 -0.18 34.03
C ASN D 304 -22.43 -0.74 32.64
N LYS D 305 -21.74 0.04 31.80
CA LYS D 305 -21.31 -0.44 30.49
C LYS D 305 -20.25 -1.55 30.57
N ALA D 306 -19.34 -1.42 31.53
CA ALA D 306 -18.36 -2.48 31.84
C ALA D 306 -19.03 -3.81 32.21
N VAL D 307 -20.13 -3.73 32.94
CA VAL D 307 -20.87 -4.93 33.30
C VAL D 307 -21.50 -5.55 32.05
N GLN D 308 -22.15 -4.75 31.23
CA GLN D 308 -22.81 -5.24 30.02
C GLN D 308 -21.80 -5.86 29.04
N MET D 309 -20.73 -5.13 28.78
CA MET D 309 -19.72 -5.59 27.83
C MET D 309 -18.86 -6.70 28.41
N GLY D 310 -18.64 -6.65 29.72
CA GLY D 310 -17.95 -7.73 30.45
C GLY D 310 -18.76 -9.02 30.37
N MET D 311 -20.08 -8.90 30.55
CA MET D 311 -21.03 -10.02 30.36
C MET D 311 -20.88 -10.63 28.97
N SER D 312 -21.00 -9.77 27.96
CA SER D 312 -20.89 -10.19 26.58
C SER D 312 -19.54 -10.83 26.25
N SER D 313 -18.44 -10.29 26.78
CA SER D 313 -17.09 -10.81 26.55
C SER D 313 -16.97 -12.28 26.92
N VAL D 314 -17.76 -12.73 27.91
CA VAL D 314 -17.70 -14.10 28.36
C VAL D 314 -18.83 -14.95 27.77
N PHE D 315 -20.05 -14.44 27.82
CA PHE D 315 -21.23 -15.27 27.58
C PHE D 315 -21.73 -15.30 26.11
N PHE D 316 -21.20 -14.41 25.27
CA PHE D 316 -21.57 -14.38 23.85
C PHE D 316 -21.42 -15.76 23.22
N ASN D 317 -22.45 -16.19 22.49
CA ASN D 317 -22.47 -17.50 21.86
C ASN D 317 -22.17 -18.64 22.85
N LYS D 318 -22.80 -18.58 24.03
CA LYS D 318 -22.53 -19.51 25.17
C LYS D 318 -21.05 -19.76 25.44
N GLY D 319 -20.24 -18.71 25.31
CA GLY D 319 -18.80 -18.78 25.57
C GLY D 319 -17.98 -19.52 24.53
N GLU D 320 -18.65 -20.05 23.51
CA GLU D 320 -17.98 -20.83 22.47
C GLU D 320 -17.42 -19.85 21.42
N ASN D 321 -16.33 -19.24 21.82
CA ASN D 321 -15.85 -18.00 21.21
C ASN D 321 -14.36 -17.90 21.50
N ALA D 322 -13.55 -18.01 20.46
CA ALA D 322 -12.10 -18.07 20.65
C ALA D 322 -11.51 -16.84 21.35
N ILE D 323 -12.12 -15.69 21.13
CA ILE D 323 -11.63 -14.44 21.72
C ILE D 323 -12.31 -14.02 23.02
N ALA D 324 -13.21 -14.87 23.53
CA ALA D 324 -13.88 -14.65 24.81
C ALA D 324 -12.88 -14.25 25.87
N ALA D 325 -13.23 -13.26 26.69
CA ALA D 325 -12.36 -12.89 27.79
C ALA D 325 -12.25 -14.08 28.76
N GLY D 326 -11.05 -14.63 28.89
CA GLY D 326 -10.82 -15.81 29.71
C GLY D 326 -10.35 -15.47 31.11
N ARG D 327 -10.07 -14.18 31.33
CA ARG D 327 -9.79 -13.62 32.64
C ARG D 327 -10.28 -12.20 32.61
N LEU D 328 -10.97 -11.80 33.68
CA LEU D 328 -11.25 -10.41 33.93
C LEU D 328 -10.45 -9.98 35.14
N PHE D 329 -9.66 -8.92 34.95
CA PHE D 329 -8.94 -8.29 36.04
C PHE D 329 -9.69 -7.02 36.36
N VAL D 330 -10.19 -6.90 37.59
CA VAL D 330 -11.03 -5.77 37.97
C VAL D 330 -10.37 -5.01 39.12
N GLU D 331 -10.27 -3.70 38.97
CA GLU D 331 -9.55 -2.86 39.92
C GLU D 331 -10.21 -2.95 41.30
N GLU D 332 -9.38 -3.06 42.34
CA GLU D 332 -9.82 -3.30 43.73
C GLU D 332 -11.08 -2.51 44.14
N SER D 333 -11.05 -1.19 43.94
CA SER D 333 -12.11 -0.32 44.46
C SER D 333 -13.48 -0.49 43.82
N ILE D 334 -13.56 -1.15 42.65
CA ILE D 334 -14.85 -1.43 42.00
C ILE D 334 -15.20 -2.92 41.93
N HIS D 335 -14.27 -3.77 42.37
CA HIS D 335 -14.40 -5.21 42.20
C HIS D 335 -15.71 -5.77 42.75
N ASN D 336 -15.97 -5.52 44.03
CA ASN D 336 -17.13 -6.11 44.70
C ASN D 336 -18.42 -5.66 44.05
N GLN D 337 -18.51 -4.37 43.73
CA GLN D 337 -19.68 -3.81 43.06
C GLN D 337 -19.85 -4.38 41.64
N PHE D 338 -18.74 -4.59 40.93
CA PHE D 338 -18.78 -5.24 39.61
C PHE D 338 -19.40 -6.65 39.70
N VAL D 339 -18.86 -7.46 40.61
CA VAL D 339 -19.39 -8.81 40.84
C VAL D 339 -20.89 -8.77 41.17
N GLN D 340 -21.29 -7.89 42.10
CA GLN D 340 -22.70 -7.75 42.48
C GLN D 340 -23.56 -7.53 41.24
N LYS D 341 -23.17 -6.53 40.44
CA LYS D 341 -23.93 -6.17 39.25
C LYS D 341 -23.94 -7.28 38.21
N VAL D 342 -22.83 -7.99 38.07
CA VAL D 342 -22.74 -9.11 37.14
C VAL D 342 -23.72 -10.22 37.54
N VAL D 343 -23.71 -10.59 38.83
CA VAL D 343 -24.64 -11.61 39.35
C VAL D 343 -26.10 -11.24 39.07
N GLU D 344 -26.46 -9.98 39.30
CA GLU D 344 -27.79 -9.47 38.98
C GLU D 344 -28.16 -9.70 37.50
N GLU D 345 -27.24 -9.36 36.59
CA GLU D 345 -27.47 -9.55 35.17
C GLU D 345 -27.48 -11.03 34.74
N VAL D 346 -26.58 -11.83 35.30
CA VAL D 346 -26.54 -13.27 35.04
C VAL D 346 -27.90 -13.92 35.36
N GLU D 347 -28.47 -13.53 36.50
CA GLU D 347 -29.79 -14.02 36.94
C GLU D 347 -30.91 -13.69 35.96
N LYS D 348 -30.78 -12.63 35.17
CA LYS D 348 -31.80 -12.28 34.19
C LYS D 348 -31.68 -13.04 32.85
N MET D 349 -30.62 -13.81 32.67
CA MET D 349 -30.44 -14.53 31.40
C MET D 349 -31.47 -15.63 31.25
N LYS D 350 -32.14 -15.68 30.11
CA LYS D 350 -33.10 -16.75 29.86
C LYS D 350 -32.43 -17.91 29.12
N ILE D 351 -32.31 -19.05 29.82
CA ILE D 351 -31.78 -20.27 29.25
C ILE D 351 -32.92 -21.05 28.59
N GLY D 352 -32.71 -21.49 27.35
CA GLY D 352 -33.74 -22.22 26.63
C GLY D 352 -33.40 -22.66 25.22
N ASN D 353 -34.41 -23.22 24.54
CA ASN D 353 -34.32 -23.66 23.15
C ASN D 353 -33.91 -22.49 22.26
N PRO D 354 -32.85 -22.67 21.43
CA PRO D 354 -32.35 -21.59 20.57
C PRO D 354 -33.40 -21.00 19.61
N LEU D 355 -34.42 -21.78 19.28
CA LEU D 355 -35.51 -21.32 18.40
C LEU D 355 -36.57 -20.45 19.09
N GLU D 356 -36.59 -20.44 20.41
CA GLU D 356 -37.53 -19.56 21.15
C GLU D 356 -36.99 -18.14 21.19
N ARG D 357 -37.83 -17.17 20.84
CA ARG D 357 -37.38 -15.78 20.70
C ARG D 357 -36.90 -15.12 21.99
N ASP D 358 -37.35 -15.61 23.14
CA ASP D 358 -36.92 -15.07 24.45
C ASP D 358 -35.59 -15.67 24.95
N THR D 359 -35.11 -16.72 24.30
CA THR D 359 -33.86 -17.35 24.72
C THR D 359 -32.68 -16.41 24.48
N ASN D 360 -31.84 -16.24 25.49
CA ASN D 360 -30.56 -15.60 25.20
C ASN D 360 -29.34 -16.39 25.64
N HIS D 361 -29.57 -17.60 26.16
CA HIS D 361 -28.48 -18.52 26.43
C HIS D 361 -28.92 -19.89 25.95
N GLY D 362 -28.29 -20.34 24.87
CA GLY D 362 -28.60 -21.62 24.26
C GLY D 362 -27.76 -22.73 24.86
N PRO D 363 -27.95 -23.97 24.39
CA PRO D 363 -27.17 -25.10 24.87
C PRO D 363 -25.75 -25.05 24.33
N GLN D 364 -24.84 -25.75 25.00
CA GLN D 364 -23.50 -25.95 24.50
C GLN D 364 -23.54 -26.83 23.25
N ASN D 365 -22.47 -26.77 22.46
CA ASN D 365 -22.49 -27.30 21.10
C ASN D 365 -22.70 -28.82 21.01
N HIS D 366 -22.02 -29.56 21.86
CA HIS D 366 -22.13 -31.02 21.88
C HIS D 366 -21.75 -31.56 23.26
N GLU D 367 -22.03 -32.85 23.48
CA GLU D 367 -21.96 -33.47 24.80
C GLU D 367 -20.56 -33.51 25.38
N ALA D 368 -19.60 -33.92 24.55
CA ALA D 368 -18.20 -33.97 24.97
C ALA D 368 -17.72 -32.62 25.49
N HIS D 369 -18.15 -31.53 24.85
CA HIS D 369 -17.77 -30.19 25.33
C HIS D 369 -18.42 -29.85 26.68
N LEU D 370 -19.72 -30.11 26.80
CA LEU D 370 -20.42 -30.01 28.09
C LEU D 370 -19.62 -30.74 29.20
N ARG D 371 -19.22 -31.98 28.94
CA ARG D 371 -18.44 -32.76 29.91
C ARG D 371 -17.17 -32.05 30.35
N LYS D 372 -16.44 -31.48 29.38
CA LYS D 372 -15.23 -30.72 29.67
C LYS D 372 -15.54 -29.53 30.58
N LEU D 373 -16.63 -28.82 30.30
CA LEU D 373 -16.99 -27.65 31.09
C LEU D 373 -17.32 -28.02 32.55
N VAL D 374 -18.01 -29.15 32.74
CA VAL D 374 -18.31 -29.66 34.08
C VAL D 374 -16.99 -29.95 34.83
N GLU D 375 -16.08 -30.67 34.18
CA GLU D 375 -14.78 -31.01 34.76
C GLU D 375 -13.94 -29.77 35.07
N TYR D 376 -13.99 -28.80 34.16
CA TYR D 376 -13.26 -27.53 34.29
C TYR D 376 -13.65 -26.82 35.59
N CYS D 377 -14.95 -26.70 35.84
CA CYS D 377 -15.43 -26.01 37.04
C CYS D 377 -15.22 -26.82 38.34
N GLN D 378 -15.28 -28.15 38.24
CA GLN D 378 -14.91 -29.00 39.36
C GLN D 378 -13.49 -28.68 39.80
N ARG D 379 -12.59 -28.57 38.82
CA ARG D 379 -11.20 -28.28 39.11
C ARG D 379 -11.06 -26.87 39.66
N GLY D 380 -11.83 -25.94 39.13
CA GLY D 380 -11.82 -24.55 39.61
C GLY D 380 -12.14 -24.51 41.11
N VAL D 381 -13.15 -25.26 41.51
CA VAL D 381 -13.54 -25.33 42.92
C VAL D 381 -12.48 -26.07 43.76
N LYS D 382 -12.02 -27.22 43.27
CA LYS D 382 -10.97 -27.97 43.95
C LYS D 382 -9.76 -27.11 44.31
N GLU D 383 -9.35 -26.25 43.37
CA GLU D 383 -8.10 -25.49 43.54
C GLU D 383 -8.27 -24.20 44.32
N GLY D 384 -9.50 -23.90 44.72
CA GLY D 384 -9.72 -22.87 45.74
C GLY D 384 -10.37 -21.58 45.29
N ALA D 385 -10.80 -21.52 44.03
CA ALA D 385 -11.49 -20.33 43.56
C ALA D 385 -12.91 -20.29 44.14
N THR D 386 -13.47 -19.10 44.25
CA THR D 386 -14.81 -18.94 44.78
C THR D 386 -15.84 -19.04 43.65
N LEU D 387 -16.62 -20.11 43.68
CA LEU D 387 -17.70 -20.29 42.73
C LEU D 387 -18.92 -19.49 43.17
N VAL D 388 -19.15 -18.35 42.52
CA VAL D 388 -20.23 -17.45 42.90
C VAL D 388 -21.58 -17.95 42.39
N CYS D 389 -21.61 -18.42 41.14
CA CYS D 389 -22.82 -19.02 40.58
C CYS D 389 -22.49 -19.99 39.44
N GLY D 390 -23.43 -20.88 39.14
CA GLY D 390 -23.28 -21.83 38.05
C GLY D 390 -22.23 -22.90 38.27
N GLY D 391 -21.60 -23.33 37.18
CA GLY D 391 -20.58 -24.37 37.22
C GLY D 391 -21.09 -25.76 36.84
N ASN D 392 -22.39 -25.85 36.54
CA ASN D 392 -23.04 -27.15 36.38
C ASN D 392 -23.88 -27.26 35.12
N GLN D 393 -24.08 -28.50 34.67
CA GLN D 393 -25.09 -28.75 33.65
C GLN D 393 -26.47 -28.38 34.19
N VAL D 394 -27.24 -27.63 33.39
CA VAL D 394 -28.63 -27.31 33.71
C VAL D 394 -29.47 -28.59 33.67
N PRO D 395 -30.31 -28.81 34.69
CA PRO D 395 -31.20 -29.99 34.68
C PRO D 395 -32.34 -29.87 33.65
N ARG D 396 -32.10 -30.45 32.47
CA ARG D 396 -33.05 -30.51 31.36
C ARG D 396 -32.42 -31.31 30.24
N PRO D 397 -33.21 -31.75 29.24
CA PRO D 397 -32.58 -32.50 28.14
C PRO D 397 -31.59 -31.63 27.36
N GLY D 398 -30.72 -32.28 26.60
CA GLY D 398 -29.71 -31.57 25.82
C GLY D 398 -28.49 -31.27 26.67
N PHE D 399 -27.73 -30.26 26.25
CA PHE D 399 -26.40 -30.05 26.84
C PHE D 399 -26.21 -28.61 27.28
N PHE D 400 -27.09 -28.16 28.15
CA PHE D 400 -27.07 -26.78 28.66
C PHE D 400 -26.13 -26.66 29.84
N PHE D 401 -25.46 -25.51 29.94
CA PHE D 401 -24.51 -25.27 31.02
C PHE D 401 -24.86 -23.94 31.64
N GLN D 402 -24.90 -23.92 32.98
CA GLN D 402 -25.31 -22.73 33.72
C GLN D 402 -24.23 -21.65 33.62
N PRO D 403 -24.62 -20.41 33.26
CA PRO D 403 -23.65 -19.32 33.24
C PRO D 403 -22.93 -19.20 34.58
N THR D 404 -21.61 -19.15 34.52
CA THR D 404 -20.76 -19.36 35.69
C THR D 404 -19.91 -18.13 35.98
N VAL D 405 -19.76 -17.82 37.27
CA VAL D 405 -18.89 -16.75 37.72
C VAL D 405 -17.99 -17.28 38.82
N PHE D 406 -16.68 -17.24 38.58
CA PHE D 406 -15.67 -17.49 39.60
C PHE D 406 -15.02 -16.17 40.05
N THR D 407 -14.77 -16.05 41.36
CA THR D 407 -13.95 -14.97 41.89
C THR D 407 -12.78 -15.55 42.67
N ASP D 408 -11.98 -14.66 43.27
CA ASP D 408 -10.77 -15.04 44.02
C ASP D 408 -9.87 -15.96 43.23
N VAL D 409 -9.75 -15.66 41.93
CA VAL D 409 -8.90 -16.44 41.06
C VAL D 409 -7.47 -15.91 41.14
N GLU D 410 -6.55 -16.81 41.40
CA GLU D 410 -5.14 -16.52 41.54
C GLU D 410 -4.38 -17.01 40.30
N ASP D 411 -3.31 -16.29 39.97
CA ASP D 411 -2.54 -16.54 38.74
C ASP D 411 -2.04 -17.96 38.55
N HIS D 412 -1.72 -18.64 39.66
CA HIS D 412 -1.21 -20.02 39.58
C HIS D 412 -2.28 -21.06 39.25
N MET D 413 -3.55 -20.68 39.38
CA MET D 413 -4.66 -21.64 39.22
C MET D 413 -4.89 -22.11 37.79
N TYR D 414 -5.25 -23.38 37.65
CA TYR D 414 -5.58 -23.97 36.37
C TYR D 414 -6.54 -23.11 35.54
N ILE D 415 -7.57 -22.57 36.19
CA ILE D 415 -8.58 -21.81 35.49
C ILE D 415 -8.12 -20.37 35.14
N ALA D 416 -7.00 -19.96 35.71
CA ALA D 416 -6.35 -18.70 35.29
C ALA D 416 -5.47 -18.91 34.03
N LYS D 417 -5.23 -20.17 33.66
CA LYS D 417 -4.29 -20.51 32.61
C LYS D 417 -4.94 -21.19 31.42
N GLU D 418 -5.91 -22.06 31.69
CA GLU D 418 -6.50 -22.91 30.66
C GLU D 418 -7.77 -22.29 30.08
C GLU D 418 -7.73 -22.24 30.08
N GLU D 419 -7.93 -22.42 28.77
CA GLU D 419 -9.09 -21.89 28.05
C GLU D 419 -10.30 -22.78 28.33
N SER D 420 -11.41 -22.18 28.77
CA SER D 420 -12.64 -22.96 29.04
C SER D 420 -13.45 -23.16 27.75
N PHE D 421 -13.54 -22.11 26.93
CA PHE D 421 -14.37 -22.13 25.72
C PHE D 421 -15.84 -22.33 26.10
N GLY D 422 -16.20 -21.86 27.30
CA GLY D 422 -17.56 -21.96 27.81
C GLY D 422 -17.96 -20.70 28.57
N PRO D 423 -19.20 -20.64 29.05
CA PRO D 423 -19.75 -19.44 29.68
C PRO D 423 -19.30 -19.30 31.15
N ILE D 424 -18.01 -19.09 31.34
CA ILE D 424 -17.39 -19.09 32.65
C ILE D 424 -16.54 -17.83 32.85
N MET D 425 -17.10 -16.89 33.58
CA MET D 425 -16.42 -15.65 33.90
C MET D 425 -15.45 -15.83 35.08
N ILE D 426 -14.18 -15.51 34.83
CA ILE D 426 -13.09 -15.86 35.73
C ILE D 426 -12.40 -14.57 36.20
N ILE D 427 -12.71 -14.15 37.43
CA ILE D 427 -12.39 -12.81 37.91
C ILE D 427 -11.25 -12.76 38.93
N SER D 428 -10.29 -11.87 38.70
CA SER D 428 -9.20 -11.59 39.65
C SER D 428 -9.20 -10.10 39.96
N ARG D 429 -8.67 -9.73 41.13
CA ARG D 429 -8.51 -8.34 41.53
C ARG D 429 -7.13 -7.84 41.13
N PHE D 430 -6.99 -6.53 40.97
CA PHE D 430 -5.68 -5.89 41.01
C PHE D 430 -5.75 -4.60 41.81
N ALA D 431 -4.63 -4.24 42.46
CA ALA D 431 -4.58 -3.07 43.34
C ALA D 431 -4.80 -1.76 42.59
N ASP D 432 -5.52 -0.84 43.23
CA ASP D 432 -5.75 0.51 42.70
C ASP D 432 -4.43 1.18 42.31
N GLY D 433 -4.42 1.77 41.13
CA GLY D 433 -3.25 2.49 40.64
C GLY D 433 -2.17 1.64 40.02
N ASP D 434 -2.30 0.30 40.12
CA ASP D 434 -1.37 -0.60 39.44
C ASP D 434 -1.72 -0.59 37.95
N VAL D 435 -0.71 -0.55 37.08
CA VAL D 435 -0.93 -0.69 35.63
C VAL D 435 0.01 -1.75 35.08
N ASP D 436 1.32 -1.55 35.28
CA ASP D 436 2.30 -2.52 34.81
C ASP D 436 2.15 -3.88 35.48
N ALA D 437 1.73 -3.87 36.74
CA ALA D 437 1.58 -5.11 37.49
C ALA D 437 0.48 -5.97 36.88
N VAL D 438 -0.68 -5.37 36.62
CA VAL D 438 -1.78 -6.16 36.04
C VAL D 438 -1.48 -6.56 34.59
N LEU D 439 -0.77 -5.70 33.85
CA LEU D 439 -0.31 -6.03 32.49
C LEU D 439 0.56 -7.28 32.48
N SER D 440 1.50 -7.36 33.43
CA SER D 440 2.38 -8.53 33.56
C SER D 440 1.54 -9.80 33.72
N ARG D 441 0.55 -9.73 34.61
CA ARG D 441 -0.32 -10.86 34.88
C ARG D 441 -1.18 -11.22 33.66
N ALA D 442 -1.71 -10.21 32.98
CA ALA D 442 -2.49 -10.40 31.76
C ALA D 442 -1.67 -11.02 30.62
N ASN D 443 -0.37 -10.69 30.58
CA ASN D 443 0.54 -11.17 29.53
C ASN D 443 1.24 -12.50 29.85
N ALA D 444 1.09 -12.98 31.09
CA ALA D 444 1.74 -14.22 31.53
C ALA D 444 0.97 -15.43 31.05
N THR D 445 0.93 -15.62 29.74
CA THR D 445 0.23 -16.73 29.10
C THR D 445 0.90 -16.98 27.74
N GLU D 446 0.85 -18.23 27.29
CA GLU D 446 1.37 -18.58 25.96
C GLU D 446 0.35 -18.30 24.85
N PHE D 447 -0.86 -17.93 25.26
CA PHE D 447 -1.88 -17.48 24.32
C PHE D 447 -1.70 -15.99 24.04
N GLY D 448 -2.37 -15.51 22.98
CA GLY D 448 -2.22 -14.11 22.58
C GLY D 448 -3.14 -13.77 21.43
N LEU D 449 -4.41 -14.16 21.57
CA LEU D 449 -5.38 -13.97 20.51
C LEU D 449 -6.12 -12.64 20.62
N ALA D 450 -6.65 -12.35 21.81
CA ALA D 450 -7.36 -11.09 22.03
C ALA D 450 -7.12 -10.58 23.43
N SER D 451 -7.72 -9.44 23.73
CA SER D 451 -7.58 -8.79 25.02
C SER D 451 -8.49 -7.60 24.98
N GLY D 452 -8.67 -6.95 26.13
CA GLY D 452 -9.50 -5.75 26.21
C GLY D 452 -9.17 -4.90 27.42
N VAL D 453 -9.54 -3.63 27.36
CA VAL D 453 -9.36 -2.71 28.46
C VAL D 453 -10.54 -1.76 28.49
N PHE D 454 -11.14 -1.58 29.67
CA PHE D 454 -12.18 -0.57 29.88
C PHE D 454 -11.62 0.52 30.79
N THR D 455 -11.64 1.75 30.29
CA THR D 455 -11.18 2.92 31.02
C THR D 455 -11.62 4.17 30.25
N ARG D 456 -11.91 5.25 30.96
CA ARG D 456 -12.19 6.54 30.31
C ARG D 456 -10.92 7.37 30.11
N ASP D 457 -9.81 6.88 30.67
CA ASP D 457 -8.53 7.59 30.59
C ASP D 457 -7.76 7.27 29.30
N ILE D 458 -7.61 8.29 28.46
CA ILE D 458 -6.98 8.14 27.14
C ILE D 458 -5.54 7.61 27.25
N ASN D 459 -4.77 8.15 28.21
CA ASN D 459 -3.38 7.77 28.35
C ASN D 459 -3.25 6.32 28.73
N LYS D 460 -4.07 5.90 29.69
CA LYS D 460 -4.11 4.53 30.14
C LYS D 460 -4.56 3.56 29.03
N ALA D 461 -5.62 3.92 28.32
CA ALA D 461 -6.11 3.05 27.23
C ALA D 461 -5.05 2.81 26.15
N LEU D 462 -4.36 3.87 25.74
CA LEU D 462 -3.32 3.77 24.71
C LEU D 462 -2.08 3.00 25.19
N TYR D 463 -1.61 3.29 26.41
CA TYR D 463 -0.49 2.56 27.01
C TYR D 463 -0.82 1.05 27.13
N VAL D 464 -1.98 0.73 27.69
CA VAL D 464 -2.39 -0.68 27.86
C VAL D 464 -2.47 -1.42 26.51
N SER D 465 -2.97 -0.74 25.47
CA SER D 465 -3.06 -1.35 24.16
C SER D 465 -1.68 -1.58 23.53
N ASP D 466 -0.72 -0.69 23.75
CA ASP D 466 0.67 -0.97 23.37
C ASP D 466 1.20 -2.22 24.06
N LYS D 467 0.95 -2.34 25.37
CA LYS D 467 1.62 -3.36 26.18
C LYS D 467 1.00 -4.75 26.16
N LEU D 468 -0.27 -4.84 25.79
CA LEU D 468 -0.95 -6.14 25.76
C LEU D 468 -0.39 -6.99 24.62
N GLN D 469 -0.04 -8.22 24.94
CA GLN D 469 0.59 -9.11 23.96
C GLN D 469 -0.45 -9.93 23.23
N ALA D 470 -1.32 -9.27 22.47
CA ALA D 470 -2.40 -9.98 21.79
C ALA D 470 -2.71 -9.41 20.41
N GLY D 471 -3.17 -10.28 19.50
CA GLY D 471 -3.49 -9.91 18.12
C GLY D 471 -4.61 -8.89 17.95
N THR D 472 -5.52 -8.85 18.92
CA THR D 472 -6.57 -7.84 18.98
C THR D 472 -6.64 -7.26 20.39
N VAL D 473 -6.76 -5.93 20.46
CA VAL D 473 -7.01 -5.23 21.70
C VAL D 473 -8.30 -4.44 21.52
N PHE D 474 -9.31 -4.75 22.33
CA PHE D 474 -10.55 -3.95 22.38
C PHE D 474 -10.44 -2.88 23.45
N ILE D 475 -10.90 -1.67 23.12
CA ILE D 475 -10.89 -0.56 24.05
C ILE D 475 -12.32 -0.04 24.26
N ASN D 476 -12.82 -0.19 25.49
CA ASN D 476 -14.20 0.20 25.84
C ASN D 476 -15.26 -0.50 25.00
N THR D 477 -14.95 -1.72 24.57
CA THR D 477 -15.90 -2.59 23.90
C THR D 477 -15.33 -4.00 23.99
N TYR D 478 -16.03 -4.97 23.42
CA TYR D 478 -15.52 -6.33 23.31
C TYR D 478 -16.27 -7.10 22.23
N ASN D 479 -15.63 -8.12 21.66
CA ASN D 479 -16.21 -8.95 20.59
C ASN D 479 -16.55 -8.16 19.33
N LYS D 480 -15.95 -6.99 19.19
CA LYS D 480 -16.22 -6.12 18.06
C LYS D 480 -15.29 -6.54 16.89
N THR D 481 -15.59 -7.68 16.29
CA THR D 481 -14.91 -8.10 15.07
C THR D 481 -15.57 -7.40 13.87
N ASP D 482 -14.87 -7.36 12.75
CA ASP D 482 -15.40 -6.78 11.52
C ASP D 482 -14.71 -7.47 10.34
N VAL D 483 -15.44 -7.69 9.24
CA VAL D 483 -14.87 -8.42 8.11
C VAL D 483 -13.63 -7.71 7.50
N ALA D 484 -13.48 -6.41 7.76
CA ALA D 484 -12.36 -5.62 7.26
C ALA D 484 -11.18 -5.53 8.23
N ALA D 485 -11.42 -6.01 9.47
CA ALA D 485 -10.42 -5.89 10.53
C ALA D 485 -9.72 -7.23 10.74
N PRO D 486 -8.39 -7.30 10.48
CA PRO D 486 -7.69 -8.58 10.55
C PRO D 486 -7.73 -9.19 11.95
N PHE D 487 -7.79 -10.51 12.00
CA PHE D 487 -8.08 -11.28 13.18
C PHE D 487 -7.09 -12.46 13.22
N GLY D 488 -6.23 -12.51 14.23
CA GLY D 488 -5.25 -13.58 14.31
C GLY D 488 -4.44 -13.47 15.59
N GLY D 489 -3.74 -14.54 15.95
CA GLY D 489 -3.06 -14.60 17.25
C GLY D 489 -1.57 -14.36 17.22
N PHE D 490 -1.01 -14.13 18.41
CA PHE D 490 0.43 -14.14 18.64
C PHE D 490 0.77 -15.38 19.48
N LYS D 491 2.07 -15.66 19.60
CA LYS D 491 2.58 -16.78 20.41
C LYS D 491 1.86 -18.08 20.02
N GLN D 492 1.40 -18.84 21.02
CA GLN D 492 0.79 -20.13 20.76
C GLN D 492 -0.67 -20.03 20.33
N SER D 493 -1.18 -18.81 20.15
CA SER D 493 -2.46 -18.63 19.46
C SER D 493 -2.35 -18.70 17.92
N GLY D 494 -1.13 -18.90 17.42
CA GLY D 494 -0.93 -19.11 15.98
C GLY D 494 -0.34 -17.91 15.24
N PHE D 495 -0.56 -17.89 13.93
CA PHE D 495 -0.07 -16.83 13.05
C PHE D 495 -0.95 -16.78 11.79
N GLY D 496 -0.91 -15.64 11.10
CA GLY D 496 -1.75 -15.43 9.94
C GLY D 496 -3.05 -14.79 10.38
N LYS D 497 -3.69 -14.08 9.46
CA LYS D 497 -4.93 -13.37 9.75
C LYS D 497 -6.06 -13.95 8.93
N ASP D 498 -7.23 -14.02 9.57
CA ASP D 498 -8.49 -14.05 8.85
C ASP D 498 -9.07 -12.67 8.90
N LEU D 499 -9.88 -12.37 7.88
CA LEU D 499 -10.53 -11.08 7.72
C LEU D 499 -9.54 -9.99 7.31
N GLY D 500 -10.07 -8.93 6.71
CA GLY D 500 -9.26 -7.79 6.27
C GLY D 500 -8.44 -8.10 5.03
N GLU D 501 -7.80 -7.05 4.51
CA GLU D 501 -6.83 -7.23 3.43
C GLU D 501 -5.77 -8.27 3.76
N ALA D 502 -5.28 -8.27 5.00
CA ALA D 502 -4.21 -9.17 5.44
C ALA D 502 -4.49 -10.66 5.21
N ALA D 503 -5.76 -11.05 5.31
CA ALA D 503 -6.14 -12.46 5.09
C ALA D 503 -5.76 -12.97 3.70
N LEU D 504 -5.83 -12.10 2.71
CA LEU D 504 -5.50 -12.47 1.33
C LEU D 504 -4.07 -12.98 1.17
N ASN D 505 -3.16 -12.43 1.99
CA ASN D 505 -1.76 -12.82 1.90
C ASN D 505 -1.49 -14.31 2.20
N GLU D 506 -2.37 -14.92 3.00
CA GLU D 506 -2.26 -16.37 3.25
C GLU D 506 -2.66 -17.20 2.04
N TYR D 507 -3.37 -16.59 1.10
CA TYR D 507 -3.96 -17.31 -0.03
C TYR D 507 -3.37 -16.88 -1.37
N LEU D 508 -2.32 -16.07 -1.30
CA LEU D 508 -1.61 -15.57 -2.46
C LEU D 508 -0.13 -15.90 -2.38
N ARG D 509 0.51 -15.98 -3.54
CA ARG D 509 1.96 -16.05 -3.63
C ARG D 509 2.43 -14.89 -4.49
N ILE D 510 3.67 -14.49 -4.31
CA ILE D 510 4.23 -13.38 -5.09
C ILE D 510 5.30 -13.93 -6.03
N LYS D 511 5.13 -13.67 -7.33
CA LYS D 511 6.13 -14.00 -8.33
C LYS D 511 6.85 -12.71 -8.73
N THR D 512 8.17 -12.72 -8.64
CA THR D 512 8.97 -11.58 -9.11
C THR D 512 9.39 -11.84 -10.55
N VAL D 513 9.15 -10.86 -11.43
CA VAL D 513 9.54 -10.97 -12.83
C VAL D 513 10.53 -9.85 -13.15
N THR D 514 11.75 -10.23 -13.51
CA THR D 514 12.80 -9.25 -13.78
C THR D 514 13.28 -9.35 -15.21
N PHE D 515 13.14 -8.26 -15.95
CA PHE D 515 13.54 -8.17 -17.36
C PHE D 515 14.86 -7.44 -17.43
N GLU D 516 15.71 -7.80 -18.40
CA GLU D 516 16.74 -6.88 -18.86
C GLU D 516 16.43 -6.51 -20.30
N TYR D 517 16.62 -5.24 -20.66
CA TYR D 517 16.35 -4.79 -22.03
C TYR D 517 17.25 -3.62 -22.43
PA NAP E . 3.56 35.23 1.19
O1A NAP E . 2.45 34.49 0.54
O2A NAP E . 3.44 36.70 1.07
O5B NAP E . 4.98 34.78 0.58
C5B NAP E . 5.31 33.41 0.37
C4B NAP E . 6.25 33.33 -0.82
O4B NAP E . 5.53 33.62 -2.01
C3B NAP E . 7.37 34.37 -0.74
O3B NAP E . 8.58 33.78 -1.18
C2B NAP E . 6.90 35.44 -1.72
O2B NAP E . 7.94 36.23 -2.22
C1B NAP E . 6.23 34.59 -2.77
N9A NAP E . 5.36 35.34 -3.72
C8A NAP E . 4.74 36.55 -3.55
N7A NAP E . 4.06 36.85 -4.69
C5A NAP E . 4.26 35.87 -5.60
C6A NAP E . 3.82 35.67 -6.93
N6A NAP E . 3.05 36.54 -7.56
N1A NAP E . 4.20 34.54 -7.59
C2A NAP E . 5.02 33.61 -6.98
N3A NAP E . 5.45 33.80 -5.68
C4A NAP E . 5.08 34.91 -5.00
O3 NAP E . 3.61 34.73 2.71
PN NAP E . 4.06 35.47 4.06
O1N NAP E . 2.90 36.26 4.55
O2N NAP E . 5.33 36.17 3.79
O5D NAP E . 4.30 34.20 5.02
C5D NAP E . 3.33 33.97 6.03
C4D NAP E . 2.14 33.16 5.51
O4D NAP E . 2.63 31.90 5.12
C3D NAP E . 1.16 32.92 6.66
O3D NAP E . -0.20 33.10 6.27
C2D NAP E . 1.47 31.47 7.05
O2D NAP E . 0.42 30.77 7.68
C1D NAP E . 1.93 30.84 5.74
N1N NAP E . 2.75 29.63 5.99
C2N NAP E . 2.15 28.41 5.83
C3N NAP E . 2.85 27.23 6.09
C7N NAP E . 2.23 25.91 5.76
O7N NAP E . 3.02 24.75 5.69
N7N NAP E . 0.92 25.86 5.52
C4N NAP E . 4.20 27.29 6.51
C5N NAP E . 4.80 28.55 6.67
C6N NAP E . 4.05 29.72 6.41
P2B NAP E . 8.53 37.48 -1.38
O1X NAP E . 7.53 37.94 -0.35
O2X NAP E . 9.83 37.05 -0.72
O3X NAP E . 8.79 38.57 -2.39
S SO4 F . -18.28 13.22 11.18
O1 SO4 F . -17.23 12.68 12.03
O2 SO4 F . -19.52 13.32 11.95
O3 SO4 F . -17.91 14.57 10.72
O4 SO4 F . -18.50 12.36 10.04
S SO4 G . -2.09 -19.07 -15.94
O1 SO4 G . -1.45 -17.83 -16.36
O2 SO4 G . -3.20 -18.79 -15.03
O3 SO4 G . -2.63 -19.75 -17.10
O4 SO4 G . -1.11 -19.93 -15.28
S SO4 H . 7.79 32.15 -22.58
O1 SO4 H . 9.07 31.52 -22.27
O2 SO4 H . 6.93 32.30 -21.42
O3 SO4 H . 8.06 33.47 -23.13
O4 SO4 H . 7.11 31.32 -23.57
S SO4 I . -10.53 44.41 7.41
O1 SO4 I . -9.09 44.55 7.26
O2 SO4 I . -11.15 44.32 6.09
O3 SO4 I . -10.84 43.20 8.16
O4 SO4 I . -11.08 45.56 8.12
S SO4 J . -0.68 11.68 -11.80
O1 SO4 J . -0.80 10.60 -10.82
O2 SO4 J . 0.09 11.22 -12.95
O3 SO4 J . -2.01 12.13 -12.22
O4 SO4 J . -0.04 12.81 -11.14
S SO4 K . -4.38 -18.97 -22.80
O1 SO4 K . -4.15 -17.54 -22.63
O2 SO4 K . -4.17 -19.67 -21.53
O3 SO4 K . -5.75 -19.18 -23.24
O4 SO4 K . -3.46 -19.49 -23.80
S SO4 L . -14.69 -6.05 -20.57
O1 SO4 L . -14.01 -4.92 -19.92
O2 SO4 L . -14.28 -7.31 -19.95
O3 SO4 L . -16.14 -5.92 -20.47
O4 SO4 L . -14.32 -6.10 -21.98
S SO4 M . 22.14 41.67 22.64
O1 SO4 M . 22.71 42.94 23.07
O2 SO4 M . 21.00 41.34 23.50
O3 SO4 M . 21.67 41.75 21.26
O4 SO4 M . 23.13 40.61 22.76
C1 GOL N . 7.22 22.40 12.94
O1 GOL N . 7.93 22.41 14.15
C2 GOL N . 6.44 23.70 12.85
O2 GOL N . 5.93 24.03 14.13
C3 GOL N . 5.30 23.46 11.87
O3 GOL N . 5.23 24.57 11.00
PA NAP O . -15.10 21.61 -23.64
O1A NAP O . -13.92 21.96 -22.83
O2A NAP O . -15.47 22.69 -24.59
O5B NAP O . -16.34 21.23 -22.70
C5B NAP O . -16.26 20.26 -21.67
C4B NAP O . -17.25 20.67 -20.59
O4B NAP O . -16.85 21.87 -19.96
C3B NAP O . -18.64 20.95 -21.18
O3B NAP O . -19.64 20.47 -20.31
C2B NAP O . -18.69 22.46 -21.23
O2B NAP O . -20.00 22.95 -21.19
C1B NAP O . -17.94 22.79 -19.95
N9A NAP O . -17.51 24.20 -19.86
C8A NAP O . -17.29 25.10 -20.89
N7A NAP O . -16.93 26.29 -20.34
C5A NAP O . -16.94 26.16 -18.98
C6A NAP O . -16.64 27.05 -17.94
N6A NAP O . -16.28 28.31 -18.18
N1A NAP O . -16.72 26.62 -16.64
C2A NAP O . -17.09 25.32 -16.35
N3A NAP O . -17.38 24.45 -17.38
C4A NAP O . -17.30 24.86 -18.68
O3 NAP O . -14.80 20.26 -24.40
PN NAP O . -15.23 19.77 -25.87
O1N NAP O . -14.24 20.31 -26.82
O2N NAP O . -16.66 20.06 -26.07
O5D NAP O . -14.94 18.19 -25.73
C5D NAP O . -13.85 17.65 -26.44
C4D NAP O . -12.55 17.76 -25.63
O4D NAP O . -12.70 16.99 -24.45
C3D NAP O . -11.38 17.18 -26.41
O3D NAP O . -10.24 18.00 -26.32
C2D NAP O . -11.13 15.86 -25.71
O2D NAP O . -9.81 15.38 -25.82
C1D NAP O . -11.58 16.13 -24.29
N1N NAP O . -11.90 14.88 -23.59
C2N NAP O . -10.97 14.38 -22.73
C3N NAP O . -11.20 13.18 -22.06
C7N NAP O . -10.24 12.79 -20.98
O7N NAP O . -10.66 11.83 -20.05
N7N NAP O . -9.05 13.37 -20.94
C4N NAP O . -12.39 12.48 -22.23
C5N NAP O . -13.34 13.02 -23.12
C6N NAP O . -13.09 14.22 -23.79
P2B NAP O . -20.88 23.10 -22.54
O1X NAP O . -19.99 23.10 -23.75
O2X NAP O . -21.85 21.96 -22.56
O3X NAP O . -21.57 24.46 -22.40
S SO4 P . 6.32 -1.54 24.18
O1 SO4 P . 6.79 -0.85 25.38
O2 SO4 P . 6.07 -2.94 24.50
O3 SO4 P . 5.10 -0.90 23.69
O4 SO4 P . 7.35 -1.45 23.14
S SO4 Q . 14.06 7.74 -19.38
O1 SO4 Q . 15.23 7.78 -20.27
O2 SO4 Q . 14.48 8.15 -18.05
O3 SO4 Q . 13.02 8.65 -19.85
O4 SO4 Q . 13.56 6.38 -19.34
S SO4 R . -21.26 33.83 -3.48
O1 SO4 R . -20.25 34.12 -2.45
O2 SO4 R . -22.11 32.72 -3.07
O3 SO4 R . -22.10 35.01 -3.66
O4 SO4 R . -20.54 33.53 -4.71
S SO4 S . -4.46 28.48 -36.27
O1 SO4 S . -3.52 27.55 -35.66
O2 SO4 S . -5.82 27.94 -36.20
O3 SO4 S . -4.41 29.75 -35.53
O4 SO4 S . -4.11 28.73 -37.66
S SO4 T . -4.90 15.89 0.90
O1 SO4 T . -5.63 15.95 2.18
O2 SO4 T . -4.26 14.58 0.74
O3 SO4 T . -5.81 16.09 -0.21
O4 SO4 T . -3.88 16.94 0.85
S SO4 U . 7.48 3.79 28.73
O1 SO4 U . 6.68 3.64 29.95
O2 SO4 U . 7.72 2.47 28.13
O3 SO4 U . 6.75 4.66 27.82
O4 SO4 U . 8.77 4.38 29.06
S SO4 V . 12.91 14.39 17.31
O1 SO4 V . 11.99 15.36 17.90
O2 SO4 V . 13.02 13.23 18.20
O3 SO4 V . 12.39 13.99 16.01
O4 SO4 V . 14.22 14.99 17.15
S SO4 W . -31.72 5.49 -41.22
O1 SO4 W . -30.80 6.48 -40.69
O2 SO4 W . -32.60 5.02 -40.16
O3 SO4 W . -32.55 6.07 -42.27
O4 SO4 W . -30.98 4.36 -41.77
C1 GOL X . -12.58 3.90 -22.92
O1 GOL X . -13.41 2.88 -23.45
C2 GOL X . -12.37 4.98 -23.97
O2 GOL X . -11.93 4.43 -25.20
C3 GOL X . -11.37 5.98 -23.41
O3 GOL X . -11.70 7.28 -23.83
PA NAP Y . 21.43 -27.70 4.85
O1A NAP Y . 19.96 -27.80 4.87
O2A NAP Y . 22.11 -29.02 5.01
O5B NAP Y . 21.94 -26.68 5.96
C5B NAP Y . 21.51 -25.34 6.03
C4B NAP Y . 21.64 -24.94 7.50
O4B NAP Y . 20.72 -25.71 8.26
C3B NAP Y . 23.03 -25.25 8.06
O3B NAP Y . 23.46 -24.17 8.87
C2B NAP Y . 22.79 -26.52 8.86
O2B NAP Y . 23.74 -26.77 9.88
C1B NAP Y . 21.38 -26.28 9.39
N9A NAP Y . 20.75 -27.49 9.97
C8A NAP Y . 21.01 -28.83 9.71
N7A NAP Y . 20.21 -29.59 10.50
C5A NAP Y . 19.46 -28.77 11.28
C6A NAP Y . 18.49 -29.00 12.26
N6A NAP Y . 18.12 -30.23 12.63
N1A NAP Y . 17.90 -27.92 12.87
C2A NAP Y . 18.25 -26.64 12.54
N3A NAP Y . 19.21 -26.41 11.57
C4A NAP Y . 19.80 -27.46 10.95
O3 NAP Y . 21.86 -27.02 3.48
PN NAP Y . 23.10 -27.34 2.52
O1N NAP Y . 22.72 -28.51 1.68
O2N NAP Y . 24.31 -27.42 3.35
O5D NAP Y . 23.07 -26.02 1.59
C5D NAP Y . 22.64 -26.23 0.24
C4D NAP Y . 21.11 -26.17 0.11
O4D NAP Y . 20.73 -24.86 0.51
C3D NAP Y . 20.69 -26.32 -1.35
O3D NAP Y . 19.56 -27.14 -1.50
C2D NAP Y . 20.35 -24.90 -1.76
O2D NAP Y . 19.41 -24.83 -2.81
C1D NAP Y . 19.86 -24.28 -0.44
N1N NAP Y . 19.93 -22.80 -0.47
C2N NAP Y . 18.78 -22.11 -0.66
C3N NAP Y . 18.81 -20.70 -0.73
C7N NAP Y . 17.52 -19.99 -0.95
O7N NAP Y . 17.47 -18.59 -0.83
N7N NAP Y . 16.45 -20.70 -1.26
C4N NAP Y . 20.01 -19.99 -0.61
C5N NAP Y . 21.18 -20.73 -0.42
C6N NAP Y . 21.13 -22.13 -0.34
P2B NAP Y . 25.19 -27.41 9.54
O1X NAP Y . 25.17 -28.11 8.21
O2X NAP Y . 26.18 -26.26 9.48
O3X NAP Y . 25.55 -28.40 10.62
S SO4 Z . 13.02 -26.04 27.49
O1 SO4 Z . 13.70 -27.10 28.24
O2 SO4 Z . 11.67 -25.85 27.98
O3 SO4 Z . 13.80 -24.82 27.66
O4 SO4 Z . 12.92 -26.44 26.08
S SO4 AA . 18.18 -41.89 -5.46
O1 SO4 AA . 17.56 -42.49 -4.28
O2 SO4 AA . 19.63 -41.84 -5.26
O3 SO4 AA . 17.87 -42.70 -6.63
O4 SO4 AA . 17.66 -40.53 -5.66
S SO4 BA . 0.50 -11.70 11.65
O1 SO4 BA . 0.39 -10.99 12.93
O2 SO4 BA . 1.83 -12.31 11.52
O3 SO4 BA . -0.45 -12.81 11.56
O4 SO4 BA . 0.32 -10.77 10.54
S SO4 CA . -22.75 11.05 16.52
O1 SO4 CA . -21.76 10.07 16.94
O2 SO4 CA . -23.06 11.92 17.65
O3 SO4 CA . -22.24 11.88 15.43
O4 SO4 CA . -23.96 10.36 16.10
S SO4 DA . -23.16 -4.80 11.51
O1 SO4 DA . -23.47 -3.43 11.11
O2 SO4 DA . -23.29 -4.92 12.96
O3 SO4 DA . -24.11 -5.71 10.88
O4 SO4 DA . -21.80 -5.14 11.11
S SO4 EA . 47.88 -20.91 -5.87
O1 SO4 EA . 48.83 -20.28 -4.95
O2 SO4 EA . 46.70 -21.38 -5.13
O3 SO4 EA . 47.52 -19.94 -6.90
O4 SO4 EA . 48.50 -22.08 -6.48
S SO4 FA . 44.13 -4.96 -6.68
O1 SO4 FA . 45.54 -5.32 -6.49
O2 SO4 FA . 43.33 -5.07 -5.46
O3 SO4 FA . 44.06 -3.58 -7.13
O4 SO4 FA . 43.52 -5.83 -7.68
C1 GOL GA . 22.31 -13.13 -5.69
O1 GOL GA . 23.50 -12.44 -6.01
C2 GOL GA . 22.50 -14.63 -5.82
O2 GOL GA . 23.01 -14.98 -7.11
C3 GOL GA . 21.18 -15.33 -5.53
O3 GOL GA . 21.43 -16.53 -4.83
PA NAP HA . -9.86 -29.03 17.48
O1A NAP HA . -8.44 -28.61 17.33
O2A NAP HA . -10.00 -30.24 18.31
O5B NAP HA . -10.55 -29.27 16.06
C5B NAP HA . -10.59 -28.30 15.03
C4B NAP HA . -10.63 -29.05 13.70
O4B NAP HA . -9.43 -29.77 13.53
C3B NAP HA . -11.77 -30.06 13.66
O3B NAP HA . -12.44 -30.02 12.42
C2B NAP HA . -11.02 -31.38 13.89
O2B NAP HA . -11.70 -32.50 13.39
C1B NAP HA . -9.73 -31.11 13.15
N9A NAP HA . -8.66 -32.09 13.42
C8A NAP HA . -8.47 -32.89 14.54
N7A NAP HA . -7.37 -33.65 14.34
C5A NAP HA . -6.84 -33.36 13.13
C6A NAP HA . -5.73 -33.83 12.41
N6A NAP HA . -4.89 -34.76 12.87
N1A NAP HA . -5.47 -33.31 11.16
C2A NAP HA . -6.29 -32.34 10.62
N3A NAP HA . -7.38 -31.89 11.32
C4A NAP HA . -7.65 -32.39 12.55
O3 NAP HA . -10.70 -27.81 18.08
PN NAP HA . -11.87 -27.82 19.18
O1N NAP HA . -11.22 -28.04 20.51
O2N NAP HA . -12.91 -28.78 18.75
O5D NAP HA . -12.40 -26.30 19.12
C5D NAP HA . -12.08 -25.45 20.20
C4D NAP HA . -10.73 -24.76 19.96
O4D NAP HA . -10.81 -24.03 18.73
C3D NAP HA . -10.45 -23.74 21.05
O3D NAP HA . -9.13 -23.86 21.51
C2D NAP HA . -10.71 -22.41 20.36
O2D NAP HA . -10.02 -21.31 20.90
C1D NAP HA . -10.32 -22.72 18.91
N1N NAP HA . -10.91 -21.72 18.00
C2N NAP HA . -10.09 -20.73 17.54
C3N NAP HA . -10.59 -19.73 16.68
C7N NAP HA . -9.65 -18.71 16.16
O7N NAP HA . -10.04 -17.89 15.10
N7N NAP HA . -8.45 -18.60 16.72
C4N NAP HA . -11.94 -19.75 16.28
C5N NAP HA . -12.76 -20.78 16.77
C6N NAP HA . -12.23 -21.75 17.62
P2B NAP HA . -12.87 -33.21 14.25
O1X NAP HA . -12.74 -32.83 15.70
O2X NAP HA . -14.20 -32.74 13.72
O3X NAP HA . -12.69 -34.70 14.12
S SO4 IA . 0.39 -39.93 -1.68
O1 SO4 IA . -0.76 -39.39 -2.41
O2 SO4 IA . 0.46 -39.41 -0.33
O3 SO4 IA . 0.24 -41.39 -1.65
O4 SO4 IA . 1.61 -39.59 -2.38
S SO4 JA . -3.04 -31.12 34.19
O1 SO4 JA . -2.59 -29.77 34.47
O2 SO4 JA . -2.11 -31.78 33.28
O3 SO4 JA . -3.09 -31.89 35.44
O4 SO4 JA . -4.36 -31.09 33.57
S SO4 KA . 4.97 -15.73 -0.78
O1 SO4 KA . 6.23 -16.21 -0.19
O2 SO4 KA . 4.99 -15.99 -2.23
O3 SO4 KA . 3.89 -16.44 -0.11
O4 SO4 KA . 4.76 -14.31 -0.52
S SO4 LA . 19.65 4.55 -22.30
O1 SO4 LA . 21.09 4.49 -22.15
O2 SO4 LA . 19.14 5.73 -21.59
O3 SO4 LA . 19.31 4.64 -23.72
O4 SO4 LA . 19.05 3.33 -21.76
S SO4 MA . -37.93 -26.93 24.45
O1 SO4 MA . -38.10 -25.83 25.40
O2 SO4 MA . -38.76 -28.07 24.84
O3 SO4 MA . -38.37 -26.47 23.15
O4 SO4 MA . -36.53 -27.34 24.39
C1 GOL NA . -15.63 -14.29 16.45
O1 GOL NA . -14.96 -14.92 17.51
C2 GOL NA . -16.43 -13.06 16.89
O2 GOL NA . -17.11 -13.29 18.11
C3 GOL NA . -17.41 -12.75 15.76
O3 GOL NA . -18.53 -12.02 16.24
#